data_1X4I
#
_entry.id   1X4I
#
loop_
_entity.id
_entity.type
_entity.pdbx_description
1 polymer 'Inhibitor of growth protein 3'
2 non-polymer 'ZINC ION'
#
_entity_poly.entity_id   1
_entity_poly.type   'polypeptide(L)'
_entity_poly.pdbx_seq_one_letter_code
;GSSGSSGYCICNQVSYGEMVGCDNQDCPIEWFHYGCVGLTEAPKGKWYCPQCTAAMKRRGSRHKSGPSSG
;
_entity_poly.pdbx_strand_id   A
#
# COMPACT_ATOMS: atom_id res chain seq x y z
N GLY A 1 -4.99 8.59 25.65
CA GLY A 1 -4.45 7.46 24.92
C GLY A 1 -5.54 6.60 24.29
N SER A 2 -5.42 6.36 22.99
CA SER A 2 -6.39 5.56 22.27
C SER A 2 -5.83 4.17 21.95
N SER A 3 -6.40 3.15 22.57
CA SER A 3 -5.95 1.78 22.36
C SER A 3 -7.13 0.88 21.97
N GLY A 4 -6.82 -0.29 21.43
CA GLY A 4 -7.86 -1.22 21.02
C GLY A 4 -7.62 -1.79 19.64
N SER A 5 -7.49 -0.91 18.66
CA SER A 5 -7.26 -1.33 17.28
C SER A 5 -5.78 -1.42 16.97
N SER A 6 -5.40 -2.38 16.14
CA SER A 6 -4.01 -2.58 15.77
C SER A 6 -3.59 -1.60 14.67
N GLY A 7 -4.57 -0.90 14.11
CA GLY A 7 -4.29 0.06 13.06
C GLY A 7 -3.34 -0.49 12.01
N TYR A 8 -3.91 -0.97 10.91
CA TYR A 8 -3.12 -1.53 9.82
C TYR A 8 -3.35 -0.77 8.52
N CYS A 9 -4.55 -0.92 7.95
CA CYS A 9 -4.89 -0.24 6.70
C CYS A 9 -4.61 1.25 6.81
N ILE A 10 -4.55 1.91 5.66
CA ILE A 10 -4.29 3.35 5.61
C ILE A 10 -5.27 4.11 6.49
N CYS A 11 -6.48 3.56 6.64
CA CYS A 11 -7.51 4.18 7.45
C CYS A 11 -7.23 3.99 8.94
N ASN A 12 -6.07 3.43 9.24
CA ASN A 12 -5.69 3.18 10.63
C ASN A 12 -6.72 2.32 11.34
N GLN A 13 -7.18 1.27 10.66
CA GLN A 13 -8.18 0.37 11.22
C GLN A 13 -7.67 -1.06 11.24
N VAL A 14 -8.30 -1.90 12.06
CA VAL A 14 -7.91 -3.30 12.17
C VAL A 14 -7.96 -3.98 10.81
N SER A 15 -7.31 -5.13 10.71
CA SER A 15 -7.28 -5.89 9.45
C SER A 15 -8.46 -6.86 9.37
N TYR A 16 -9.57 -6.38 8.83
CA TYR A 16 -10.77 -7.19 8.70
C TYR A 16 -11.21 -7.28 7.24
N GLY A 17 -12.26 -8.05 6.99
CA GLY A 17 -12.77 -8.20 5.65
C GLY A 17 -11.69 -8.57 4.66
N GLU A 18 -12.07 -8.75 3.39
CA GLU A 18 -11.11 -9.11 2.35
C GLU A 18 -10.01 -8.06 2.25
N MET A 19 -8.79 -8.46 2.58
CA MET A 19 -7.64 -7.56 2.51
C MET A 19 -6.62 -8.05 1.51
N VAL A 20 -5.90 -7.12 0.89
CA VAL A 20 -4.89 -7.46 -0.10
C VAL A 20 -3.49 -7.11 0.41
N GLY A 21 -2.69 -8.14 0.68
CA GLY A 21 -1.35 -7.92 1.16
C GLY A 21 -0.43 -7.35 0.10
N CYS A 22 0.14 -6.19 0.36
CA CYS A 22 1.05 -5.54 -0.58
C CYS A 22 2.16 -6.50 -1.01
N ASP A 23 2.40 -6.57 -2.32
CA ASP A 23 3.43 -7.45 -2.86
C ASP A 23 4.77 -7.17 -2.18
N ASN A 24 5.01 -5.91 -1.83
CA ASN A 24 6.27 -5.53 -1.17
C ASN A 24 6.23 -5.87 0.31
N GLN A 25 6.89 -6.96 0.68
CA GLN A 25 6.93 -7.39 2.07
C GLN A 25 7.48 -6.28 2.97
N ASP A 26 8.34 -5.44 2.41
CA ASP A 26 8.93 -4.34 3.15
C ASP A 26 7.87 -3.35 3.60
N CYS A 27 6.73 -3.36 2.91
CA CYS A 27 5.63 -2.45 3.24
C CYS A 27 5.33 -2.49 4.74
N PRO A 28 5.16 -1.30 5.33
CA PRO A 28 4.87 -1.16 6.76
C PRO A 28 3.46 -1.65 7.12
N ILE A 29 2.61 -1.73 6.11
CA ILE A 29 1.23 -2.18 6.31
C ILE A 29 1.02 -3.57 5.73
N GLU A 30 1.36 -3.74 4.47
CA GLU A 30 1.21 -5.03 3.79
C GLU A 30 -0.20 -5.57 3.97
N TRP A 31 -1.16 -4.67 4.18
CA TRP A 31 -2.54 -5.05 4.37
C TRP A 31 -3.47 -3.85 4.20
N PHE A 32 -4.20 -3.82 3.08
CA PHE A 32 -5.12 -2.72 2.80
C PHE A 32 -6.50 -3.25 2.43
N HIS A 33 -7.54 -2.54 2.86
CA HIS A 33 -8.91 -2.94 2.56
C HIS A 33 -9.22 -2.78 1.08
N TYR A 34 -10.18 -3.56 0.60
CA TYR A 34 -10.58 -3.52 -0.80
C TYR A 34 -11.35 -2.23 -1.11
N GLY A 35 -12.16 -1.80 -0.16
CA GLY A 35 -12.95 -0.59 -0.33
C GLY A 35 -12.11 0.67 -0.18
N CYS A 36 -11.03 0.57 0.58
CA CYS A 36 -10.15 1.71 0.82
C CYS A 36 -9.26 1.96 -0.40
N VAL A 37 -8.78 0.88 -1.00
CA VAL A 37 -7.92 0.98 -2.19
C VAL A 37 -8.74 0.94 -3.47
N GLY A 38 -9.92 0.35 -3.40
CA GLY A 38 -10.78 0.25 -4.56
C GLY A 38 -10.51 -1.00 -5.38
N LEU A 39 -10.87 -2.15 -4.81
CA LEU A 39 -10.67 -3.43 -5.49
C LEU A 39 -11.93 -4.27 -5.45
N THR A 40 -12.88 -3.96 -6.33
CA THR A 40 -14.14 -4.69 -6.39
C THR A 40 -13.91 -6.19 -6.26
N GLU A 41 -12.74 -6.64 -6.69
CA GLU A 41 -12.40 -8.06 -6.63
C GLU A 41 -10.88 -8.26 -6.68
N ALA A 42 -10.42 -9.39 -6.16
CA ALA A 42 -9.00 -9.70 -6.14
C ALA A 42 -8.35 -9.36 -7.49
N PRO A 43 -7.18 -8.70 -7.44
CA PRO A 43 -6.43 -8.31 -8.63
C PRO A 43 -5.84 -9.51 -9.36
N LYS A 44 -6.20 -9.66 -10.63
CA LYS A 44 -5.70 -10.76 -11.44
C LYS A 44 -4.18 -10.81 -11.42
N GLY A 45 -3.55 -9.67 -11.72
CA GLY A 45 -2.10 -9.60 -11.72
C GLY A 45 -1.54 -9.15 -10.39
N LYS A 46 -0.41 -8.46 -10.42
CA LYS A 46 0.24 -7.98 -9.21
C LYS A 46 -0.35 -6.63 -8.77
N TRP A 47 -0.67 -6.53 -7.48
CA TRP A 47 -1.24 -5.30 -6.94
C TRP A 47 -0.32 -4.69 -5.89
N TYR A 48 -0.04 -3.40 -6.03
CA TYR A 48 0.84 -2.70 -5.09
C TYR A 48 0.10 -1.52 -4.45
N CYS A 49 0.06 -1.52 -3.12
CA CYS A 49 -0.60 -0.45 -2.38
C CYS A 49 -0.21 0.92 -2.94
N PRO A 50 -1.09 1.91 -2.73
CA PRO A 50 -0.87 3.28 -3.21
C PRO A 50 0.25 3.97 -2.45
N GLN A 51 0.70 3.37 -1.35
CA GLN A 51 1.78 3.93 -0.54
C GLN A 51 3.14 3.61 -1.15
N CYS A 52 3.22 2.48 -1.84
CA CYS A 52 4.47 2.06 -2.48
C CYS A 52 4.60 2.63 -3.88
N THR A 53 3.61 2.32 -4.72
CA THR A 53 3.61 2.82 -6.10
C THR A 53 3.99 4.29 -6.16
N ALA A 54 3.62 5.04 -5.12
CA ALA A 54 3.92 6.46 -5.05
C ALA A 54 5.40 6.70 -4.80
N ALA A 55 5.99 5.86 -3.96
CA ALA A 55 7.41 5.98 -3.63
C ALA A 55 8.28 5.44 -4.75
N MET A 56 7.90 4.29 -5.30
CA MET A 56 8.65 3.67 -6.39
C MET A 56 8.65 4.57 -7.61
N LYS A 57 7.55 5.25 -7.85
CA LYS A 57 7.42 6.15 -9.00
C LYS A 57 8.46 7.26 -8.93
N ARG A 58 8.63 7.83 -7.74
CA ARG A 58 9.60 8.91 -7.54
C ARG A 58 11.02 8.40 -7.73
N ARG A 59 11.30 7.22 -7.19
CA ARG A 59 12.62 6.62 -7.30
C ARG A 59 12.98 6.33 -8.76
N GLY A 60 11.96 6.01 -9.56
CA GLY A 60 12.18 5.72 -10.95
C GLY A 60 12.62 6.94 -11.74
N SER A 61 11.70 7.51 -12.51
CA SER A 61 12.00 8.68 -13.32
C SER A 61 12.31 9.88 -12.43
N ARG A 62 13.27 10.71 -12.87
CA ARG A 62 13.65 11.89 -12.12
C ARG A 62 14.29 11.51 -10.78
N HIS A 63 15.13 10.47 -10.82
CA HIS A 63 15.81 10.00 -9.61
C HIS A 63 16.91 10.97 -9.19
N LYS A 64 16.53 12.04 -8.52
CA LYS A 64 17.48 13.04 -8.06
C LYS A 64 17.25 13.39 -6.59
N SER A 65 17.99 12.72 -5.71
CA SER A 65 17.86 12.96 -4.27
C SER A 65 19.19 13.38 -3.67
N GLY A 66 19.49 14.67 -3.76
CA GLY A 66 20.74 15.18 -3.22
C GLY A 66 20.56 15.86 -1.88
N PRO A 67 21.58 16.63 -1.46
CA PRO A 67 21.54 17.35 -0.18
C PRO A 67 20.55 18.51 -0.19
N SER A 68 19.83 18.67 0.91
CA SER A 68 18.84 19.73 1.03
C SER A 68 19.46 20.99 1.66
N SER A 69 19.75 21.98 0.82
CA SER A 69 20.34 23.22 1.30
C SER A 69 19.88 24.40 0.45
N GLY A 70 19.55 25.51 1.10
CA GLY A 70 19.10 26.69 0.39
C GLY A 70 17.76 27.18 0.88
N GLY A 1 -7.58 7.90 32.01
CA GLY A 1 -7.30 8.09 30.60
C GLY A 1 -7.91 7.01 29.73
N SER A 2 -7.64 7.07 28.43
CA SER A 2 -8.16 6.09 27.50
C SER A 2 -7.03 5.44 26.70
N SER A 3 -7.09 4.11 26.58
CA SER A 3 -6.08 3.36 25.84
C SER A 3 -6.15 3.68 24.35
N GLY A 4 -5.20 3.13 23.60
CA GLY A 4 -5.17 3.37 22.16
C GLY A 4 -5.89 2.27 21.38
N SER A 5 -5.49 2.09 20.13
CA SER A 5 -6.09 1.09 19.28
C SER A 5 -5.16 0.70 18.12
N SER A 6 -5.48 -0.41 17.46
CA SER A 6 -4.66 -0.87 16.35
C SER A 6 -5.11 -0.24 15.04
N GLY A 7 -4.30 -0.39 14.00
CA GLY A 7 -4.63 0.18 12.70
C GLY A 7 -3.59 -0.14 11.65
N TYR A 8 -3.95 -1.00 10.70
CA TYR A 8 -3.04 -1.40 9.63
C TYR A 8 -3.32 -0.61 8.36
N CYS A 9 -4.46 -0.86 7.75
CA CYS A 9 -4.85 -0.17 6.53
C CYS A 9 -4.60 1.33 6.65
N ILE A 10 -4.57 2.01 5.50
CA ILE A 10 -4.33 3.45 5.48
C ILE A 10 -5.29 4.18 6.39
N CYS A 11 -6.48 3.60 6.58
CA CYS A 11 -7.50 4.19 7.44
C CYS A 11 -7.22 3.88 8.91
N ASN A 12 -6.03 3.35 9.18
CA ASN A 12 -5.65 3.01 10.55
C ASN A 12 -6.74 2.21 11.23
N GLN A 13 -7.20 1.14 10.58
CA GLN A 13 -8.25 0.30 11.14
C GLN A 13 -7.81 -1.17 11.16
N VAL A 14 -8.38 -1.93 12.08
CA VAL A 14 -8.05 -3.35 12.20
C VAL A 14 -8.29 -4.09 10.88
N SER A 15 -7.48 -5.11 10.64
CA SER A 15 -7.60 -5.89 9.41
C SER A 15 -8.82 -6.80 9.46
N TYR A 16 -9.79 -6.53 8.61
CA TYR A 16 -11.00 -7.33 8.56
C TYR A 16 -11.44 -7.56 7.11
N GLY A 17 -12.52 -8.34 6.94
CA GLY A 17 -13.02 -8.63 5.61
C GLY A 17 -11.91 -9.01 4.64
N GLU A 18 -12.21 -8.94 3.35
CA GLU A 18 -11.23 -9.26 2.33
C GLU A 18 -10.14 -8.19 2.24
N MET A 19 -8.92 -8.56 2.61
CA MET A 19 -7.80 -7.62 2.57
C MET A 19 -6.75 -8.07 1.56
N VAL A 20 -6.07 -7.10 0.96
CA VAL A 20 -5.03 -7.40 -0.02
C VAL A 20 -3.65 -7.02 0.49
N GLY A 21 -2.87 -8.04 0.86
CA GLY A 21 -1.53 -7.80 1.37
C GLY A 21 -0.59 -7.29 0.30
N CYS A 22 0.13 -6.22 0.61
CA CYS A 22 1.08 -5.64 -0.34
C CYS A 22 2.16 -6.64 -0.72
N ASP A 23 2.34 -6.86 -2.02
CA ASP A 23 3.34 -7.79 -2.52
C ASP A 23 4.69 -7.54 -1.86
N ASN A 24 4.99 -6.26 -1.63
CA ASN A 24 6.26 -5.87 -1.01
C ASN A 24 6.22 -6.09 0.50
N GLN A 25 6.81 -7.20 0.95
CA GLN A 25 6.84 -7.53 2.36
C GLN A 25 7.41 -6.36 3.18
N ASP A 26 8.31 -5.61 2.58
CA ASP A 26 8.92 -4.47 3.23
C ASP A 26 7.87 -3.46 3.68
N CYS A 27 6.72 -3.48 3.01
CA CYS A 27 5.63 -2.58 3.33
C CYS A 27 5.34 -2.58 4.83
N PRO A 28 5.19 -1.38 5.41
CA PRO A 28 4.90 -1.22 6.84
C PRO A 28 3.50 -1.68 7.20
N ILE A 29 2.62 -1.74 6.21
CA ILE A 29 1.25 -2.17 6.44
C ILE A 29 1.00 -3.55 5.83
N GLU A 30 1.35 -3.70 4.56
CA GLU A 30 1.17 -4.97 3.87
C GLU A 30 -0.25 -5.50 4.06
N TRP A 31 -1.20 -4.58 4.26
CA TRP A 31 -2.59 -4.95 4.46
C TRP A 31 -3.51 -3.75 4.27
N PHE A 32 -4.31 -3.77 3.22
CA PHE A 32 -5.24 -2.68 2.94
C PHE A 32 -6.61 -3.21 2.56
N HIS A 33 -7.65 -2.48 2.94
CA HIS A 33 -9.02 -2.88 2.64
C HIS A 33 -9.29 -2.82 1.14
N TYR A 34 -10.30 -3.56 0.69
CA TYR A 34 -10.65 -3.59 -0.72
C TYR A 34 -11.38 -2.31 -1.13
N GLY A 35 -12.14 -1.74 -0.20
CA GLY A 35 -12.87 -0.52 -0.47
C GLY A 35 -12.01 0.72 -0.31
N CYS A 36 -10.98 0.62 0.52
CA CYS A 36 -10.08 1.74 0.77
C CYS A 36 -9.14 1.95 -0.41
N VAL A 37 -8.75 0.86 -1.06
CA VAL A 37 -7.86 0.92 -2.21
C VAL A 37 -8.63 0.81 -3.52
N GLY A 38 -9.83 0.24 -3.45
CA GLY A 38 -10.65 0.09 -4.63
C GLY A 38 -10.34 -1.19 -5.39
N LEU A 39 -10.80 -2.31 -4.85
CA LEU A 39 -10.57 -3.61 -5.47
C LEU A 39 -11.85 -4.45 -5.48
N THR A 40 -12.73 -4.17 -6.44
CA THR A 40 -14.00 -4.89 -6.56
C THR A 40 -13.79 -6.38 -6.30
N GLU A 41 -12.67 -6.91 -6.78
CA GLU A 41 -12.37 -8.33 -6.61
C GLU A 41 -10.87 -8.53 -6.38
N ALA A 42 -10.47 -9.80 -6.22
CA ALA A 42 -9.07 -10.13 -5.99
C ALA A 42 -8.24 -9.88 -7.26
N PRO A 43 -7.06 -9.27 -7.07
CA PRO A 43 -6.15 -8.96 -8.18
C PRO A 43 -5.53 -10.21 -8.78
N LYS A 44 -5.83 -10.44 -10.06
CA LYS A 44 -5.30 -11.61 -10.77
C LYS A 44 -3.78 -11.55 -10.86
N GLY A 45 -3.27 -10.42 -11.34
CA GLY A 45 -1.83 -10.26 -11.46
C GLY A 45 -1.18 -9.84 -10.16
N LYS A 46 -0.33 -8.82 -10.24
CA LYS A 46 0.36 -8.32 -9.06
C LYS A 46 -0.22 -6.97 -8.61
N TRP A 47 -0.50 -6.86 -7.33
CA TRP A 47 -1.06 -5.63 -6.77
C TRP A 47 -0.10 -4.98 -5.79
N TYR A 48 -0.07 -3.65 -5.77
CA TYR A 48 0.80 -2.91 -4.88
C TYR A 48 0.08 -1.72 -4.27
N CYS A 49 0.07 -1.66 -2.94
CA CYS A 49 -0.59 -0.56 -2.23
C CYS A 49 -0.20 0.79 -2.84
N PRO A 50 -1.06 1.79 -2.64
CA PRO A 50 -0.84 3.15 -3.15
C PRO A 50 0.29 3.85 -2.42
N GLN A 51 0.74 3.27 -1.32
CA GLN A 51 1.82 3.84 -0.53
C GLN A 51 3.18 3.51 -1.14
N CYS A 52 3.26 2.35 -1.78
CA CYS A 52 4.51 1.91 -2.41
C CYS A 52 4.62 2.44 -3.82
N THR A 53 3.65 2.09 -4.66
CA THR A 53 3.64 2.52 -6.05
C THR A 53 3.99 4.01 -6.17
N ALA A 54 3.61 4.78 -5.15
CA ALA A 54 3.90 6.21 -5.14
C ALA A 54 5.36 6.47 -4.83
N ALA A 55 5.94 5.68 -3.92
CA ALA A 55 7.34 5.83 -3.55
C ALA A 55 8.25 5.32 -4.65
N MET A 56 7.94 4.14 -5.16
CA MET A 56 8.74 3.52 -6.22
C MET A 56 8.82 4.44 -7.44
N LYS A 57 7.72 5.12 -7.73
CA LYS A 57 7.67 6.04 -8.87
C LYS A 57 8.64 7.20 -8.68
N ARG A 58 8.61 7.79 -7.49
CA ARG A 58 9.49 8.92 -7.18
C ARG A 58 10.95 8.56 -7.45
N ARG A 59 11.23 7.26 -7.52
CA ARG A 59 12.59 6.78 -7.76
C ARG A 59 12.79 6.46 -9.24
N GLY A 60 12.00 7.10 -10.09
CA GLY A 60 12.11 6.86 -11.52
C GLY A 60 13.55 6.89 -12.01
N SER A 61 13.85 6.04 -12.98
CA SER A 61 15.21 5.96 -13.53
C SER A 61 15.42 7.05 -14.58
N ARG A 62 14.98 8.26 -14.27
CA ARG A 62 15.12 9.39 -15.18
C ARG A 62 16.37 10.20 -14.83
N HIS A 63 16.49 10.59 -13.58
CA HIS A 63 17.63 11.37 -13.12
C HIS A 63 18.87 10.50 -12.98
N LYS A 64 19.97 10.94 -13.59
CA LYS A 64 21.23 10.20 -13.54
C LYS A 64 21.70 10.03 -12.10
N SER A 65 21.75 8.77 -11.64
CA SER A 65 22.18 8.47 -10.28
C SER A 65 23.52 7.75 -10.29
N GLY A 66 23.58 6.64 -11.00
CA GLY A 66 24.81 5.88 -11.08
C GLY A 66 24.75 4.77 -12.12
N PRO A 67 25.39 3.63 -11.82
CA PRO A 67 25.41 2.47 -12.73
C PRO A 67 24.06 1.80 -12.83
N SER A 68 23.07 2.32 -12.10
CA SER A 68 21.72 1.76 -12.12
C SER A 68 21.19 1.68 -13.54
N SER A 69 20.70 0.51 -13.92
CA SER A 69 20.15 0.31 -15.27
C SER A 69 18.63 0.23 -15.23
N GLY A 70 18.01 0.20 -16.41
CA GLY A 70 16.57 0.13 -16.49
C GLY A 70 15.93 1.50 -16.62
N GLY A 1 3.79 11.80 18.41
CA GLY A 1 3.11 10.72 19.09
C GLY A 1 2.04 10.07 18.24
N SER A 2 1.17 9.28 18.87
CA SER A 2 0.10 8.60 18.15
C SER A 2 -1.09 8.35 19.08
N SER A 3 -2.26 8.13 18.48
CA SER A 3 -3.47 7.88 19.25
C SER A 3 -3.33 6.63 20.10
N GLY A 4 -2.78 5.58 19.52
CA GLY A 4 -2.61 4.33 20.24
C GLY A 4 -3.80 3.42 20.14
N SER A 5 -4.05 2.88 18.94
CA SER A 5 -5.18 1.99 18.71
C SER A 5 -4.96 1.16 17.45
N SER A 6 -5.41 -0.10 17.50
CA SER A 6 -5.27 -0.99 16.36
C SER A 6 -5.60 -0.28 15.05
N GLY A 7 -4.70 -0.38 14.08
CA GLY A 7 -4.91 0.26 12.80
C GLY A 7 -3.87 -0.13 11.76
N TYR A 8 -4.28 -0.92 10.78
CA TYR A 8 -3.38 -1.37 9.73
C TYR A 8 -3.61 -0.59 8.44
N CYS A 9 -4.77 -0.81 7.83
CA CYS A 9 -5.13 -0.13 6.59
C CYS A 9 -4.87 1.37 6.69
N ILE A 10 -4.80 2.04 5.55
CA ILE A 10 -4.57 3.48 5.52
C ILE A 10 -5.56 4.22 6.40
N CYS A 11 -6.75 3.63 6.56
CA CYS A 11 -7.79 4.23 7.38
C CYS A 11 -7.54 3.98 8.85
N ASN A 12 -6.36 3.45 9.16
CA ASN A 12 -6.00 3.17 10.55
C ASN A 12 -7.09 2.36 11.25
N GLN A 13 -7.52 1.28 10.60
CA GLN A 13 -8.56 0.42 11.16
C GLN A 13 -8.09 -1.02 11.25
N VAL A 14 -8.76 -1.81 12.09
CA VAL A 14 -8.41 -3.21 12.25
C VAL A 14 -8.44 -3.96 10.93
N SER A 15 -7.74 -5.08 10.85
CA SER A 15 -7.68 -5.87 9.64
C SER A 15 -8.87 -6.83 9.57
N TYR A 16 -9.92 -6.41 8.85
CA TYR A 16 -11.12 -7.22 8.71
C TYR A 16 -11.51 -7.34 7.23
N GLY A 17 -12.56 -8.12 6.97
CA GLY A 17 -13.01 -8.31 5.61
C GLY A 17 -11.89 -8.67 4.66
N GLU A 18 -12.21 -8.76 3.37
CA GLU A 18 -11.22 -9.11 2.37
C GLU A 18 -10.11 -8.06 2.31
N MET A 19 -8.90 -8.48 2.69
CA MET A 19 -7.76 -7.57 2.68
C MET A 19 -6.69 -8.06 1.71
N VAL A 20 -6.03 -7.12 1.03
CA VAL A 20 -4.99 -7.46 0.07
C VAL A 20 -3.61 -7.09 0.60
N GLY A 21 -2.85 -8.09 1.02
CA GLY A 21 -1.51 -7.84 1.54
C GLY A 21 -0.56 -7.32 0.49
N CYS A 22 0.11 -6.22 0.79
CA CYS A 22 1.05 -5.62 -0.14
C CYS A 22 2.15 -6.60 -0.51
N ASP A 23 2.33 -6.82 -1.81
CA ASP A 23 3.35 -7.75 -2.30
C ASP A 23 4.69 -7.48 -1.61
N ASN A 24 4.94 -6.23 -1.29
CA ASN A 24 6.19 -5.85 -0.63
C ASN A 24 6.11 -6.08 0.87
N GLN A 25 6.76 -7.14 1.34
CA GLN A 25 6.75 -7.48 2.76
C GLN A 25 7.29 -6.32 3.59
N ASP A 26 8.19 -5.54 3.00
CA ASP A 26 8.80 -4.40 3.68
C ASP A 26 7.71 -3.39 4.07
N CYS A 27 6.60 -3.41 3.37
CA CYS A 27 5.50 -2.50 3.64
C CYS A 27 5.15 -2.49 5.13
N PRO A 28 4.99 -1.27 5.68
CA PRO A 28 4.66 -1.09 7.10
C PRO A 28 3.24 -1.56 7.43
N ILE A 29 2.41 -1.66 6.40
CA ILE A 29 1.02 -2.10 6.58
C ILE A 29 0.81 -3.50 6.01
N GLU A 30 1.22 -3.69 4.76
CA GLU A 30 1.06 -4.98 4.10
C GLU A 30 -0.35 -5.52 4.27
N TRP A 31 -1.30 -4.61 4.44
CA TRP A 31 -2.70 -5.00 4.62
C TRP A 31 -3.63 -3.80 4.40
N PHE A 32 -4.35 -3.81 3.29
CA PHE A 32 -5.27 -2.73 2.96
C PHE A 32 -6.64 -3.27 2.57
N HIS A 33 -7.67 -2.48 2.79
CA HIS A 33 -9.03 -2.89 2.45
C HIS A 33 -9.29 -2.74 0.95
N TYR A 34 -10.20 -3.55 0.43
CA TYR A 34 -10.53 -3.51 -0.98
C TYR A 34 -11.28 -2.23 -1.34
N GLY A 35 -12.08 -1.74 -0.39
CA GLY A 35 -12.83 -0.52 -0.62
C GLY A 35 -11.98 0.73 -0.46
N CYS A 36 -10.98 0.65 0.41
CA CYS A 36 -10.10 1.78 0.67
C CYS A 36 -9.11 1.98 -0.50
N VAL A 37 -8.72 0.87 -1.11
CA VAL A 37 -7.78 0.91 -2.24
C VAL A 37 -8.52 0.91 -3.56
N GLY A 38 -9.74 0.36 -3.56
CA GLY A 38 -10.54 0.32 -4.78
C GLY A 38 -10.33 -0.98 -5.55
N LEU A 39 -10.89 -2.06 -5.04
CA LEU A 39 -10.77 -3.37 -5.69
C LEU A 39 -12.06 -4.15 -5.58
N THR A 40 -12.73 -4.34 -6.72
CA THR A 40 -13.98 -5.08 -6.75
C THR A 40 -13.77 -6.56 -6.46
N GLU A 41 -12.63 -7.08 -6.92
CA GLU A 41 -12.30 -8.48 -6.71
C GLU A 41 -10.81 -8.65 -6.43
N ALA A 42 -10.41 -9.90 -6.17
CA ALA A 42 -9.01 -10.19 -5.88
C ALA A 42 -8.13 -9.98 -7.11
N PRO A 43 -7.03 -9.23 -6.93
CA PRO A 43 -6.09 -8.93 -8.02
C PRO A 43 -5.31 -10.17 -8.45
N LYS A 44 -5.72 -10.76 -9.57
CA LYS A 44 -5.05 -11.96 -10.09
C LYS A 44 -3.55 -11.73 -10.20
N GLY A 45 -3.16 -10.58 -10.75
CA GLY A 45 -1.75 -10.27 -10.90
C GLY A 45 -1.14 -9.75 -9.62
N LYS A 46 -0.12 -8.91 -9.76
CA LYS A 46 0.56 -8.34 -8.60
C LYS A 46 -0.03 -6.98 -8.23
N TRP A 47 -0.41 -6.82 -6.97
CA TRP A 47 -0.99 -5.57 -6.50
C TRP A 47 -0.07 -4.90 -5.49
N TYR A 48 0.13 -3.60 -5.65
CA TYR A 48 1.00 -2.84 -4.75
C TYR A 48 0.25 -1.65 -4.17
N CYS A 49 0.14 -1.62 -2.83
CA CYS A 49 -0.55 -0.54 -2.15
C CYS A 49 -0.16 0.82 -2.73
N PRO A 50 -1.05 1.81 -2.56
CA PRO A 50 -0.81 3.17 -3.07
C PRO A 50 0.29 3.89 -2.30
N GLN A 51 0.71 3.31 -1.19
CA GLN A 51 1.77 3.89 -0.37
C GLN A 51 3.14 3.56 -0.93
N CYS A 52 3.25 2.41 -1.59
CA CYS A 52 4.51 1.97 -2.17
C CYS A 52 4.66 2.52 -3.59
N THR A 53 3.70 2.22 -4.45
CA THR A 53 3.73 2.67 -5.83
C THR A 53 4.13 4.14 -5.91
N ALA A 54 3.74 4.92 -4.91
CA ALA A 54 4.05 6.34 -4.87
C ALA A 54 5.55 6.56 -4.61
N ALA A 55 6.11 5.76 -3.71
CA ALA A 55 7.52 5.87 -3.37
C ALA A 55 8.40 5.29 -4.48
N MET A 56 8.01 4.12 -4.99
CA MET A 56 8.76 3.46 -6.05
C MET A 56 8.78 4.32 -7.31
N LYS A 57 7.68 4.99 -7.58
CA LYS A 57 7.56 5.85 -8.75
C LYS A 57 8.55 7.01 -8.67
N ARG A 58 8.66 7.60 -7.48
CA ARG A 58 9.58 8.72 -7.28
C ARG A 58 10.96 8.40 -7.84
N ARG A 59 11.46 7.22 -7.52
CA ARG A 59 12.78 6.81 -7.98
C ARG A 59 12.84 6.77 -9.50
N GLY A 60 11.70 6.48 -10.13
CA GLY A 60 11.64 6.43 -11.57
C GLY A 60 11.82 7.79 -12.22
N SER A 61 11.83 7.82 -13.55
CA SER A 61 12.00 9.07 -14.28
C SER A 61 10.79 9.97 -14.12
N ARG A 62 10.83 10.84 -13.12
CA ARG A 62 9.72 11.76 -12.87
C ARG A 62 10.25 13.13 -12.46
N HIS A 63 9.34 14.10 -12.33
CA HIS A 63 9.70 15.45 -11.95
C HIS A 63 9.16 15.79 -10.57
N LYS A 64 9.24 14.85 -9.65
CA LYS A 64 8.75 15.05 -8.29
C LYS A 64 9.74 15.89 -7.47
N SER A 65 9.23 16.54 -6.44
CA SER A 65 10.07 17.37 -5.58
C SER A 65 10.48 16.62 -4.32
N GLY A 66 11.22 17.30 -3.46
CA GLY A 66 11.67 16.69 -2.22
C GLY A 66 10.71 16.92 -1.07
N PRO A 67 10.53 15.89 -0.22
CA PRO A 67 9.64 15.96 0.93
C PRO A 67 10.17 16.89 2.02
N SER A 68 11.41 17.33 1.85
CA SER A 68 12.04 18.21 2.83
C SER A 68 11.02 19.20 3.41
N SER A 69 10.62 18.95 4.65
CA SER A 69 9.64 19.80 5.32
C SER A 69 10.33 20.71 6.34
N GLY A 70 9.94 21.98 6.34
CA GLY A 70 10.52 22.93 7.26
C GLY A 70 9.49 23.56 8.18
N GLY A 1 3.26 -2.45 28.89
CA GLY A 1 3.23 -1.02 28.66
C GLY A 1 1.87 -0.54 28.19
N SER A 2 1.88 0.37 27.21
CA SER A 2 0.64 0.92 26.67
C SER A 2 0.12 0.06 25.53
N SER A 3 -1.21 -0.01 25.41
CA SER A 3 -1.84 -0.80 24.35
C SER A 3 -2.81 0.05 23.54
N GLY A 4 -3.28 -0.52 22.43
CA GLY A 4 -4.20 0.21 21.57
C GLY A 4 -3.53 0.75 20.32
N SER A 5 -4.04 1.87 19.83
CA SER A 5 -3.48 2.50 18.63
C SER A 5 -3.35 1.47 17.50
N SER A 6 -4.36 0.61 17.37
CA SER A 6 -4.36 -0.41 16.33
C SER A 6 -4.76 0.17 14.98
N GLY A 7 -3.91 -0.02 13.99
CA GLY A 7 -4.19 0.50 12.65
C GLY A 7 -3.18 0.03 11.63
N TYR A 8 -3.66 -0.69 10.61
CA TYR A 8 -2.79 -1.20 9.56
C TYR A 8 -3.03 -0.46 8.25
N CYS A 9 -4.22 -0.67 7.68
CA CYS A 9 -4.58 -0.02 6.42
C CYS A 9 -4.24 1.47 6.46
N ILE A 10 -4.20 2.08 5.27
CA ILE A 10 -3.88 3.50 5.17
C ILE A 10 -4.80 4.34 6.06
N CYS A 11 -6.01 3.83 6.30
CA CYS A 11 -6.99 4.52 7.13
C CYS A 11 -6.69 4.28 8.62
N ASN A 12 -5.53 3.72 8.90
CA ASN A 12 -5.13 3.45 10.28
C ASN A 12 -6.24 2.72 11.04
N GLN A 13 -6.73 1.63 10.46
CA GLN A 13 -7.80 0.85 11.07
C GLN A 13 -7.42 -0.62 11.18
N VAL A 14 -8.09 -1.34 12.08
CA VAL A 14 -7.81 -2.75 12.27
C VAL A 14 -7.94 -3.53 10.97
N SER A 15 -7.26 -4.66 10.89
CA SER A 15 -7.30 -5.51 9.70
C SER A 15 -8.54 -6.39 9.69
N TYR A 16 -9.61 -5.89 9.09
CA TYR A 16 -10.86 -6.64 9.02
C TYR A 16 -11.36 -6.73 7.58
N GLY A 17 -12.43 -7.51 7.37
CA GLY A 17 -12.98 -7.67 6.04
C GLY A 17 -11.94 -8.11 5.03
N GLU A 18 -12.34 -8.17 3.76
CA GLU A 18 -11.44 -8.59 2.70
C GLU A 18 -10.24 -7.65 2.60
N MET A 19 -9.05 -8.17 2.86
CA MET A 19 -7.83 -7.37 2.79
C MET A 19 -6.86 -7.96 1.77
N VAL A 20 -6.13 -7.08 1.08
CA VAL A 20 -5.17 -7.51 0.09
C VAL A 20 -3.75 -7.17 0.52
N GLY A 21 -3.00 -8.20 0.93
CA GLY A 21 -1.63 -7.99 1.36
C GLY A 21 -0.73 -7.51 0.25
N CYS A 22 -0.07 -6.38 0.47
CA CYS A 22 0.82 -5.80 -0.53
C CYS A 22 1.81 -6.85 -1.04
N ASP A 23 1.97 -6.91 -2.37
CA ASP A 23 2.87 -7.86 -2.99
C ASP A 23 4.28 -7.74 -2.39
N ASN A 24 4.60 -6.56 -1.88
CA ASN A 24 5.91 -6.32 -1.28
C ASN A 24 5.89 -6.59 0.21
N GLN A 25 6.46 -7.73 0.61
CA GLN A 25 6.49 -8.11 2.01
C GLN A 25 7.14 -7.01 2.86
N ASP A 26 8.08 -6.29 2.27
CA ASP A 26 8.77 -5.21 2.96
C ASP A 26 7.78 -4.14 3.41
N CYS A 27 6.63 -4.10 2.76
CA CYS A 27 5.60 -3.12 3.08
C CYS A 27 5.33 -3.10 4.58
N PRO A 28 5.25 -1.89 5.15
CA PRO A 28 4.99 -1.71 6.58
C PRO A 28 3.57 -2.08 6.98
N ILE A 29 2.67 -2.10 5.99
CA ILE A 29 1.28 -2.44 6.22
C ILE A 29 0.96 -3.83 5.69
N GLU A 30 1.41 -4.12 4.48
CA GLU A 30 1.17 -5.42 3.86
C GLU A 30 -0.27 -5.87 4.07
N TRP A 31 -1.17 -4.90 4.25
CA TRP A 31 -2.57 -5.20 4.47
C TRP A 31 -3.43 -3.96 4.25
N PHE A 32 -4.16 -3.94 3.13
CA PHE A 32 -5.02 -2.80 2.81
C PHE A 32 -6.44 -3.28 2.48
N HIS A 33 -7.42 -2.43 2.79
CA HIS A 33 -8.81 -2.77 2.52
C HIS A 33 -9.12 -2.66 1.03
N TYR A 34 -10.14 -3.39 0.59
CA TYR A 34 -10.53 -3.38 -0.81
C TYR A 34 -11.20 -2.06 -1.18
N GLY A 35 -12.02 -1.54 -0.27
CA GLY A 35 -12.70 -0.29 -0.52
C GLY A 35 -11.78 0.90 -0.42
N CYS A 36 -10.70 0.76 0.34
CA CYS A 36 -9.74 1.83 0.51
C CYS A 36 -8.83 1.95 -0.71
N VAL A 37 -8.42 0.81 -1.25
CA VAL A 37 -7.55 0.79 -2.42
C VAL A 37 -8.36 0.70 -3.70
N GLY A 38 -9.62 0.25 -3.58
CA GLY A 38 -10.48 0.14 -4.75
C GLY A 38 -10.28 -1.17 -5.48
N LEU A 39 -10.71 -2.27 -4.87
CA LEU A 39 -10.58 -3.58 -5.48
C LEU A 39 -11.88 -4.37 -5.39
N THR A 40 -12.74 -4.18 -6.39
CA THR A 40 -14.03 -4.87 -6.43
C THR A 40 -13.86 -6.37 -6.19
N GLU A 41 -12.76 -6.92 -6.69
CA GLU A 41 -12.48 -8.35 -6.54
C GLU A 41 -10.98 -8.59 -6.41
N ALA A 42 -10.62 -9.87 -6.30
CA ALA A 42 -9.21 -10.24 -6.16
C ALA A 42 -8.43 -9.91 -7.43
N PRO A 43 -7.30 -9.21 -7.27
CA PRO A 43 -6.44 -8.81 -8.40
C PRO A 43 -5.73 -10.01 -9.02
N LYS A 44 -6.35 -10.59 -10.05
CA LYS A 44 -5.79 -11.73 -10.74
C LYS A 44 -4.27 -11.60 -10.86
N GLY A 45 -3.81 -10.45 -11.37
CA GLY A 45 -2.39 -10.22 -11.53
C GLY A 45 -1.75 -9.71 -10.25
N LYS A 46 -0.57 -9.11 -10.39
CA LYS A 46 0.15 -8.57 -9.24
C LYS A 46 -0.44 -7.24 -8.80
N TRP A 47 -0.55 -7.05 -7.48
CA TRP A 47 -1.10 -5.81 -6.94
C TRP A 47 -0.12 -5.17 -5.97
N TYR A 48 -0.07 -3.84 -5.98
CA TYR A 48 0.83 -3.11 -5.10
C TYR A 48 0.12 -1.92 -4.47
N CYS A 49 0.06 -1.91 -3.14
CA CYS A 49 -0.58 -0.83 -2.40
C CYS A 49 -0.19 0.52 -2.97
N PRO A 50 -1.06 1.53 -2.75
CA PRO A 50 -0.83 2.90 -3.23
C PRO A 50 0.31 3.58 -2.48
N GLN A 51 0.76 2.97 -1.40
CA GLN A 51 1.85 3.52 -0.60
C GLN A 51 3.21 3.19 -1.21
N CYS A 52 3.28 2.05 -1.89
CA CYS A 52 4.52 1.61 -2.53
C CYS A 52 4.63 2.19 -3.93
N THR A 53 3.65 1.89 -4.78
CA THR A 53 3.64 2.38 -6.16
C THR A 53 4.03 3.86 -6.21
N ALA A 54 3.63 4.61 -5.19
CA ALA A 54 3.94 6.03 -5.12
C ALA A 54 5.40 6.27 -4.82
N ALA A 55 5.96 5.46 -3.92
CA ALA A 55 7.36 5.58 -3.54
C ALA A 55 8.27 5.10 -4.67
N MET A 56 7.97 3.93 -5.20
CA MET A 56 8.77 3.35 -6.28
C MET A 56 8.83 4.30 -7.47
N LYS A 57 7.69 4.95 -7.76
CA LYS A 57 7.61 5.89 -8.88
C LYS A 57 8.48 7.12 -8.62
N ARG A 58 8.39 7.65 -7.40
CA ARG A 58 9.16 8.83 -7.04
C ARG A 58 10.65 8.61 -7.28
N ARG A 59 11.07 7.34 -7.23
CA ARG A 59 12.46 6.99 -7.45
C ARG A 59 12.71 6.58 -8.90
N GLY A 60 11.85 7.06 -9.79
CA GLY A 60 12.00 6.74 -11.19
C GLY A 60 11.57 7.87 -12.10
N SER A 61 11.08 7.53 -13.30
CA SER A 61 10.65 8.54 -14.26
C SER A 61 9.75 7.93 -15.32
N ARG A 62 8.61 8.56 -15.56
CA ARG A 62 7.66 8.08 -16.55
C ARG A 62 7.26 9.20 -17.51
N HIS A 63 8.11 9.46 -18.49
CA HIS A 63 7.85 10.50 -19.48
C HIS A 63 7.79 9.91 -20.89
N LYS A 64 6.59 9.61 -21.35
CA LYS A 64 6.38 9.05 -22.68
C LYS A 64 7.45 7.99 -22.98
N SER A 65 7.76 7.18 -21.97
CA SER A 65 8.75 6.13 -22.14
C SER A 65 8.09 4.75 -22.14
N GLY A 66 8.90 3.71 -22.34
CA GLY A 66 8.38 2.35 -22.36
C GLY A 66 9.46 1.32 -22.58
N PRO A 67 9.36 0.19 -21.86
CA PRO A 67 10.33 -0.90 -21.97
C PRO A 67 10.25 -1.62 -23.30
N SER A 68 11.39 -1.75 -23.99
CA SER A 68 11.44 -2.42 -25.27
C SER A 68 11.70 -3.91 -25.11
N SER A 69 10.63 -4.69 -25.00
CA SER A 69 10.74 -6.14 -24.83
C SER A 69 10.90 -6.83 -26.18
N GLY A 70 10.02 -6.50 -27.12
CA GLY A 70 10.09 -7.09 -28.44
C GLY A 70 8.79 -6.96 -29.20
N GLY A 1 -8.70 2.13 30.71
CA GLY A 1 -8.71 3.48 30.15
C GLY A 1 -9.25 3.52 28.73
N SER A 2 -9.05 4.64 28.06
CA SER A 2 -9.53 4.81 26.70
C SER A 2 -8.36 5.10 25.75
N SER A 3 -7.26 4.40 25.95
CA SER A 3 -6.07 4.58 25.12
C SER A 3 -5.48 3.24 24.71
N GLY A 4 -5.18 3.10 23.41
CA GLY A 4 -4.62 1.86 22.91
C GLY A 4 -5.51 1.19 21.88
N SER A 5 -5.28 1.50 20.61
CA SER A 5 -6.07 0.91 19.54
C SER A 5 -5.18 0.40 18.42
N SER A 6 -5.77 -0.34 17.48
CA SER A 6 -5.02 -0.91 16.37
C SER A 6 -5.33 -0.16 15.07
N GLY A 7 -4.50 -0.37 14.06
CA GLY A 7 -4.70 0.30 12.78
C GLY A 7 -3.69 -0.13 11.74
N TYR A 8 -4.13 -0.93 10.77
CA TYR A 8 -3.26 -1.42 9.72
C TYR A 8 -3.48 -0.65 8.42
N CYS A 9 -4.66 -0.83 7.83
CA CYS A 9 -5.00 -0.16 6.58
C CYS A 9 -4.70 1.33 6.68
N ILE A 10 -4.64 1.99 5.52
CA ILE A 10 -4.36 3.43 5.48
C ILE A 10 -5.32 4.20 6.38
N CYS A 11 -6.52 3.66 6.56
CA CYS A 11 -7.52 4.30 7.39
C CYS A 11 -7.26 4.03 8.87
N ASN A 12 -6.08 3.48 9.16
CA ASN A 12 -5.71 3.16 10.54
C ASN A 12 -6.82 2.41 11.25
N GLN A 13 -7.27 1.31 10.65
CA GLN A 13 -8.33 0.49 11.23
C GLN A 13 -7.90 -0.97 11.34
N VAL A 14 -8.59 -1.71 12.20
CA VAL A 14 -8.28 -3.13 12.40
C VAL A 14 -8.34 -3.89 11.07
N SER A 15 -7.68 -5.05 11.05
CA SER A 15 -7.65 -5.87 9.84
C SER A 15 -8.85 -6.81 9.81
N TYR A 16 -9.92 -6.37 9.15
CA TYR A 16 -11.14 -7.17 9.04
C TYR A 16 -11.58 -7.27 7.59
N GLY A 17 -12.58 -8.11 7.34
CA GLY A 17 -13.09 -8.29 5.99
C GLY A 17 -12.02 -8.74 5.02
N GLU A 18 -12.30 -8.62 3.73
CA GLU A 18 -11.35 -9.02 2.70
C GLU A 18 -10.22 -8.00 2.58
N MET A 19 -9.01 -8.42 2.94
CA MET A 19 -7.85 -7.54 2.87
C MET A 19 -6.82 -8.09 1.87
N VAL A 20 -6.16 -7.17 1.16
CA VAL A 20 -5.15 -7.56 0.18
C VAL A 20 -3.76 -7.18 0.65
N GLY A 21 -2.99 -8.19 1.07
CA GLY A 21 -1.63 -7.95 1.54
C GLY A 21 -0.72 -7.46 0.45
N CYS A 22 -0.15 -6.27 0.65
CA CYS A 22 0.75 -5.68 -0.34
C CYS A 22 1.77 -6.71 -0.82
N ASP A 23 1.93 -6.81 -2.14
CA ASP A 23 2.87 -7.74 -2.73
C ASP A 23 4.27 -7.54 -2.15
N ASN A 24 4.54 -6.32 -1.70
CA ASN A 24 5.84 -5.98 -1.13
C ASN A 24 5.84 -6.20 0.39
N GLN A 25 6.48 -7.28 0.82
CA GLN A 25 6.55 -7.60 2.25
C GLN A 25 7.15 -6.44 3.02
N ASP A 26 8.07 -5.71 2.40
CA ASP A 26 8.71 -4.56 3.03
C ASP A 26 7.68 -3.54 3.49
N CYS A 27 6.49 -3.60 2.90
CA CYS A 27 5.42 -2.68 3.24
C CYS A 27 5.16 -2.67 4.74
N PRO A 28 5.03 -1.47 5.33
CA PRO A 28 4.78 -1.30 6.75
C PRO A 28 3.38 -1.77 7.16
N ILE A 29 2.47 -1.79 6.19
CA ILE A 29 1.09 -2.21 6.44
C ILE A 29 0.84 -3.60 5.89
N GLU A 30 1.22 -3.83 4.64
CA GLU A 30 1.03 -5.12 4.00
C GLU A 30 -0.39 -5.63 4.20
N TRP A 31 -1.33 -4.70 4.36
CA TRP A 31 -2.73 -5.05 4.57
C TRP A 31 -3.63 -3.85 4.35
N PHE A 32 -4.34 -3.85 3.22
CA PHE A 32 -5.24 -2.75 2.87
C PHE A 32 -6.62 -3.28 2.50
N HIS A 33 -7.65 -2.51 2.82
CA HIS A 33 -9.02 -2.89 2.53
C HIS A 33 -9.30 -2.78 1.04
N TYR A 34 -10.29 -3.53 0.57
CA TYR A 34 -10.66 -3.52 -0.85
C TYR A 34 -11.37 -2.23 -1.22
N GLY A 35 -12.18 -1.71 -0.29
CA GLY A 35 -12.90 -0.48 -0.54
C GLY A 35 -12.02 0.75 -0.40
N CYS A 36 -10.97 0.63 0.41
CA CYS A 36 -10.05 1.75 0.63
C CYS A 36 -9.11 1.91 -0.57
N VAL A 37 -8.70 0.79 -1.15
CA VAL A 37 -7.81 0.82 -2.31
C VAL A 37 -8.59 0.76 -3.62
N GLY A 38 -9.79 0.19 -3.56
CA GLY A 38 -10.62 0.10 -4.74
C GLY A 38 -10.39 -1.19 -5.50
N LEU A 39 -10.79 -2.32 -4.91
CA LEU A 39 -10.63 -3.62 -5.53
C LEU A 39 -11.93 -4.41 -5.50
N THR A 40 -12.82 -4.11 -6.45
CA THR A 40 -14.11 -4.79 -6.53
C THR A 40 -13.95 -6.29 -6.33
N GLU A 41 -12.80 -6.82 -6.74
CA GLU A 41 -12.53 -8.25 -6.61
C GLU A 41 -11.04 -8.50 -6.39
N ALA A 42 -10.66 -9.77 -6.27
CA ALA A 42 -9.28 -10.14 -6.07
C ALA A 42 -8.45 -9.89 -7.33
N PRO A 43 -7.33 -9.16 -7.16
CA PRO A 43 -6.44 -8.84 -8.28
C PRO A 43 -5.68 -10.05 -8.79
N LYS A 44 -6.05 -10.51 -9.98
CA LYS A 44 -5.40 -11.67 -10.59
C LYS A 44 -3.91 -11.45 -10.73
N GLY A 45 -3.53 -10.32 -11.31
CA GLY A 45 -2.12 -10.01 -11.50
C GLY A 45 -1.47 -9.50 -10.23
N LYS A 46 -0.39 -8.75 -10.38
CA LYS A 46 0.32 -8.19 -9.23
C LYS A 46 -0.33 -6.90 -8.75
N TRP A 47 -0.50 -6.79 -7.44
CA TRP A 47 -1.12 -5.61 -6.85
C TRP A 47 -0.17 -4.95 -5.85
N TYR A 48 -0.02 -3.63 -5.95
CA TYR A 48 0.86 -2.89 -5.07
C TYR A 48 0.12 -1.69 -4.46
N CYS A 49 0.01 -1.69 -3.13
CA CYS A 49 -0.67 -0.62 -2.43
C CYS A 49 -0.26 0.74 -2.99
N PRO A 50 -1.13 1.76 -2.79
CA PRO A 50 -0.89 3.12 -3.27
C PRO A 50 0.23 3.81 -2.50
N GLN A 51 0.65 3.20 -1.39
CA GLN A 51 1.71 3.75 -0.56
C GLN A 51 3.08 3.41 -1.13
N CYS A 52 3.17 2.27 -1.81
CA CYS A 52 4.43 1.83 -2.40
C CYS A 52 4.60 2.41 -3.80
N THR A 53 3.65 2.14 -4.68
CA THR A 53 3.70 2.64 -6.06
C THR A 53 4.12 4.11 -6.08
N ALA A 54 3.68 4.86 -5.08
CA ALA A 54 4.01 6.28 -5.01
C ALA A 54 5.50 6.48 -4.70
N ALA A 55 6.04 5.63 -3.84
CA ALA A 55 7.45 5.72 -3.47
C ALA A 55 8.34 5.17 -4.59
N MET A 56 7.95 4.04 -5.15
CA MET A 56 8.72 3.42 -6.22
C MET A 56 8.80 4.35 -7.43
N LYS A 57 7.72 5.07 -7.70
CA LYS A 57 7.68 6.00 -8.82
C LYS A 57 8.71 7.11 -8.66
N ARG A 58 8.79 7.66 -7.44
CA ARG A 58 9.73 8.73 -7.15
C ARG A 58 11.11 8.40 -7.70
N ARG A 59 11.56 7.17 -7.45
CA ARG A 59 12.87 6.72 -7.90
C ARG A 59 12.99 6.88 -9.42
N GLY A 60 11.88 6.73 -10.12
CA GLY A 60 11.89 6.85 -11.56
C GLY A 60 12.04 8.29 -12.02
N SER A 61 10.92 8.93 -12.35
CA SER A 61 10.94 10.31 -12.81
C SER A 61 9.75 11.08 -12.24
N ARG A 62 10.04 12.14 -11.49
CA ARG A 62 9.01 12.97 -10.89
C ARG A 62 9.60 14.24 -10.30
N HIS A 63 8.77 15.28 -10.21
CA HIS A 63 9.21 16.56 -9.67
C HIS A 63 9.59 16.42 -8.19
N LYS A 64 10.64 17.12 -7.79
CA LYS A 64 11.11 17.08 -6.41
C LYS A 64 10.31 18.04 -5.54
N SER A 65 10.05 17.63 -4.30
CA SER A 65 9.29 18.45 -3.36
C SER A 65 9.69 19.91 -3.47
N GLY A 66 8.71 20.78 -3.70
CA GLY A 66 8.98 22.20 -3.80
C GLY A 66 9.28 22.85 -2.47
N PRO A 67 9.60 24.14 -2.49
CA PRO A 67 9.91 24.91 -1.28
C PRO A 67 8.68 25.14 -0.41
N SER A 68 8.39 24.17 0.47
CA SER A 68 7.24 24.26 1.36
C SER A 68 7.23 25.60 2.09
N SER A 69 6.19 26.39 1.84
CA SER A 69 6.05 27.70 2.48
C SER A 69 5.16 27.62 3.71
N GLY A 70 5.49 28.42 4.73
CA GLY A 70 4.71 28.42 5.94
C GLY A 70 3.62 29.48 5.94
N GLY A 1 -3.27 3.96 22.47
CA GLY A 1 -3.51 3.09 21.34
C GLY A 1 -4.90 3.26 20.76
N SER A 2 -5.28 4.50 20.51
CA SER A 2 -6.60 4.81 19.96
C SER A 2 -6.57 4.79 18.43
N SER A 3 -7.69 5.14 17.82
CA SER A 3 -7.79 5.17 16.36
C SER A 3 -7.39 3.83 15.77
N GLY A 4 -8.00 2.75 16.26
CA GLY A 4 -7.69 1.42 15.76
C GLY A 4 -6.79 0.65 16.70
N SER A 5 -7.26 -0.51 17.16
CA SER A 5 -6.49 -1.34 18.07
C SER A 5 -5.03 -1.44 17.62
N SER A 6 -4.84 -1.75 16.35
CA SER A 6 -3.49 -1.89 15.80
C SER A 6 -3.31 -0.98 14.59
N GLY A 7 -4.41 -0.43 14.10
CA GLY A 7 -4.36 0.45 12.94
C GLY A 7 -3.39 -0.04 11.89
N TYR A 8 -3.90 -0.78 10.91
CA TYR A 8 -3.06 -1.31 9.84
C TYR A 8 -3.33 -0.57 8.53
N CYS A 9 -4.49 -0.82 7.94
CA CYS A 9 -4.86 -0.18 6.67
C CYS A 9 -4.58 1.32 6.73
N ILE A 10 -4.55 1.94 5.55
CA ILE A 10 -4.28 3.38 5.46
C ILE A 10 -5.26 4.16 6.33
N CYS A 11 -6.43 3.59 6.58
CA CYS A 11 -7.45 4.24 7.39
C CYS A 11 -7.16 4.04 8.88
N ASN A 12 -5.98 3.52 9.19
CA ASN A 12 -5.58 3.28 10.56
C ASN A 12 -6.62 2.44 11.29
N GLN A 13 -7.02 1.33 10.67
CA GLN A 13 -8.01 0.44 11.25
C GLN A 13 -7.48 -0.99 11.32
N VAL A 14 -8.02 -1.77 12.24
CA VAL A 14 -7.61 -3.16 12.40
C VAL A 14 -7.75 -3.94 11.11
N SER A 15 -7.04 -5.05 11.00
CA SER A 15 -7.08 -5.88 9.81
C SER A 15 -8.27 -6.84 9.86
N TYR A 16 -9.35 -6.45 9.19
CA TYR A 16 -10.55 -7.28 9.16
C TYR A 16 -11.10 -7.38 7.74
N GLY A 17 -12.10 -8.24 7.56
CA GLY A 17 -12.69 -8.43 6.25
C GLY A 17 -11.67 -8.82 5.20
N GLU A 18 -12.06 -8.73 3.93
CA GLU A 18 -11.17 -9.08 2.83
C GLU A 18 -10.07 -8.03 2.67
N MET A 19 -8.83 -8.43 2.94
CA MET A 19 -7.69 -7.53 2.82
C MET A 19 -6.71 -8.03 1.75
N VAL A 20 -6.14 -7.09 1.01
CA VAL A 20 -5.18 -7.43 -0.04
C VAL A 20 -3.76 -7.09 0.38
N GLY A 21 -2.98 -8.12 0.71
CA GLY A 21 -1.61 -7.90 1.12
C GLY A 21 -0.74 -7.35 0.00
N CYS A 22 -0.16 -6.17 0.24
CA CYS A 22 0.69 -5.54 -0.75
C CYS A 22 1.76 -6.50 -1.26
N ASP A 23 1.80 -6.69 -2.58
CA ASP A 23 2.77 -7.59 -3.18
C ASP A 23 4.16 -7.38 -2.58
N ASN A 24 4.46 -6.13 -2.23
CA ASN A 24 5.76 -5.79 -1.65
C ASN A 24 5.78 -6.12 -0.16
N GLN A 25 6.46 -7.20 0.21
CA GLN A 25 6.55 -7.62 1.60
C GLN A 25 7.15 -6.50 2.45
N ASP A 26 8.01 -5.70 1.85
CA ASP A 26 8.66 -4.60 2.56
C ASP A 26 7.62 -3.59 3.05
N CYS A 27 6.48 -3.56 2.38
CA CYS A 27 5.40 -2.63 2.75
C CYS A 27 5.20 -2.61 4.26
N PRO A 28 5.08 -1.40 4.83
CA PRO A 28 4.90 -1.21 6.27
C PRO A 28 3.52 -1.67 6.73
N ILE A 29 2.61 -1.86 5.78
CA ILE A 29 1.25 -2.30 6.09
C ILE A 29 1.00 -3.71 5.56
N GLU A 30 1.28 -3.91 4.28
CA GLU A 30 1.08 -5.21 3.66
C GLU A 30 -0.33 -5.72 3.89
N TRP A 31 -1.26 -4.79 4.11
CA TRP A 31 -2.66 -5.13 4.34
C TRP A 31 -3.56 -3.92 4.18
N PHE A 32 -4.30 -3.89 3.07
CA PHE A 32 -5.21 -2.78 2.79
C PHE A 32 -6.60 -3.28 2.45
N HIS A 33 -7.62 -2.54 2.88
CA HIS A 33 -9.01 -2.92 2.62
C HIS A 33 -9.34 -2.79 1.14
N TYR A 34 -10.31 -3.57 0.68
CA TYR A 34 -10.71 -3.54 -0.72
C TYR A 34 -11.46 -2.25 -1.05
N GLY A 35 -12.21 -1.75 -0.07
CA GLY A 35 -12.96 -0.53 -0.27
C GLY A 35 -12.09 0.71 -0.15
N CYS A 36 -11.00 0.59 0.60
CA CYS A 36 -10.09 1.72 0.79
C CYS A 36 -9.19 1.89 -0.43
N VAL A 37 -8.81 0.79 -1.05
CA VAL A 37 -7.96 0.83 -2.23
C VAL A 37 -8.78 0.75 -3.51
N GLY A 38 -9.97 0.17 -3.41
CA GLY A 38 -10.83 0.04 -4.57
C GLY A 38 -10.64 -1.27 -5.29
N LEU A 39 -11.15 -2.35 -4.72
CA LEU A 39 -11.03 -3.68 -5.32
C LEU A 39 -12.32 -4.48 -5.14
N THR A 40 -12.79 -5.07 -6.24
CA THR A 40 -14.01 -5.86 -6.21
C THR A 40 -13.71 -7.32 -5.89
N GLU A 41 -12.57 -7.80 -6.38
CA GLU A 41 -12.17 -9.18 -6.15
C GLU A 41 -10.65 -9.31 -6.12
N ALA A 42 -10.16 -10.53 -5.99
CA ALA A 42 -8.73 -10.80 -5.95
C ALA A 42 -8.07 -10.47 -7.28
N PRO A 43 -7.06 -9.58 -7.25
CA PRO A 43 -6.34 -9.17 -8.44
C PRO A 43 -5.46 -10.28 -9.00
N LYS A 44 -5.94 -10.94 -10.04
CA LYS A 44 -5.20 -12.03 -10.67
C LYS A 44 -3.73 -11.66 -10.85
N GLY A 45 -3.48 -10.51 -11.47
CA GLY A 45 -2.12 -10.06 -11.69
C GLY A 45 -1.45 -9.60 -10.41
N LYS A 46 -0.55 -8.64 -10.53
CA LYS A 46 0.17 -8.10 -9.38
C LYS A 46 -0.44 -6.78 -8.93
N TRP A 47 -0.68 -6.65 -7.63
CA TRP A 47 -1.26 -5.42 -7.07
C TRP A 47 -0.31 -4.79 -6.06
N TYR A 48 -0.12 -3.48 -6.17
CA TYR A 48 0.76 -2.76 -5.27
C TYR A 48 0.05 -1.56 -4.65
N CYS A 49 -0.08 -1.57 -3.33
CA CYS A 49 -0.75 -0.49 -2.62
C CYS A 49 -0.35 0.87 -3.20
N PRO A 50 -1.21 1.87 -3.00
CA PRO A 50 -0.97 3.23 -3.50
C PRO A 50 0.15 3.93 -2.74
N GLN A 51 0.59 3.33 -1.64
CA GLN A 51 1.66 3.89 -0.82
C GLN A 51 3.03 3.52 -1.40
N CYS A 52 3.09 2.39 -2.09
CA CYS A 52 4.33 1.93 -2.69
C CYS A 52 4.50 2.48 -4.10
N THR A 53 3.52 2.20 -4.95
CA THR A 53 3.55 2.68 -6.33
C THR A 53 3.97 4.14 -6.40
N ALA A 54 3.63 4.89 -5.36
CA ALA A 54 3.98 6.31 -5.31
C ALA A 54 5.46 6.50 -5.00
N ALA A 55 5.99 5.68 -4.10
CA ALA A 55 7.39 5.76 -3.72
C ALA A 55 8.29 5.21 -4.83
N MET A 56 7.93 4.05 -5.36
CA MET A 56 8.70 3.42 -6.43
C MET A 56 8.83 4.35 -7.63
N LYS A 57 7.76 5.09 -7.91
CA LYS A 57 7.75 6.02 -9.04
C LYS A 57 8.75 7.14 -8.81
N ARG A 58 8.68 7.77 -7.64
CA ARG A 58 9.58 8.87 -7.31
C ARG A 58 11.03 8.48 -7.58
N ARG A 59 11.42 7.29 -7.13
CA ARG A 59 12.78 6.80 -7.32
C ARG A 59 13.15 6.80 -8.81
N GLY A 60 12.16 6.57 -9.66
CA GLY A 60 12.41 6.55 -11.09
C GLY A 60 12.64 7.93 -11.66
N SER A 61 11.56 8.63 -11.99
CA SER A 61 11.66 9.97 -12.55
C SER A 61 11.32 11.02 -11.50
N ARG A 62 12.35 11.61 -10.90
CA ARG A 62 12.16 12.63 -9.88
C ARG A 62 12.62 13.99 -10.38
N HIS A 63 12.09 15.05 -9.77
CA HIS A 63 12.45 16.41 -10.16
C HIS A 63 13.02 17.18 -8.98
N LYS A 64 14.34 17.19 -8.86
CA LYS A 64 15.01 17.89 -7.78
C LYS A 64 14.45 19.30 -7.61
N SER A 65 14.66 20.14 -8.63
CA SER A 65 14.18 21.52 -8.58
C SER A 65 12.82 21.60 -7.89
N GLY A 66 12.74 22.44 -6.87
CA GLY A 66 11.50 22.60 -6.14
C GLY A 66 11.06 24.06 -6.04
N PRO A 67 9.74 24.29 -6.08
CA PRO A 67 9.17 25.62 -6.00
C PRO A 67 9.35 26.25 -4.62
N SER A 68 8.98 27.53 -4.49
CA SER A 68 9.10 28.23 -3.22
C SER A 68 7.73 28.66 -2.71
N SER A 69 7.51 28.50 -1.41
CA SER A 69 6.24 28.86 -0.78
C SER A 69 6.33 28.75 0.73
N GLY A 70 5.57 29.61 1.43
CA GLY A 70 5.59 29.59 2.87
C GLY A 70 5.08 30.90 3.46
N GLY A 1 -13.22 4.13 26.69
CA GLY A 1 -12.08 4.86 26.16
C GLY A 1 -11.44 4.16 24.97
N SER A 2 -10.51 3.26 25.26
CA SER A 2 -9.81 2.52 24.21
C SER A 2 -10.46 1.15 23.99
N SER A 3 -10.27 0.60 22.79
CA SER A 3 -10.83 -0.70 22.45
C SER A 3 -9.72 -1.74 22.26
N GLY A 4 -8.71 -1.38 21.49
CA GLY A 4 -7.61 -2.28 21.24
C GLY A 4 -7.33 -2.47 19.76
N SER A 5 -7.43 -1.38 19.00
CA SER A 5 -7.20 -1.43 17.56
C SER A 5 -5.70 -1.49 17.25
N SER A 6 -5.35 -2.22 16.20
CA SER A 6 -3.95 -2.37 15.80
C SER A 6 -3.61 -1.42 14.67
N GLY A 7 -4.63 -0.78 14.11
CA GLY A 7 -4.41 0.16 13.03
C GLY A 7 -3.45 -0.37 11.98
N TYR A 8 -3.99 -0.96 10.93
CA TYR A 8 -3.17 -1.52 9.86
C TYR A 8 -3.38 -0.76 8.56
N CYS A 9 -4.56 -0.92 7.97
CA CYS A 9 -4.88 -0.25 6.72
C CYS A 9 -4.56 1.24 6.80
N ILE A 10 -4.49 1.89 5.64
CA ILE A 10 -4.19 3.32 5.57
C ILE A 10 -5.15 4.12 6.45
N CYS A 11 -6.35 3.57 6.65
CA CYS A 11 -7.36 4.24 7.47
C CYS A 11 -7.10 3.99 8.96
N ASN A 12 -5.94 3.44 9.27
CA ASN A 12 -5.57 3.14 10.65
C ASN A 12 -6.66 2.34 11.35
N GLN A 13 -7.05 1.24 10.72
CA GLN A 13 -8.09 0.38 11.29
C GLN A 13 -7.63 -1.08 11.36
N VAL A 14 -8.24 -1.84 12.25
CA VAL A 14 -7.88 -3.25 12.41
C VAL A 14 -8.01 -4.01 11.10
N SER A 15 -7.43 -5.20 11.05
CA SER A 15 -7.47 -6.03 9.85
C SER A 15 -8.75 -6.85 9.80
N TYR A 16 -9.75 -6.35 9.07
CA TYR A 16 -11.02 -7.04 8.94
C TYR A 16 -11.48 -7.07 7.49
N GLY A 17 -12.43 -7.96 7.20
CA GLY A 17 -12.95 -8.06 5.84
C GLY A 17 -11.88 -8.50 4.86
N GLU A 18 -12.24 -8.53 3.58
CA GLU A 18 -11.31 -8.93 2.52
C GLU A 18 -10.17 -7.93 2.40
N MET A 19 -8.99 -8.33 2.84
CA MET A 19 -7.81 -7.47 2.78
C MET A 19 -6.79 -8.01 1.79
N VAL A 20 -6.15 -7.10 1.04
CA VAL A 20 -5.16 -7.49 0.05
C VAL A 20 -3.75 -7.15 0.53
N GLY A 21 -3.00 -8.18 0.89
CA GLY A 21 -1.64 -7.97 1.36
C GLY A 21 -0.72 -7.44 0.28
N CYS A 22 0.01 -6.37 0.59
CA CYS A 22 0.93 -5.77 -0.37
C CYS A 22 1.99 -6.76 -0.81
N ASP A 23 2.05 -7.05 -2.10
CA ASP A 23 3.03 -7.98 -2.65
C ASP A 23 4.40 -7.76 -2.02
N ASN A 24 4.72 -6.50 -1.73
CA ASN A 24 6.01 -6.17 -1.12
C ASN A 24 5.97 -6.41 0.38
N GLN A 25 6.58 -7.51 0.82
CA GLN A 25 6.62 -7.85 2.24
C GLN A 25 7.24 -6.72 3.05
N ASP A 26 8.16 -6.00 2.43
CA ASP A 26 8.83 -4.89 3.11
C ASP A 26 7.82 -3.83 3.55
N CYS A 27 6.64 -3.85 2.93
CA CYS A 27 5.60 -2.89 3.26
C CYS A 27 5.30 -2.90 4.76
N PRO A 28 5.18 -1.70 5.35
CA PRO A 28 4.89 -1.55 6.77
C PRO A 28 3.47 -1.96 7.14
N ILE A 29 2.60 -1.98 6.14
CA ILE A 29 1.21 -2.37 6.34
C ILE A 29 0.93 -3.76 5.78
N GLU A 30 1.25 -3.95 4.50
CA GLU A 30 1.04 -5.23 3.85
C GLU A 30 -0.39 -5.72 4.07
N TRP A 31 -1.31 -4.79 4.24
CA TRP A 31 -2.72 -5.13 4.47
C TRP A 31 -3.61 -3.90 4.28
N PHE A 32 -4.31 -3.87 3.16
CA PHE A 32 -5.21 -2.75 2.85
C PHE A 32 -6.60 -3.25 2.47
N HIS A 33 -7.62 -2.50 2.86
CA HIS A 33 -9.00 -2.88 2.54
C HIS A 33 -9.29 -2.71 1.06
N TYR A 34 -10.21 -3.51 0.55
CA TYR A 34 -10.58 -3.46 -0.87
C TYR A 34 -11.27 -2.14 -1.20
N GLY A 35 -12.10 -1.66 -0.26
CA GLY A 35 -12.80 -0.42 -0.47
C GLY A 35 -11.92 0.81 -0.31
N CYS A 36 -10.84 0.64 0.46
CA CYS A 36 -9.92 1.74 0.70
C CYS A 36 -9.00 1.95 -0.50
N VAL A 37 -8.56 0.84 -1.10
CA VAL A 37 -7.68 0.91 -2.26
C VAL A 37 -8.48 0.91 -3.55
N GLY A 38 -9.68 0.35 -3.50
CA GLY A 38 -10.53 0.29 -4.68
C GLY A 38 -10.32 -0.98 -5.49
N LEU A 39 -10.74 -2.10 -4.92
CA LEU A 39 -10.59 -3.39 -5.59
C LEU A 39 -11.91 -4.16 -5.58
N THR A 40 -12.76 -3.87 -6.56
CA THR A 40 -14.06 -4.53 -6.66
C THR A 40 -13.91 -6.05 -6.52
N GLU A 41 -12.74 -6.56 -6.89
CA GLU A 41 -12.48 -7.99 -6.81
C GLU A 41 -10.99 -8.26 -6.67
N ALA A 42 -10.63 -9.53 -6.57
CA ALA A 42 -9.23 -9.93 -6.44
C ALA A 42 -8.44 -9.62 -7.71
N PRO A 43 -7.30 -8.96 -7.55
CA PRO A 43 -6.42 -8.59 -8.67
C PRO A 43 -5.75 -9.80 -9.31
N LYS A 44 -5.99 -9.98 -10.61
CA LYS A 44 -5.40 -11.09 -11.34
C LYS A 44 -3.88 -11.06 -11.26
N GLY A 45 -3.29 -9.96 -11.69
CA GLY A 45 -1.84 -9.82 -11.65
C GLY A 45 -1.33 -9.46 -10.27
N LYS A 46 -0.20 -8.74 -10.23
CA LYS A 46 0.39 -8.34 -8.96
C LYS A 46 -0.14 -6.98 -8.53
N TRP A 47 -0.64 -6.92 -7.29
CA TRP A 47 -1.19 -5.67 -6.76
C TRP A 47 -0.21 -5.03 -5.77
N TYR A 48 -0.01 -3.72 -5.92
CA TYR A 48 0.90 -2.99 -5.06
C TYR A 48 0.20 -1.79 -4.41
N CYS A 49 0.11 -1.81 -3.09
CA CYS A 49 -0.54 -0.74 -2.34
C CYS A 49 -0.15 0.62 -2.92
N PRO A 50 -1.01 1.62 -2.70
CA PRO A 50 -0.78 3.00 -3.18
C PRO A 50 0.37 3.68 -2.45
N GLN A 51 0.83 3.06 -1.36
CA GLN A 51 1.93 3.62 -0.57
C GLN A 51 3.27 3.26 -1.19
N CYS A 52 3.32 2.14 -1.90
CA CYS A 52 4.54 1.68 -2.53
C CYS A 52 4.65 2.23 -3.96
N THR A 53 3.64 1.95 -4.77
CA THR A 53 3.62 2.41 -6.15
C THR A 53 3.99 3.89 -6.24
N ALA A 54 3.66 4.64 -5.19
CA ALA A 54 3.96 6.07 -5.15
C ALA A 54 5.44 6.32 -4.86
N ALA A 55 5.99 5.53 -3.94
CA ALA A 55 7.39 5.66 -3.56
C ALA A 55 8.31 5.16 -4.67
N MET A 56 8.01 3.97 -5.18
CA MET A 56 8.80 3.37 -6.25
C MET A 56 8.87 4.30 -7.46
N LYS A 57 7.75 4.94 -7.77
CA LYS A 57 7.68 5.86 -8.89
C LYS A 57 8.60 7.06 -8.68
N ARG A 58 8.51 7.67 -7.50
CA ARG A 58 9.33 8.83 -7.17
C ARG A 58 10.77 8.62 -7.63
N ARG A 59 11.33 7.48 -7.26
CA ARG A 59 12.71 7.15 -7.63
C ARG A 59 12.88 7.12 -9.14
N GLY A 60 11.81 6.71 -9.84
CA GLY A 60 11.86 6.64 -11.29
C GLY A 60 12.51 7.86 -11.91
N SER A 61 13.77 7.72 -12.31
CA SER A 61 14.51 8.82 -12.91
C SER A 61 15.73 8.32 -13.67
N ARG A 62 16.25 9.14 -14.57
CA ARG A 62 17.41 8.77 -15.36
C ARG A 62 18.64 8.59 -14.48
N HIS A 63 18.76 7.41 -13.86
CA HIS A 63 19.88 7.11 -12.98
C HIS A 63 20.00 5.61 -12.75
N LYS A 64 21.22 5.10 -12.87
CA LYS A 64 21.47 3.68 -12.67
C LYS A 64 21.62 3.35 -11.19
N SER A 65 20.59 2.74 -10.62
CA SER A 65 20.60 2.37 -9.21
C SER A 65 20.30 0.89 -9.03
N GLY A 66 21.34 0.07 -9.11
CA GLY A 66 21.16 -1.36 -8.96
C GLY A 66 21.10 -2.09 -10.29
N PRO A 67 20.71 -3.37 -10.25
CA PRO A 67 20.60 -4.20 -11.45
C PRO A 67 19.45 -3.76 -12.35
N SER A 68 19.72 -3.67 -13.64
CA SER A 68 18.71 -3.26 -14.61
C SER A 68 17.51 -4.19 -14.57
N SER A 69 16.36 -3.69 -15.01
CA SER A 69 15.13 -4.47 -15.01
C SER A 69 15.37 -5.86 -15.58
N GLY A 70 15.94 -5.91 -16.78
CA GLY A 70 16.21 -7.18 -17.42
C GLY A 70 15.38 -7.39 -18.67
N GLY A 1 -9.14 4.81 28.48
CA GLY A 1 -8.37 3.62 28.80
C GLY A 1 -8.21 2.71 27.60
N SER A 2 -6.97 2.60 27.11
CA SER A 2 -6.69 1.76 25.95
C SER A 2 -6.22 0.38 26.39
N SER A 3 -6.66 -0.65 25.67
CA SER A 3 -6.29 -2.02 25.98
C SER A 3 -5.23 -2.54 25.02
N GLY A 4 -5.39 -2.21 23.74
CA GLY A 4 -4.43 -2.64 22.73
C GLY A 4 -4.59 -1.91 21.42
N SER A 5 -3.78 -0.87 21.22
CA SER A 5 -3.85 -0.07 20.01
C SER A 5 -3.76 -0.97 18.77
N SER A 6 -4.25 -0.45 17.65
CA SER A 6 -4.23 -1.21 16.40
C SER A 6 -4.38 -0.28 15.20
N GLY A 7 -4.08 -0.79 14.01
CA GLY A 7 -4.18 0.01 12.81
C GLY A 7 -3.20 -0.42 11.73
N TYR A 8 -3.69 -1.17 10.75
CA TYR A 8 -2.84 -1.65 9.67
C TYR A 8 -3.10 -0.86 8.38
N CYS A 9 -4.27 -1.07 7.80
CA CYS A 9 -4.64 -0.38 6.56
C CYS A 9 -4.29 1.10 6.65
N ILE A 10 -4.25 1.77 5.50
CA ILE A 10 -3.93 3.18 5.44
C ILE A 10 -4.85 4.00 6.35
N CYS A 11 -6.03 3.44 6.63
CA CYS A 11 -7.01 4.10 7.49
C CYS A 11 -6.73 3.81 8.96
N ASN A 12 -5.55 3.25 9.24
CA ASN A 12 -5.16 2.91 10.60
C ASN A 12 -6.27 2.16 11.32
N GLN A 13 -6.72 1.07 10.71
CA GLN A 13 -7.79 0.25 11.29
C GLN A 13 -7.38 -1.22 11.35
N VAL A 14 -8.05 -1.97 12.21
CA VAL A 14 -7.75 -3.39 12.37
C VAL A 14 -7.84 -4.12 11.04
N SER A 15 -7.10 -5.23 10.93
CA SER A 15 -7.08 -6.02 9.70
C SER A 15 -8.31 -6.93 9.63
N TYR A 16 -9.41 -6.39 9.11
CA TYR A 16 -10.65 -7.15 8.99
C TYR A 16 -11.12 -7.20 7.54
N GLY A 17 -12.18 -7.95 7.28
CA GLY A 17 -12.72 -8.06 5.94
C GLY A 17 -11.67 -8.47 4.93
N GLU A 18 -12.07 -8.58 3.67
CA GLU A 18 -11.16 -8.98 2.60
C GLU A 18 -10.03 -7.97 2.45
N MET A 19 -8.82 -8.38 2.81
CA MET A 19 -7.65 -7.50 2.72
C MET A 19 -6.66 -8.03 1.68
N VAL A 20 -6.05 -7.11 0.94
CA VAL A 20 -5.08 -7.48 -0.08
C VAL A 20 -3.65 -7.20 0.38
N GLY A 21 -2.90 -8.27 0.67
CA GLY A 21 -1.54 -8.12 1.12
C GLY A 21 -0.64 -7.53 0.05
N CYS A 22 -0.06 -6.37 0.34
CA CYS A 22 0.83 -5.70 -0.61
C CYS A 22 1.94 -6.65 -1.08
N ASP A 23 2.15 -6.69 -2.39
CA ASP A 23 3.18 -7.55 -2.97
C ASP A 23 4.54 -7.24 -2.36
N ASN A 24 4.81 -5.96 -2.12
CA ASN A 24 6.08 -5.53 -1.55
C ASN A 24 6.16 -5.90 -0.07
N GLN A 25 6.89 -6.96 0.24
CA GLN A 25 7.04 -7.42 1.61
C GLN A 25 7.69 -6.34 2.47
N ASP A 26 8.30 -5.36 1.82
CA ASP A 26 8.95 -4.26 2.52
C ASP A 26 7.92 -3.26 3.05
N CYS A 27 6.67 -3.44 2.64
CA CYS A 27 5.60 -2.55 3.07
C CYS A 27 5.39 -2.62 4.58
N PRO A 28 5.25 -1.46 5.21
CA PRO A 28 5.05 -1.36 6.67
C PRO A 28 3.68 -1.87 7.10
N ILE A 29 2.77 -2.00 6.14
CA ILE A 29 1.43 -2.48 6.42
C ILE A 29 1.21 -3.87 5.86
N GLU A 30 1.50 -4.04 4.57
CA GLU A 30 1.33 -5.32 3.90
C GLU A 30 -0.12 -5.78 3.95
N TRP A 31 -1.02 -4.82 4.07
CA TRP A 31 -2.45 -5.13 4.14
C TRP A 31 -3.28 -3.88 3.89
N PHE A 32 -4.24 -3.97 2.98
CA PHE A 32 -5.11 -2.85 2.67
C PHE A 32 -6.53 -3.33 2.33
N HIS A 33 -7.52 -2.55 2.76
CA HIS A 33 -8.92 -2.90 2.51
C HIS A 33 -9.27 -2.70 1.04
N TYR A 34 -10.17 -3.54 0.55
CA TYR A 34 -10.59 -3.47 -0.85
C TYR A 34 -11.33 -2.16 -1.13
N GLY A 35 -12.08 -1.69 -0.14
CA GLY A 35 -12.81 -0.45 -0.29
C GLY A 35 -11.94 0.78 -0.17
N CYS A 36 -10.85 0.65 0.60
CA CYS A 36 -9.93 1.75 0.80
C CYS A 36 -9.06 1.96 -0.44
N VAL A 37 -8.64 0.87 -1.06
CA VAL A 37 -7.81 0.93 -2.25
C VAL A 37 -8.65 0.93 -3.52
N GLY A 38 -9.87 0.42 -3.41
CA GLY A 38 -10.76 0.37 -4.55
C GLY A 38 -10.58 -0.89 -5.38
N LEU A 39 -11.04 -2.02 -4.84
CA LEU A 39 -10.92 -3.29 -5.54
C LEU A 39 -12.20 -4.10 -5.40
N THR A 40 -12.93 -4.24 -6.51
CA THR A 40 -14.17 -5.00 -6.51
C THR A 40 -13.91 -6.49 -6.32
N GLU A 41 -12.85 -6.98 -6.93
CA GLU A 41 -12.48 -8.39 -6.83
C GLU A 41 -10.97 -8.56 -6.74
N ALA A 42 -10.53 -9.76 -6.36
CA ALA A 42 -9.12 -10.06 -6.24
C ALA A 42 -8.39 -9.79 -7.55
N PRO A 43 -7.28 -9.03 -7.46
CA PRO A 43 -6.47 -8.69 -8.63
C PRO A 43 -5.73 -9.89 -9.20
N LYS A 44 -6.15 -10.33 -10.38
CA LYS A 44 -5.51 -11.48 -11.03
C LYS A 44 -4.00 -11.31 -11.08
N GLY A 45 -3.54 -10.19 -11.62
CA GLY A 45 -2.12 -9.93 -11.71
C GLY A 45 -1.53 -9.48 -10.38
N LYS A 46 -0.47 -8.69 -10.46
CA LYS A 46 0.19 -8.18 -9.26
C LYS A 46 -0.35 -6.81 -8.87
N TRP A 47 -0.69 -6.65 -7.60
CA TRP A 47 -1.24 -5.39 -7.11
C TRP A 47 -0.30 -4.77 -6.08
N TYR A 48 -0.01 -3.48 -6.27
CA TYR A 48 0.88 -2.76 -5.35
C TYR A 48 0.15 -1.59 -4.69
N CYS A 49 0.06 -1.63 -3.37
CA CYS A 49 -0.60 -0.58 -2.61
C CYS A 49 -0.19 0.80 -3.12
N PRO A 50 -1.05 1.81 -2.89
CA PRO A 50 -0.79 3.19 -3.31
C PRO A 50 0.34 3.84 -2.52
N GLN A 51 0.76 3.17 -1.45
CA GLN A 51 1.83 3.69 -0.61
C GLN A 51 3.20 3.38 -1.22
N CYS A 52 3.27 2.26 -1.94
CA CYS A 52 4.52 1.84 -2.57
C CYS A 52 4.65 2.45 -3.97
N THR A 53 3.65 2.20 -4.81
CA THR A 53 3.65 2.72 -6.17
C THR A 53 4.05 4.20 -6.20
N ALA A 54 3.66 4.93 -5.16
CA ALA A 54 3.99 6.35 -5.07
C ALA A 54 5.48 6.55 -4.83
N ALA A 55 6.07 5.68 -4.02
CA ALA A 55 7.49 5.77 -3.72
C ALA A 55 8.34 5.26 -4.88
N MET A 56 7.93 4.12 -5.45
CA MET A 56 8.66 3.54 -6.58
C MET A 56 8.61 4.46 -7.79
N LYS A 57 7.50 5.17 -7.95
CA LYS A 57 7.33 6.08 -9.07
C LYS A 57 8.26 7.29 -8.94
N ARG A 58 8.44 7.76 -7.71
CA ARG A 58 9.31 8.90 -7.46
C ARG A 58 10.76 8.57 -7.77
N ARG A 59 11.33 7.64 -7.01
CA ARG A 59 12.71 7.23 -7.22
C ARG A 59 12.93 6.72 -8.63
N GLY A 60 11.85 6.23 -9.26
CA GLY A 60 11.95 5.73 -10.61
C GLY A 60 12.74 6.65 -11.52
N SER A 61 13.96 6.27 -11.83
CA SER A 61 14.83 7.07 -12.70
C SER A 61 15.90 6.21 -13.35
N ARG A 62 16.11 6.42 -14.64
CA ARG A 62 17.12 5.66 -15.38
C ARG A 62 18.49 5.76 -14.71
N HIS A 63 18.98 6.99 -14.56
CA HIS A 63 20.27 7.22 -13.93
C HIS A 63 20.10 7.81 -12.54
N LYS A 64 20.75 7.17 -11.56
CA LYS A 64 20.67 7.63 -10.17
C LYS A 64 22.06 7.91 -9.62
N SER A 65 22.54 9.15 -9.82
CA SER A 65 23.85 9.54 -9.34
C SER A 65 23.86 11.02 -8.95
N GLY A 66 24.97 11.46 -8.35
CA GLY A 66 25.08 12.85 -7.94
C GLY A 66 25.60 12.98 -6.52
N PRO A 67 26.20 14.14 -6.22
CA PRO A 67 26.75 14.42 -4.89
C PRO A 67 25.66 14.60 -3.83
N SER A 68 25.71 13.78 -2.79
CA SER A 68 24.72 13.85 -1.72
C SER A 68 25.07 14.95 -0.73
N SER A 69 25.42 16.12 -1.25
CA SER A 69 25.78 17.26 -0.43
C SER A 69 24.56 17.81 0.32
N GLY A 70 24.80 18.49 1.44
CA GLY A 70 23.71 19.04 2.21
C GLY A 70 23.93 18.90 3.71
N GLY A 1 -17.33 2.61 12.79
CA GLY A 1 -16.34 1.74 13.39
C GLY A 1 -15.59 2.42 14.52
N SER A 2 -15.36 1.68 15.61
CA SER A 2 -14.66 2.22 16.76
C SER A 2 -13.16 2.26 16.51
N SER A 3 -12.44 2.96 17.39
CA SER A 3 -10.99 3.08 17.26
C SER A 3 -10.30 2.79 18.59
N GLY A 4 -9.17 2.09 18.51
CA GLY A 4 -8.43 1.76 19.72
C GLY A 4 -6.95 2.08 19.60
N SER A 5 -6.11 1.13 19.97
CA SER A 5 -4.66 1.33 19.92
C SER A 5 -4.03 0.38 18.90
N SER A 6 -4.68 0.22 17.76
CA SER A 6 -4.18 -0.66 16.70
C SER A 6 -4.68 -0.19 15.33
N GLY A 7 -3.93 -0.54 14.30
CA GLY A 7 -4.31 -0.16 12.95
C GLY A 7 -3.30 -0.62 11.91
N TYR A 8 -3.79 -1.01 10.74
CA TYR A 8 -2.92 -1.48 9.67
C TYR A 8 -3.18 -0.70 8.38
N CYS A 9 -4.35 -0.95 7.78
CA CYS A 9 -4.73 -0.27 6.54
C CYS A 9 -4.40 1.21 6.61
N ILE A 10 -4.36 1.85 5.44
CA ILE A 10 -4.07 3.28 5.37
C ILE A 10 -5.01 4.09 6.24
N CYS A 11 -6.15 3.49 6.58
CA CYS A 11 -7.15 4.16 7.41
C CYS A 11 -6.87 3.91 8.89
N ASN A 12 -5.70 3.35 9.19
CA ASN A 12 -5.32 3.06 10.57
C ASN A 12 -6.41 2.27 11.27
N GLN A 13 -6.85 1.18 10.65
CA GLN A 13 -7.89 0.33 11.23
C GLN A 13 -7.43 -1.12 11.31
N VAL A 14 -8.06 -1.88 12.20
CA VAL A 14 -7.72 -3.29 12.38
C VAL A 14 -7.83 -4.05 11.06
N SER A 15 -7.08 -5.15 10.96
CA SER A 15 -7.10 -5.97 9.76
C SER A 15 -8.30 -6.90 9.74
N TYR A 16 -9.39 -6.46 9.13
CA TYR A 16 -10.61 -7.25 9.05
C TYR A 16 -11.11 -7.35 7.62
N GLY A 17 -12.18 -8.11 7.41
CA GLY A 17 -12.73 -8.28 6.08
C GLY A 17 -11.69 -8.71 5.07
N GLU A 18 -12.04 -8.61 3.78
CA GLU A 18 -11.13 -9.01 2.72
C GLU A 18 -10.01 -7.99 2.54
N MET A 19 -8.79 -8.39 2.88
CA MET A 19 -7.64 -7.51 2.75
C MET A 19 -6.65 -8.03 1.71
N VAL A 20 -6.06 -7.12 0.96
CA VAL A 20 -5.10 -7.49 -0.07
C VAL A 20 -3.68 -7.16 0.36
N GLY A 21 -2.91 -8.19 0.69
CA GLY A 21 -1.53 -7.99 1.12
C GLY A 21 -0.68 -7.37 0.04
N CYS A 22 0.03 -6.30 0.38
CA CYS A 22 0.90 -5.61 -0.56
C CYS A 22 2.05 -6.51 -1.00
N ASP A 23 2.08 -6.83 -2.29
CA ASP A 23 3.13 -7.67 -2.84
C ASP A 23 4.48 -7.33 -2.23
N ASN A 24 4.73 -6.03 -2.05
CA ASN A 24 5.98 -5.56 -1.47
C ASN A 24 6.07 -5.90 0.01
N GLN A 25 6.81 -6.95 0.34
CA GLN A 25 6.98 -7.38 1.72
C GLN A 25 7.59 -6.26 2.56
N ASP A 26 8.24 -5.31 1.90
CA ASP A 26 8.88 -4.20 2.59
C ASP A 26 7.83 -3.20 3.07
N CYS A 27 6.58 -3.41 2.68
CA CYS A 27 5.49 -2.54 3.07
C CYS A 27 5.30 -2.53 4.58
N PRO A 28 5.15 -1.34 5.16
CA PRO A 28 4.95 -1.18 6.61
C PRO A 28 3.59 -1.68 7.08
N ILE A 29 2.69 -1.88 6.12
CA ILE A 29 1.34 -2.37 6.44
C ILE A 29 1.12 -3.77 5.89
N GLU A 30 1.46 -3.96 4.61
CA GLU A 30 1.30 -5.26 3.97
C GLU A 30 -0.16 -5.72 4.02
N TRP A 31 -1.06 -4.76 4.14
CA TRP A 31 -2.49 -5.06 4.20
C TRP A 31 -3.33 -3.82 3.95
N PHE A 32 -4.27 -3.94 3.01
CA PHE A 32 -5.14 -2.81 2.67
C PHE A 32 -6.54 -3.30 2.33
N HIS A 33 -7.55 -2.54 2.75
CA HIS A 33 -8.94 -2.88 2.49
C HIS A 33 -9.28 -2.73 1.01
N TYR A 34 -10.22 -3.54 0.54
CA TYR A 34 -10.63 -3.50 -0.86
C TYR A 34 -11.36 -2.20 -1.17
N GLY A 35 -12.07 -1.67 -0.18
CA GLY A 35 -12.81 -0.44 -0.37
C GLY A 35 -11.93 0.79 -0.23
N CYS A 36 -10.87 0.67 0.56
CA CYS A 36 -9.95 1.78 0.77
C CYS A 36 -9.04 1.97 -0.44
N VAL A 37 -8.69 0.86 -1.10
CA VAL A 37 -7.83 0.91 -2.27
C VAL A 37 -8.65 0.90 -3.56
N GLY A 38 -9.88 0.40 -3.45
CA GLY A 38 -10.75 0.34 -4.62
C GLY A 38 -10.57 -0.93 -5.42
N LEU A 39 -11.10 -2.04 -4.90
CA LEU A 39 -10.99 -3.32 -5.57
C LEU A 39 -12.27 -4.14 -5.40
N THR A 40 -12.97 -4.38 -6.51
CA THR A 40 -14.20 -5.15 -6.49
C THR A 40 -13.94 -6.62 -6.21
N GLU A 41 -12.80 -7.11 -6.69
CA GLU A 41 -12.43 -8.51 -6.49
C GLU A 41 -10.92 -8.66 -6.44
N ALA A 42 -10.46 -9.90 -6.27
CA ALA A 42 -9.03 -10.18 -6.20
C ALA A 42 -8.35 -9.87 -7.54
N PRO A 43 -7.26 -9.09 -7.48
CA PRO A 43 -6.50 -8.71 -8.67
C PRO A 43 -5.74 -9.88 -9.27
N LYS A 44 -6.11 -10.26 -10.49
CA LYS A 44 -5.47 -11.37 -11.18
C LYS A 44 -3.95 -11.22 -11.14
N GLY A 45 -3.46 -10.12 -11.71
CA GLY A 45 -2.02 -9.88 -11.73
C GLY A 45 -1.49 -9.44 -10.38
N LYS A 46 -0.36 -8.74 -10.39
CA LYS A 46 0.26 -8.25 -9.16
C LYS A 46 -0.32 -6.90 -8.77
N TRP A 47 -0.61 -6.75 -7.47
CA TRP A 47 -1.17 -5.51 -6.95
C TRP A 47 -0.23 -4.86 -5.95
N TYR A 48 -0.12 -3.54 -6.00
CA TYR A 48 0.75 -2.80 -5.08
C TYR A 48 0.02 -1.61 -4.47
N CYS A 49 -0.02 -1.57 -3.15
CA CYS A 49 -0.68 -0.48 -2.44
C CYS A 49 -0.27 0.87 -3.01
N PRO A 50 -1.13 1.89 -2.82
CA PRO A 50 -0.87 3.25 -3.30
C PRO A 50 0.26 3.93 -2.54
N GLN A 51 0.67 3.32 -1.43
CA GLN A 51 1.73 3.88 -0.60
C GLN A 51 3.10 3.53 -1.18
N CYS A 52 3.19 2.39 -1.85
CA CYS A 52 4.44 1.95 -2.46
C CYS A 52 4.59 2.50 -3.86
N THR A 53 3.62 2.18 -4.72
CA THR A 53 3.64 2.65 -6.11
C THR A 53 4.03 4.12 -6.19
N ALA A 54 3.66 4.88 -5.16
CA ALA A 54 3.97 6.30 -5.11
C ALA A 54 5.44 6.53 -4.82
N ALA A 55 6.00 5.72 -3.93
CA ALA A 55 7.40 5.84 -3.55
C ALA A 55 8.31 5.30 -4.65
N MET A 56 7.95 4.14 -5.19
CA MET A 56 8.74 3.51 -6.25
C MET A 56 8.79 4.41 -7.49
N LYS A 57 7.68 5.07 -7.78
CA LYS A 57 7.60 5.96 -8.93
C LYS A 57 8.55 7.14 -8.77
N ARG A 58 8.53 7.77 -7.61
CA ARG A 58 9.40 8.91 -7.33
C ARG A 58 10.84 8.60 -7.74
N ARG A 59 11.39 7.52 -7.20
CA ARG A 59 12.76 7.12 -7.52
C ARG A 59 12.90 6.78 -8.99
N GLY A 60 11.84 6.25 -9.58
CA GLY A 60 11.87 5.89 -10.99
C GLY A 60 12.15 7.08 -11.89
N SER A 61 11.13 7.55 -12.59
CA SER A 61 11.28 8.69 -13.49
C SER A 61 9.92 9.11 -14.05
N ARG A 62 9.52 10.34 -13.73
CA ARG A 62 8.24 10.88 -14.20
C ARG A 62 8.33 11.28 -15.67
N HIS A 63 9.28 12.16 -15.97
CA HIS A 63 9.47 12.63 -17.34
C HIS A 63 8.28 13.46 -17.80
N LYS A 64 7.78 14.31 -16.90
CA LYS A 64 6.64 15.17 -17.21
C LYS A 64 7.10 16.49 -17.83
N SER A 65 6.18 17.18 -18.49
CA SER A 65 6.48 18.46 -19.12
C SER A 65 7.46 19.27 -18.27
N GLY A 66 8.54 19.74 -18.90
CA GLY A 66 9.53 20.52 -18.19
C GLY A 66 9.64 21.93 -18.72
N PRO A 67 10.84 22.30 -19.20
CA PRO A 67 11.10 23.63 -19.75
C PRO A 67 10.39 23.88 -21.07
N SER A 68 9.18 24.42 -21.00
CA SER A 68 8.40 24.70 -22.19
C SER A 68 9.24 25.39 -23.25
N SER A 69 9.89 26.48 -22.87
CA SER A 69 10.74 27.23 -23.79
C SER A 69 12.22 27.05 -23.46
N GLY A 70 13.00 26.66 -24.45
CA GLY A 70 14.43 26.45 -24.24
C GLY A 70 15.25 26.79 -25.46
N GLY A 1 1.94 10.98 25.75
CA GLY A 1 2.37 9.67 25.28
C GLY A 1 1.31 8.99 24.43
N SER A 2 1.75 8.16 23.49
CA SER A 2 0.84 7.44 22.61
C SER A 2 0.73 5.97 23.00
N SER A 3 -0.17 5.68 23.93
CA SER A 3 -0.38 4.32 24.40
C SER A 3 -0.17 3.32 23.27
N GLY A 4 -0.98 3.45 22.23
CA GLY A 4 -0.89 2.55 21.09
C GLY A 4 -2.20 1.86 20.76
N SER A 5 -2.55 1.84 19.48
CA SER A 5 -3.79 1.23 19.04
C SER A 5 -3.56 0.32 17.83
N SER A 6 -4.52 -0.53 17.54
CA SER A 6 -4.41 -1.45 16.41
C SER A 6 -4.85 -0.78 15.12
N GLY A 7 -3.97 -0.79 14.12
CA GLY A 7 -4.29 -0.18 12.85
C GLY A 7 -3.28 -0.54 11.77
N TYR A 8 -3.72 -1.28 10.76
CA TYR A 8 -2.85 -1.69 9.67
C TYR A 8 -3.13 -0.88 8.41
N CYS A 9 -4.30 -1.09 7.83
CA CYS A 9 -4.69 -0.37 6.61
C CYS A 9 -4.38 1.11 6.74
N ILE A 10 -4.37 1.80 5.61
CA ILE A 10 -4.08 3.24 5.59
C ILE A 10 -5.02 3.99 6.51
N CYS A 11 -6.21 3.44 6.73
CA CYS A 11 -7.20 4.06 7.60
C CYS A 11 -6.91 3.75 9.07
N ASN A 12 -5.73 3.20 9.33
CA ASN A 12 -5.33 2.85 10.68
C ASN A 12 -6.43 2.05 11.38
N GLN A 13 -6.90 0.99 10.74
CA GLN A 13 -7.95 0.15 11.30
C GLN A 13 -7.51 -1.31 11.33
N VAL A 14 -8.15 -2.09 12.19
CA VAL A 14 -7.84 -3.51 12.33
C VAL A 14 -7.96 -4.22 10.98
N SER A 15 -7.24 -5.33 10.85
CA SER A 15 -7.28 -6.12 9.62
C SER A 15 -8.53 -6.96 9.53
N TYR A 16 -9.57 -6.42 8.90
CA TYR A 16 -10.84 -7.12 8.76
C TYR A 16 -11.28 -7.14 7.31
N GLY A 17 -12.38 -7.85 7.04
CA GLY A 17 -12.89 -7.93 5.69
C GLY A 17 -11.83 -8.33 4.69
N GLU A 18 -12.20 -8.36 3.41
CA GLU A 18 -11.27 -8.74 2.35
C GLU A 18 -10.07 -7.78 2.32
N MET A 19 -8.89 -8.31 2.56
CA MET A 19 -7.67 -7.51 2.56
C MET A 19 -6.68 -8.02 1.52
N VAL A 20 -5.97 -7.10 0.87
CA VAL A 20 -5.00 -7.46 -0.14
C VAL A 20 -3.58 -7.13 0.31
N GLY A 21 -2.81 -8.16 0.65
CA GLY A 21 -1.45 -7.97 1.09
C GLY A 21 -0.55 -7.39 0.02
N CYS A 22 0.16 -6.32 0.36
CA CYS A 22 1.05 -5.66 -0.59
C CYS A 22 2.15 -6.62 -1.06
N ASP A 23 2.25 -6.78 -2.38
CA ASP A 23 3.26 -7.67 -2.95
C ASP A 23 4.62 -7.46 -2.28
N ASN A 24 4.93 -6.20 -1.97
CA ASN A 24 6.19 -5.88 -1.32
C ASN A 24 6.15 -6.20 0.17
N GLN A 25 6.75 -7.32 0.54
CA GLN A 25 6.78 -7.75 1.94
C GLN A 25 7.37 -6.67 2.82
N ASP A 26 8.29 -5.89 2.26
CA ASP A 26 8.94 -4.81 3.00
C ASP A 26 7.92 -3.79 3.48
N CYS A 27 6.78 -3.73 2.79
CA CYS A 27 5.72 -2.79 3.14
C CYS A 27 5.41 -2.85 4.64
N PRO A 28 5.29 -1.68 5.27
CA PRO A 28 4.99 -1.58 6.70
C PRO A 28 3.56 -2.01 7.03
N ILE A 29 2.70 -2.02 6.01
CA ILE A 29 1.31 -2.40 6.19
C ILE A 29 1.06 -3.79 5.60
N GLU A 30 1.41 -3.97 4.33
CA GLU A 30 1.20 -5.23 3.65
C GLU A 30 -0.20 -5.76 3.88
N TRP A 31 -1.14 -4.86 4.12
CA TRP A 31 -2.53 -5.24 4.37
C TRP A 31 -3.45 -4.02 4.24
N PHE A 32 -4.19 -3.96 3.14
CA PHE A 32 -5.11 -2.85 2.90
C PHE A 32 -6.49 -3.36 2.54
N HIS A 33 -7.52 -2.57 2.85
CA HIS A 33 -8.89 -2.94 2.57
C HIS A 33 -9.22 -2.76 1.09
N TYR A 34 -10.17 -3.53 0.59
CA TYR A 34 -10.57 -3.46 -0.81
C TYR A 34 -11.29 -2.14 -1.10
N GLY A 35 -12.12 -1.71 -0.16
CA GLY A 35 -12.85 -0.46 -0.32
C GLY A 35 -11.98 0.76 -0.14
N CYS A 36 -10.88 0.59 0.59
CA CYS A 36 -9.96 1.69 0.84
C CYS A 36 -9.07 1.95 -0.38
N VAL A 37 -8.60 0.87 -0.99
CA VAL A 37 -7.75 0.98 -2.17
C VAL A 37 -8.58 0.95 -3.45
N GLY A 38 -9.78 0.40 -3.36
CA GLY A 38 -10.64 0.32 -4.52
C GLY A 38 -10.41 -0.94 -5.34
N LEU A 39 -10.82 -2.07 -4.80
CA LEU A 39 -10.64 -3.36 -5.48
C LEU A 39 -11.93 -4.17 -5.43
N THR A 40 -12.83 -3.92 -6.37
CA THR A 40 -14.09 -4.63 -6.44
C THR A 40 -13.88 -6.13 -6.33
N GLU A 41 -12.70 -6.59 -6.73
CA GLU A 41 -12.37 -8.01 -6.67
C GLU A 41 -10.86 -8.22 -6.62
N ALA A 42 -10.45 -9.46 -6.40
CA ALA A 42 -9.03 -9.80 -6.33
C ALA A 42 -8.32 -9.46 -7.63
N PRO A 43 -7.19 -8.75 -7.52
CA PRO A 43 -6.39 -8.34 -8.69
C PRO A 43 -5.70 -9.52 -9.36
N LYS A 44 -6.33 -10.04 -10.41
CA LYS A 44 -5.78 -11.18 -11.14
C LYS A 44 -4.26 -11.12 -11.17
N GLY A 45 -3.72 -10.03 -11.71
CA GLY A 45 -2.28 -9.87 -11.79
C GLY A 45 -1.67 -9.48 -10.46
N LYS A 46 -0.69 -8.58 -10.50
CA LYS A 46 -0.02 -8.12 -9.29
C LYS A 46 -0.56 -6.77 -8.84
N TRP A 47 -0.81 -6.64 -7.54
CA TRP A 47 -1.32 -5.40 -6.99
C TRP A 47 -0.35 -4.80 -5.97
N TYR A 48 -0.16 -3.49 -6.03
CA TYR A 48 0.74 -2.81 -5.11
C TYR A 48 0.05 -1.63 -4.44
N CYS A 49 0.08 -1.60 -3.11
CA CYS A 49 -0.54 -0.52 -2.36
C CYS A 49 -0.16 0.84 -2.92
N PRO A 50 -1.00 1.84 -2.67
CA PRO A 50 -0.76 3.21 -3.14
C PRO A 50 0.40 3.88 -2.41
N GLN A 51 0.86 3.24 -1.34
CA GLN A 51 1.97 3.78 -0.56
C GLN A 51 3.31 3.45 -1.21
N CYS A 52 3.36 2.32 -1.90
CA CYS A 52 4.58 1.88 -2.58
C CYS A 52 4.66 2.46 -3.99
N THR A 53 3.63 2.19 -4.79
CA THR A 53 3.57 2.67 -6.16
C THR A 53 3.94 4.16 -6.24
N ALA A 54 3.56 4.90 -5.21
CA ALA A 54 3.86 6.32 -5.15
C ALA A 54 5.35 6.57 -4.93
N ALA A 55 5.95 5.76 -4.08
CA ALA A 55 7.37 5.88 -3.77
C ALA A 55 8.23 5.40 -4.93
N MET A 56 7.90 4.23 -5.46
CA MET A 56 8.63 3.65 -6.57
C MET A 56 8.63 4.60 -7.77
N LYS A 57 7.51 5.26 -8.00
CA LYS A 57 7.37 6.20 -9.11
C LYS A 57 8.40 7.32 -9.00
N ARG A 58 8.46 7.96 -7.83
CA ARG A 58 9.40 9.04 -7.60
C ARG A 58 10.84 8.56 -7.70
N ARG A 59 11.13 7.43 -7.06
CA ARG A 59 12.46 6.86 -7.08
C ARG A 59 12.88 6.49 -8.50
N GLY A 60 11.89 6.08 -9.30
CA GLY A 60 12.17 5.70 -10.68
C GLY A 60 13.25 6.57 -11.31
N SER A 61 13.03 7.87 -11.29
CA SER A 61 14.00 8.81 -11.88
C SER A 61 15.33 8.76 -11.14
N ARG A 62 16.16 7.79 -11.50
CA ARG A 62 17.46 7.62 -10.88
C ARG A 62 18.31 6.61 -11.64
N HIS A 63 19.55 6.43 -11.19
CA HIS A 63 20.47 5.49 -11.83
C HIS A 63 21.05 4.51 -10.81
N LYS A 64 21.25 3.28 -11.24
CA LYS A 64 21.81 2.24 -10.37
C LYS A 64 23.07 1.64 -10.97
N SER A 65 24.22 2.24 -10.65
CA SER A 65 25.49 1.76 -11.17
C SER A 65 26.40 1.30 -10.03
N GLY A 66 26.48 -0.01 -9.84
CA GLY A 66 27.30 -0.56 -8.79
C GLY A 66 26.50 -1.30 -7.73
N PRO A 67 26.81 -2.58 -7.52
CA PRO A 67 26.12 -3.41 -6.53
C PRO A 67 26.43 -3.00 -5.10
N SER A 68 27.63 -2.47 -4.89
CA SER A 68 28.06 -2.04 -3.56
C SER A 68 28.09 -3.22 -2.60
N SER A 69 28.59 -4.35 -3.07
CA SER A 69 28.68 -5.56 -2.25
C SER A 69 30.09 -6.15 -2.31
N GLY A 70 30.58 -6.61 -1.16
CA GLY A 70 31.91 -7.20 -1.11
C GLY A 70 31.89 -8.61 -0.56
N GLY A 1 5.58 11.79 21.35
CA GLY A 1 5.60 10.55 20.58
C GLY A 1 4.67 9.50 21.16
N SER A 2 3.70 9.08 20.36
CA SER A 2 2.73 8.07 20.80
C SER A 2 2.81 6.83 19.93
N SER A 3 3.31 5.74 20.51
CA SER A 3 3.45 4.48 19.79
C SER A 3 2.83 3.33 20.57
N GLY A 4 2.00 2.53 19.90
CA GLY A 4 1.35 1.42 20.55
C GLY A 4 0.01 1.08 19.92
N SER A 5 -0.80 2.10 19.67
CA SER A 5 -2.11 1.91 19.08
C SER A 5 -2.03 0.94 17.89
N SER A 6 -3.18 0.38 17.52
CA SER A 6 -3.24 -0.55 16.40
C SER A 6 -3.65 0.15 15.12
N GLY A 7 -3.43 -0.51 13.99
CA GLY A 7 -3.78 0.08 12.70
C GLY A 7 -2.82 -0.33 11.59
N TYR A 8 -3.31 -1.13 10.66
CA TYR A 8 -2.49 -1.59 9.54
C TYR A 8 -2.78 -0.81 8.28
N CYS A 9 -3.96 -1.02 7.71
CA CYS A 9 -4.36 -0.33 6.49
C CYS A 9 -4.00 1.14 6.56
N ILE A 10 -4.01 1.81 5.41
CA ILE A 10 -3.68 3.23 5.34
C ILE A 10 -4.59 4.05 6.25
N CYS A 11 -5.74 3.47 6.62
CA CYS A 11 -6.70 4.15 7.48
C CYS A 11 -6.40 3.89 8.94
N ASN A 12 -5.21 3.34 9.21
CA ASN A 12 -4.80 3.03 10.57
C ASN A 12 -5.89 2.26 11.31
N GLN A 13 -6.38 1.20 10.68
CA GLN A 13 -7.43 0.37 11.28
C GLN A 13 -7.00 -1.09 11.34
N VAL A 14 -7.64 -1.85 12.22
CA VAL A 14 -7.33 -3.27 12.39
C VAL A 14 -7.46 -4.01 11.06
N SER A 15 -6.76 -5.13 10.95
CA SER A 15 -6.78 -5.94 9.73
C SER A 15 -7.99 -6.86 9.72
N TYR A 16 -9.09 -6.39 9.14
CA TYR A 16 -10.32 -7.18 9.07
C TYR A 16 -10.87 -7.21 7.65
N GLY A 17 -11.94 -7.97 7.46
CA GLY A 17 -12.54 -8.07 6.14
C GLY A 17 -11.56 -8.53 5.08
N GLU A 18 -11.92 -8.34 3.81
CA GLU A 18 -11.06 -8.75 2.70
C GLU A 18 -9.91 -7.76 2.52
N MET A 19 -8.70 -8.21 2.84
CA MET A 19 -7.51 -7.35 2.71
C MET A 19 -6.58 -7.90 1.64
N VAL A 20 -6.01 -6.99 0.84
CA VAL A 20 -5.09 -7.38 -0.23
C VAL A 20 -3.64 -7.15 0.19
N GLY A 21 -2.92 -8.24 0.42
CA GLY A 21 -1.53 -8.14 0.82
C GLY A 21 -0.66 -7.52 -0.26
N CYS A 22 0.05 -6.46 0.09
CA CYS A 22 0.93 -5.78 -0.85
C CYS A 22 2.03 -6.70 -1.35
N ASP A 23 2.13 -6.84 -2.66
CA ASP A 23 3.15 -7.71 -3.27
C ASP A 23 4.52 -7.41 -2.68
N ASN A 24 4.81 -6.13 -2.47
CA ASN A 24 6.10 -5.72 -1.91
C ASN A 24 6.19 -6.07 -0.44
N GLN A 25 6.89 -7.16 -0.13
CA GLN A 25 7.06 -7.60 1.24
C GLN A 25 7.71 -6.51 2.09
N ASP A 26 8.37 -5.57 1.43
CA ASP A 26 9.04 -4.48 2.12
C ASP A 26 8.04 -3.48 2.66
N CYS A 27 6.78 -3.64 2.28
CA CYS A 27 5.71 -2.75 2.74
C CYS A 27 5.54 -2.82 4.25
N PRO A 28 5.43 -1.64 4.88
CA PRO A 28 5.28 -1.54 6.34
C PRO A 28 3.91 -2.04 6.80
N ILE A 29 2.97 -2.13 5.87
CA ILE A 29 1.63 -2.59 6.19
C ILE A 29 1.37 -3.99 5.63
N GLU A 30 1.63 -4.16 4.33
CA GLU A 30 1.44 -5.45 3.68
C GLU A 30 -0.03 -5.88 3.75
N TRP A 31 -0.92 -4.91 3.88
CA TRP A 31 -2.35 -5.18 3.96
C TRP A 31 -3.16 -3.91 3.73
N PHE A 32 -4.15 -3.99 2.85
CA PHE A 32 -5.00 -2.85 2.54
C PHE A 32 -6.43 -3.31 2.25
N HIS A 33 -7.40 -2.54 2.73
CA HIS A 33 -8.81 -2.85 2.52
C HIS A 33 -9.19 -2.66 1.05
N TYR A 34 -10.10 -3.50 0.57
CA TYR A 34 -10.54 -3.43 -0.82
C TYR A 34 -11.27 -2.11 -1.08
N GLY A 35 -11.98 -1.63 -0.08
CA GLY A 35 -12.71 -0.37 -0.22
C GLY A 35 -11.80 0.84 -0.12
N CYS A 36 -10.70 0.69 0.61
CA CYS A 36 -9.76 1.77 0.80
C CYS A 36 -8.91 1.98 -0.46
N VAL A 37 -8.53 0.89 -1.10
CA VAL A 37 -7.73 0.94 -2.31
C VAL A 37 -8.61 0.99 -3.55
N GLY A 38 -9.82 0.46 -3.43
CA GLY A 38 -10.74 0.45 -4.56
C GLY A 38 -10.65 -0.83 -5.38
N LEU A 39 -11.14 -1.92 -4.83
CA LEU A 39 -11.11 -3.20 -5.51
C LEU A 39 -12.41 -3.98 -5.30
N THR A 40 -13.17 -4.18 -6.37
CA THR A 40 -14.43 -4.90 -6.30
C THR A 40 -14.20 -6.40 -6.16
N GLU A 41 -12.99 -6.83 -6.49
CA GLU A 41 -12.64 -8.25 -6.41
C GLU A 41 -11.12 -8.43 -6.39
N ALA A 42 -10.69 -9.70 -6.38
CA ALA A 42 -9.27 -10.01 -6.36
C ALA A 42 -8.61 -9.66 -7.69
N PRO A 43 -7.53 -8.88 -7.63
CA PRO A 43 -6.79 -8.46 -8.83
C PRO A 43 -6.04 -9.61 -9.48
N LYS A 44 -6.64 -10.19 -10.52
CA LYS A 44 -6.03 -11.31 -11.24
C LYS A 44 -4.51 -11.13 -11.32
N GLY A 45 -4.08 -9.99 -11.84
CA GLY A 45 -2.66 -9.73 -11.97
C GLY A 45 -2.03 -9.33 -10.65
N LYS A 46 -0.93 -8.59 -10.72
CA LYS A 46 -0.22 -8.14 -9.53
C LYS A 46 -0.73 -6.78 -9.07
N TRP A 47 -0.99 -6.67 -7.77
CA TRP A 47 -1.48 -5.41 -7.20
C TRP A 47 -0.47 -4.82 -6.22
N TYR A 48 -0.31 -3.51 -6.26
CA TYR A 48 0.63 -2.83 -5.37
C TYR A 48 -0.04 -1.64 -4.70
N CYS A 49 -0.04 -1.64 -3.37
CA CYS A 49 -0.64 -0.56 -2.59
C CYS A 49 -0.21 0.80 -3.15
N PRO A 50 -1.05 1.83 -2.89
CA PRO A 50 -0.77 3.19 -3.35
C PRO A 50 0.40 3.83 -2.63
N GLN A 51 0.86 3.18 -1.55
CA GLN A 51 1.97 3.68 -0.77
C GLN A 51 3.31 3.33 -1.42
N CYS A 52 3.31 2.21 -2.13
CA CYS A 52 4.53 1.75 -2.82
C CYS A 52 4.60 2.31 -4.23
N THR A 53 3.57 2.05 -5.03
CA THR A 53 3.53 2.52 -6.40
C THR A 53 3.89 4.00 -6.48
N ALA A 54 3.60 4.73 -5.41
CA ALA A 54 3.90 6.16 -5.36
C ALA A 54 5.37 6.41 -5.05
N ALA A 55 5.90 5.65 -4.10
CA ALA A 55 7.30 5.78 -3.71
C ALA A 55 8.22 5.31 -4.83
N MET A 56 7.96 4.11 -5.33
CA MET A 56 8.77 3.53 -6.41
C MET A 56 8.81 4.46 -7.61
N LYS A 57 7.69 5.10 -7.90
CA LYS A 57 7.59 6.02 -9.03
C LYS A 57 8.47 7.25 -8.80
N ARG A 58 8.37 7.83 -7.62
CA ARG A 58 9.15 9.01 -7.27
C ARG A 58 10.63 8.77 -7.51
N ARG A 59 11.17 7.71 -6.92
CA ARG A 59 12.58 7.36 -7.07
C ARG A 59 12.79 6.50 -8.31
N GLY A 60 11.74 6.33 -9.10
CA GLY A 60 11.83 5.52 -10.29
C GLY A 60 11.72 6.34 -11.57
N SER A 61 12.77 7.12 -11.85
CA SER A 61 12.79 7.96 -13.04
C SER A 61 14.21 8.22 -13.50
N ARG A 62 14.36 9.03 -14.55
CA ARG A 62 15.68 9.35 -15.08
C ARG A 62 16.26 10.58 -14.38
N HIS A 63 17.14 10.34 -13.42
CA HIS A 63 17.77 11.42 -12.68
C HIS A 63 19.04 10.92 -11.98
N LYS A 64 20.13 11.66 -12.14
CA LYS A 64 21.40 11.31 -11.53
C LYS A 64 21.22 10.93 -10.07
N SER A 65 21.75 9.77 -9.69
CA SER A 65 21.64 9.29 -8.31
C SER A 65 22.89 9.65 -7.52
N GLY A 66 22.69 10.23 -6.33
CA GLY A 66 23.81 10.60 -5.50
C GLY A 66 23.67 10.07 -4.08
N PRO A 67 24.79 10.07 -3.34
CA PRO A 67 24.82 9.59 -1.95
C PRO A 67 24.05 10.51 -1.00
N SER A 68 22.95 10.02 -0.48
CA SER A 68 22.12 10.80 0.45
C SER A 68 21.80 9.99 1.71
N SER A 69 22.75 9.97 2.64
CA SER A 69 22.57 9.23 3.89
C SER A 69 21.86 7.90 3.64
N GLY A 70 22.25 7.22 2.56
CA GLY A 70 21.64 5.94 2.23
C GLY A 70 21.82 4.91 3.33
N GLY A 1 -9.82 -4.42 30.52
CA GLY A 1 -10.54 -3.61 29.57
C GLY A 1 -10.38 -4.10 28.15
N SER A 2 -10.27 -3.17 27.20
CA SER A 2 -10.11 -3.52 25.80
C SER A 2 -8.75 -3.06 25.26
N SER A 3 -8.38 -3.57 24.09
CA SER A 3 -7.11 -3.21 23.48
C SER A 3 -6.91 -1.69 23.48
N GLY A 4 -5.67 -1.27 23.23
CA GLY A 4 -5.37 0.15 23.21
C GLY A 4 -5.44 0.74 21.81
N SER A 5 -4.30 0.77 21.12
CA SER A 5 -4.25 1.31 19.77
C SER A 5 -3.92 0.21 18.75
N SER A 6 -4.72 0.15 17.68
CA SER A 6 -4.53 -0.84 16.64
C SER A 6 -4.94 -0.30 15.28
N GLY A 7 -4.16 -0.61 14.27
CA GLY A 7 -4.45 -0.14 12.92
C GLY A 7 -3.43 -0.61 11.90
N TYR A 8 -3.91 -1.12 10.78
CA TYR A 8 -3.03 -1.61 9.72
C TYR A 8 -3.25 -0.84 8.43
N CYS A 9 -4.42 -1.03 7.83
CA CYS A 9 -4.76 -0.35 6.58
C CYS A 9 -4.42 1.13 6.65
N ILE A 10 -4.36 1.78 5.50
CA ILE A 10 -4.04 3.20 5.44
C ILE A 10 -4.99 4.01 6.31
N CYS A 11 -6.16 3.46 6.58
CA CYS A 11 -7.16 4.13 7.41
C CYS A 11 -6.89 3.87 8.89
N ASN A 12 -5.73 3.30 9.19
CA ASN A 12 -5.37 3.00 10.56
C ASN A 12 -6.48 2.25 11.27
N GLN A 13 -6.94 1.16 10.66
CA GLN A 13 -8.02 0.36 11.24
C GLN A 13 -7.60 -1.10 11.33
N VAL A 14 -8.29 -1.85 12.19
CA VAL A 14 -8.00 -3.27 12.39
C VAL A 14 -8.07 -4.03 11.06
N SER A 15 -7.36 -5.15 10.99
CA SER A 15 -7.34 -5.96 9.78
C SER A 15 -8.57 -6.87 9.72
N TYR A 16 -9.63 -6.39 9.09
CA TYR A 16 -10.86 -7.15 8.96
C TYR A 16 -11.31 -7.23 7.51
N GLY A 17 -12.38 -7.99 7.27
CA GLY A 17 -12.89 -8.13 5.92
C GLY A 17 -11.84 -8.61 4.94
N GLU A 18 -12.09 -8.39 3.65
CA GLU A 18 -11.16 -8.80 2.61
C GLU A 18 -10.00 -7.82 2.49
N MET A 19 -8.80 -8.27 2.83
CA MET A 19 -7.61 -7.43 2.75
C MET A 19 -6.61 -7.97 1.74
N VAL A 20 -6.04 -7.07 0.94
CA VAL A 20 -5.07 -7.47 -0.08
C VAL A 20 -3.65 -7.21 0.40
N GLY A 21 -2.92 -8.29 0.69
CA GLY A 21 -1.55 -8.16 1.14
C GLY A 21 -0.65 -7.56 0.09
N CYS A 22 -0.01 -6.43 0.44
CA CYS A 22 0.88 -5.76 -0.48
C CYS A 22 2.01 -6.69 -0.94
N ASP A 23 2.11 -6.89 -2.25
CA ASP A 23 3.15 -7.76 -2.80
C ASP A 23 4.51 -7.43 -2.21
N ASN A 24 4.74 -6.14 -1.96
CA ASN A 24 6.01 -5.69 -1.40
C ASN A 24 6.08 -5.98 0.10
N GLN A 25 6.79 -7.05 0.45
CA GLN A 25 6.93 -7.44 1.85
C GLN A 25 7.56 -6.31 2.66
N ASP A 26 8.26 -5.41 1.98
CA ASP A 26 8.91 -4.29 2.64
C ASP A 26 7.88 -3.29 3.15
N CYS A 27 6.63 -3.50 2.79
CA CYS A 27 5.54 -2.62 3.20
C CYS A 27 5.35 -2.68 4.72
N PRO A 28 5.21 -1.50 5.34
CA PRO A 28 5.01 -1.39 6.79
C PRO A 28 3.64 -1.90 7.23
N ILE A 29 2.71 -2.01 6.27
CA ILE A 29 1.37 -2.49 6.56
C ILE A 29 1.16 -3.89 6.00
N GLU A 30 1.44 -4.06 4.71
CA GLU A 30 1.28 -5.35 4.06
C GLU A 30 -0.18 -5.80 4.10
N TRP A 31 -1.08 -4.83 4.19
CA TRP A 31 -2.51 -5.12 4.24
C TRP A 31 -3.33 -3.87 3.97
N PHE A 32 -4.27 -3.96 3.03
CA PHE A 32 -5.12 -2.83 2.68
C PHE A 32 -6.52 -3.30 2.30
N HIS A 33 -7.52 -2.54 2.72
CA HIS A 33 -8.92 -2.88 2.43
C HIS A 33 -9.21 -2.69 0.94
N TYR A 34 -10.13 -3.51 0.42
CA TYR A 34 -10.51 -3.44 -0.98
C TYR A 34 -11.20 -2.12 -1.30
N GLY A 35 -11.97 -1.62 -0.32
CA GLY A 35 -12.68 -0.37 -0.50
C GLY A 35 -11.78 0.84 -0.35
N CYS A 36 -10.75 0.71 0.48
CA CYS A 36 -9.81 1.80 0.72
C CYS A 36 -8.88 1.98 -0.46
N VAL A 37 -8.51 0.87 -1.10
CA VAL A 37 -7.61 0.90 -2.25
C VAL A 37 -8.39 0.93 -3.56
N GLY A 38 -9.62 0.42 -3.50
CA GLY A 38 -10.45 0.39 -4.70
C GLY A 38 -10.27 -0.89 -5.50
N LEU A 39 -10.83 -1.99 -5.00
CA LEU A 39 -10.72 -3.27 -5.68
C LEU A 39 -12.02 -4.06 -5.57
N THR A 40 -12.64 -4.34 -6.71
CA THR A 40 -13.89 -5.09 -6.75
C THR A 40 -13.65 -6.57 -6.48
N GLU A 41 -12.56 -7.09 -7.03
CA GLU A 41 -12.22 -8.50 -6.86
C GLU A 41 -10.70 -8.68 -6.70
N ALA A 42 -10.28 -9.92 -6.46
CA ALA A 42 -8.87 -10.22 -6.29
C ALA A 42 -8.09 -9.95 -7.57
N PRO A 43 -7.00 -9.17 -7.45
CA PRO A 43 -6.15 -8.82 -8.59
C PRO A 43 -5.36 -10.01 -9.11
N LYS A 44 -5.90 -10.68 -10.11
CA LYS A 44 -5.24 -11.84 -10.71
C LYS A 44 -3.75 -11.60 -10.85
N GLY A 45 -3.38 -10.46 -11.44
CA GLY A 45 -1.98 -10.13 -11.62
C GLY A 45 -1.31 -9.70 -10.33
N LYS A 46 -0.38 -8.76 -10.43
CA LYS A 46 0.33 -8.26 -9.26
C LYS A 46 -0.20 -6.89 -8.84
N TRP A 47 -0.55 -6.77 -7.57
CA TRP A 47 -1.08 -5.52 -7.03
C TRP A 47 -0.08 -4.87 -6.06
N TYR A 48 -0.13 -3.55 -5.97
CA TYR A 48 0.77 -2.82 -5.08
C TYR A 48 0.06 -1.63 -4.45
N CYS A 49 0.01 -1.62 -3.12
CA CYS A 49 -0.64 -0.54 -2.39
C CYS A 49 -0.21 0.83 -2.93
N PRO A 50 -1.06 1.83 -2.71
CA PRO A 50 -0.79 3.21 -3.17
C PRO A 50 0.35 3.86 -2.40
N GLN A 51 0.78 3.22 -1.31
CA GLN A 51 1.86 3.74 -0.49
C GLN A 51 3.22 3.39 -1.10
N CYS A 52 3.28 2.27 -1.78
CA CYS A 52 4.52 1.82 -2.42
C CYS A 52 4.66 2.42 -3.82
N THR A 53 3.67 2.15 -4.66
CA THR A 53 3.68 2.66 -6.03
C THR A 53 4.10 4.13 -6.07
N ALA A 54 3.66 4.89 -5.06
CA ALA A 54 3.98 6.30 -4.99
C ALA A 54 5.47 6.51 -4.70
N ALA A 55 6.04 5.63 -3.89
CA ALA A 55 7.45 5.71 -3.54
C ALA A 55 8.34 5.21 -4.68
N MET A 56 7.94 4.08 -5.27
CA MET A 56 8.70 3.50 -6.37
C MET A 56 8.72 4.44 -7.57
N LYS A 57 7.60 5.10 -7.82
CA LYS A 57 7.49 6.04 -8.93
C LYS A 57 8.48 7.20 -8.77
N ARG A 58 8.40 7.88 -7.63
CA ARG A 58 9.28 9.00 -7.35
C ARG A 58 10.71 8.68 -7.75
N ARG A 59 11.27 7.63 -7.16
CA ARG A 59 12.63 7.22 -7.45
C ARG A 59 12.76 6.72 -8.88
N GLY A 60 11.69 6.11 -9.39
CA GLY A 60 11.69 5.58 -10.74
C GLY A 60 11.20 6.59 -11.75
N SER A 61 12.00 7.63 -11.99
CA SER A 61 11.65 8.68 -12.94
C SER A 61 12.09 8.31 -14.35
N ARG A 62 11.65 9.09 -15.33
CA ARG A 62 12.00 8.83 -16.72
C ARG A 62 13.42 8.30 -16.83
N HIS A 63 13.59 7.25 -17.62
CA HIS A 63 14.90 6.64 -17.82
C HIS A 63 15.71 7.42 -18.84
N LYS A 64 15.76 8.74 -18.67
CA LYS A 64 16.51 9.60 -19.57
C LYS A 64 17.70 10.24 -18.87
N SER A 65 18.83 9.54 -18.87
CA SER A 65 20.04 10.03 -18.22
C SER A 65 21.07 10.47 -19.26
N GLY A 66 21.38 9.57 -20.19
CA GLY A 66 22.34 9.88 -21.23
C GLY A 66 23.04 8.64 -21.76
N PRO A 67 24.34 8.75 -22.03
CA PRO A 67 25.15 7.65 -22.55
C PRO A 67 25.35 6.54 -21.52
N SER A 68 24.96 6.81 -20.29
CA SER A 68 25.11 5.85 -19.20
C SER A 68 23.76 5.27 -18.80
N SER A 69 23.63 3.95 -18.91
CA SER A 69 22.39 3.28 -18.57
C SER A 69 22.44 2.72 -17.14
N GLY A 70 21.39 2.97 -16.37
CA GLY A 70 21.34 2.50 -15.00
C GLY A 70 20.15 3.04 -14.24
N GLY A 1 -2.48 5.19 30.12
CA GLY A 1 -2.77 5.08 28.70
C GLY A 1 -3.71 3.92 28.40
N SER A 2 -4.12 3.82 27.14
CA SER A 2 -5.03 2.75 26.72
C SER A 2 -4.43 1.93 25.58
N SER A 3 -4.26 0.64 25.82
CA SER A 3 -3.70 -0.25 24.81
C SER A 3 -4.79 -1.00 24.07
N GLY A 4 -4.41 -1.68 22.99
CA GLY A 4 -5.37 -2.43 22.20
C GLY A 4 -5.60 -1.82 20.83
N SER A 5 -5.79 -0.50 20.79
CA SER A 5 -6.04 0.21 19.55
C SER A 5 -4.96 -0.14 18.52
N SER A 6 -5.38 -0.73 17.41
CA SER A 6 -4.46 -1.11 16.35
C SER A 6 -4.74 -0.32 15.07
N GLY A 7 -3.83 -0.44 14.10
CA GLY A 7 -4.00 0.27 12.85
C GLY A 7 -3.03 -0.21 11.78
N TYR A 8 -3.57 -0.82 10.73
CA TYR A 8 -2.75 -1.34 9.64
C TYR A 8 -3.04 -0.58 8.35
N CYS A 9 -4.20 -0.86 7.75
CA CYS A 9 -4.60 -0.20 6.52
C CYS A 9 -4.26 1.28 6.54
N ILE A 10 -4.25 1.91 5.36
CA ILE A 10 -3.95 3.32 5.25
C ILE A 10 -4.85 4.15 6.15
N CYS A 11 -6.01 3.60 6.49
CA CYS A 11 -6.97 4.28 7.35
C CYS A 11 -6.65 4.05 8.82
N ASN A 12 -5.47 3.50 9.09
CA ASN A 12 -5.04 3.23 10.46
C ASN A 12 -6.12 2.48 11.23
N GLN A 13 -6.67 1.44 10.61
CA GLN A 13 -7.71 0.63 11.24
C GLN A 13 -7.29 -0.82 11.34
N VAL A 14 -7.96 -1.57 12.22
CA VAL A 14 -7.66 -2.99 12.40
C VAL A 14 -7.77 -3.75 11.09
N SER A 15 -7.11 -4.91 11.04
CA SER A 15 -7.13 -5.74 9.84
C SER A 15 -8.37 -6.63 9.82
N TYR A 16 -9.45 -6.13 9.24
CA TYR A 16 -10.70 -6.87 9.15
C TYR A 16 -11.17 -6.98 7.70
N GLY A 17 -12.25 -7.72 7.49
CA GLY A 17 -12.80 -7.89 6.16
C GLY A 17 -11.75 -8.33 5.16
N GLU A 18 -12.13 -8.37 3.88
CA GLU A 18 -11.21 -8.78 2.83
C GLU A 18 -10.05 -7.79 2.69
N MET A 19 -8.85 -8.26 2.94
CA MET A 19 -7.66 -7.42 2.84
C MET A 19 -6.70 -7.95 1.80
N VAL A 20 -6.13 -7.06 1.00
CA VAL A 20 -5.19 -7.43 -0.04
C VAL A 20 -3.75 -7.20 0.39
N GLY A 21 -3.02 -8.28 0.63
CA GLY A 21 -1.63 -8.17 1.06
C GLY A 21 -0.75 -7.59 -0.02
N CYS A 22 -0.11 -6.46 0.28
CA CYS A 22 0.77 -5.81 -0.67
C CYS A 22 1.86 -6.76 -1.14
N ASP A 23 2.05 -6.85 -2.45
CA ASP A 23 3.07 -7.71 -3.03
C ASP A 23 4.44 -7.41 -2.43
N ASN A 24 4.70 -6.13 -2.20
CA ASN A 24 5.98 -5.71 -1.64
C ASN A 24 6.08 -6.06 -0.17
N GLN A 25 6.83 -7.12 0.14
CA GLN A 25 6.99 -7.57 1.51
C GLN A 25 7.65 -6.49 2.36
N ASP A 26 8.30 -5.54 1.70
CA ASP A 26 8.97 -4.44 2.39
C ASP A 26 7.96 -3.43 2.91
N CYS A 27 6.69 -3.60 2.54
CA CYS A 27 5.64 -2.70 2.96
C CYS A 27 5.45 -2.75 4.47
N PRO A 28 5.34 -1.58 5.10
CA PRO A 28 5.15 -1.46 6.56
C PRO A 28 3.77 -1.94 7.00
N ILE A 29 2.84 -1.98 6.05
CA ILE A 29 1.47 -2.41 6.35
C ILE A 29 1.23 -3.84 5.84
N GLU A 30 1.52 -4.05 4.56
CA GLU A 30 1.33 -5.36 3.95
C GLU A 30 -0.12 -5.80 4.05
N TRP A 31 -1.03 -4.83 4.16
CA TRP A 31 -2.44 -5.12 4.26
C TRP A 31 -3.28 -3.86 4.00
N PHE A 32 -4.24 -3.98 3.09
CA PHE A 32 -5.10 -2.85 2.75
C PHE A 32 -6.51 -3.32 2.41
N HIS A 33 -7.50 -2.53 2.80
CA HIS A 33 -8.90 -2.87 2.55
C HIS A 33 -9.23 -2.71 1.07
N TYR A 34 -10.19 -3.51 0.59
CA TYR A 34 -10.59 -3.46 -0.81
C TYR A 34 -11.29 -2.14 -1.13
N GLY A 35 -12.03 -1.61 -0.16
CA GLY A 35 -12.73 -0.35 -0.36
C GLY A 35 -11.82 0.84 -0.23
N CYS A 36 -10.76 0.71 0.56
CA CYS A 36 -9.81 1.79 0.76
C CYS A 36 -8.90 1.96 -0.46
N VAL A 37 -8.54 0.83 -1.07
CA VAL A 37 -7.69 0.84 -2.24
C VAL A 37 -8.50 0.86 -3.53
N GLY A 38 -9.74 0.37 -3.44
CA GLY A 38 -10.60 0.33 -4.60
C GLY A 38 -10.49 -0.96 -5.39
N LEU A 39 -11.05 -2.03 -4.84
CA LEU A 39 -11.01 -3.33 -5.49
C LEU A 39 -12.33 -4.08 -5.31
N THR A 40 -13.04 -4.28 -6.41
CA THR A 40 -14.33 -4.98 -6.36
C THR A 40 -14.13 -6.47 -6.12
N GLU A 41 -13.07 -7.03 -6.69
CA GLU A 41 -12.76 -8.45 -6.52
C GLU A 41 -11.26 -8.68 -6.47
N ALA A 42 -10.87 -9.93 -6.20
CA ALA A 42 -9.45 -10.28 -6.13
C ALA A 42 -8.75 -10.04 -7.45
N PRO A 43 -7.69 -9.22 -7.43
CA PRO A 43 -6.91 -8.90 -8.62
C PRO A 43 -6.10 -10.09 -9.13
N LYS A 44 -6.51 -10.64 -10.26
CA LYS A 44 -5.83 -11.78 -10.86
C LYS A 44 -4.32 -11.55 -10.91
N GLY A 45 -3.93 -10.45 -11.54
CA GLY A 45 -2.52 -10.12 -11.66
C GLY A 45 -1.92 -9.67 -10.34
N LYS A 46 -0.81 -8.93 -10.42
CA LYS A 46 -0.14 -8.45 -9.22
C LYS A 46 -0.66 -7.06 -8.83
N TRP A 47 -0.96 -6.88 -7.56
CA TRP A 47 -1.46 -5.60 -7.06
C TRP A 47 -0.49 -4.99 -6.07
N TYR A 48 -0.26 -3.68 -6.20
CA TYR A 48 0.66 -2.97 -5.32
C TYR A 48 -0.04 -1.78 -4.65
N CYS A 49 -0.06 -1.78 -3.32
CA CYS A 49 -0.69 -0.70 -2.57
C CYS A 49 -0.29 0.66 -3.13
N PRO A 50 -1.13 1.68 -2.88
CA PRO A 50 -0.88 3.05 -3.34
C PRO A 50 0.28 3.71 -2.61
N GLN A 51 0.74 3.06 -1.53
CA GLN A 51 1.84 3.59 -0.74
C GLN A 51 3.18 3.24 -1.39
N CYS A 52 3.23 2.12 -2.09
CA CYS A 52 4.45 1.69 -2.75
C CYS A 52 4.53 2.26 -4.16
N THR A 53 3.51 1.99 -4.97
CA THR A 53 3.47 2.47 -6.35
C THR A 53 3.84 3.95 -6.42
N ALA A 54 3.51 4.68 -5.35
CA ALA A 54 3.81 6.11 -5.30
C ALA A 54 5.29 6.35 -5.00
N ALA A 55 5.84 5.54 -4.11
CA ALA A 55 7.24 5.66 -3.73
C ALA A 55 8.15 5.21 -4.87
N MET A 56 7.85 4.05 -5.44
CA MET A 56 8.64 3.51 -6.53
C MET A 56 8.72 4.49 -7.70
N LYS A 57 7.60 5.14 -7.99
CA LYS A 57 7.53 6.11 -9.08
C LYS A 57 8.43 7.30 -8.80
N ARG A 58 8.45 7.75 -7.54
CA ARG A 58 9.27 8.88 -7.13
C ARG A 58 10.75 8.56 -7.31
N ARG A 59 11.12 7.31 -7.04
CA ARG A 59 12.50 6.89 -7.17
C ARG A 59 12.81 6.42 -8.59
N GLY A 60 12.03 6.91 -9.54
CA GLY A 60 12.23 6.53 -10.93
C GLY A 60 13.32 7.35 -11.61
N SER A 61 13.26 8.67 -11.45
CA SER A 61 14.24 9.55 -12.05
C SER A 61 14.60 10.69 -11.11
N ARG A 62 15.66 11.43 -11.44
CA ARG A 62 16.10 12.56 -10.62
C ARG A 62 16.35 12.11 -9.18
N HIS A 63 17.12 11.04 -9.03
CA HIS A 63 17.44 10.52 -7.71
C HIS A 63 18.61 9.54 -7.77
N LYS A 64 19.27 9.32 -6.63
CA LYS A 64 20.40 8.41 -6.57
C LYS A 64 19.94 6.96 -6.72
N SER A 65 20.45 6.29 -7.75
CA SER A 65 20.10 4.91 -8.01
C SER A 65 21.18 3.96 -7.52
N GLY A 66 20.78 2.77 -7.09
CA GLY A 66 21.74 1.79 -6.60
C GLY A 66 21.41 0.38 -7.04
N PRO A 67 22.23 -0.59 -6.62
CA PRO A 67 22.05 -2.00 -6.96
C PRO A 67 20.81 -2.60 -6.28
N SER A 68 20.56 -3.88 -6.55
CA SER A 68 19.42 -4.58 -5.97
C SER A 68 19.86 -5.45 -4.80
N SER A 69 20.02 -4.84 -3.63
CA SER A 69 20.44 -5.57 -2.44
C SER A 69 19.39 -6.60 -2.03
N GLY A 70 18.18 -6.12 -1.76
CA GLY A 70 17.10 -7.02 -1.36
C GLY A 70 16.77 -8.04 -2.43
N GLY A 1 -4.34 -3.17 28.91
CA GLY A 1 -5.12 -2.49 29.94
C GLY A 1 -5.27 -1.01 29.67
N SER A 2 -5.92 -0.67 28.56
CA SER A 2 -6.12 0.72 28.18
C SER A 2 -7.09 0.83 27.01
N SER A 3 -7.55 2.05 26.74
CA SER A 3 -8.48 2.29 25.65
C SER A 3 -7.74 2.61 24.35
N GLY A 4 -7.39 1.55 23.61
CA GLY A 4 -6.68 1.74 22.36
C GLY A 4 -7.08 0.71 21.32
N SER A 5 -6.79 1.02 20.05
CA SER A 5 -7.13 0.12 18.96
C SER A 5 -5.97 0.02 17.96
N SER A 6 -5.96 -1.06 17.19
CA SER A 6 -4.91 -1.28 16.20
C SER A 6 -5.10 -0.37 14.99
N GLY A 7 -4.23 -0.50 14.00
CA GLY A 7 -4.32 0.32 12.81
C GLY A 7 -3.36 -0.12 11.73
N TYR A 8 -3.85 -0.90 10.77
CA TYR A 8 -3.02 -1.38 9.68
C TYR A 8 -3.30 -0.61 8.39
N CYS A 9 -4.45 -0.88 7.78
CA CYS A 9 -4.83 -0.21 6.54
C CYS A 9 -4.54 1.28 6.62
N ILE A 10 -4.52 1.93 5.46
CA ILE A 10 -4.25 3.36 5.40
C ILE A 10 -5.19 4.14 6.31
N CYS A 11 -6.37 3.58 6.54
CA CYS A 11 -7.37 4.22 7.40
C CYS A 11 -7.06 3.97 8.87
N ASN A 12 -5.88 3.42 9.14
CA ASN A 12 -5.47 3.13 10.51
C ASN A 12 -6.56 2.35 11.25
N GLN A 13 -7.03 1.27 10.63
CA GLN A 13 -8.07 0.44 11.23
C GLN A 13 -7.62 -1.01 11.34
N VAL A 14 -8.28 -1.77 12.21
CA VAL A 14 -7.94 -3.18 12.40
C VAL A 14 -8.01 -3.95 11.08
N SER A 15 -7.35 -5.10 11.04
CA SER A 15 -7.34 -5.93 9.83
C SER A 15 -8.58 -6.81 9.77
N TYR A 16 -9.63 -6.30 9.12
CA TYR A 16 -10.87 -7.04 8.98
C TYR A 16 -11.33 -7.08 7.53
N GLY A 17 -12.33 -7.91 7.24
CA GLY A 17 -12.83 -8.03 5.89
C GLY A 17 -11.76 -8.44 4.91
N GLU A 18 -12.16 -8.65 3.66
CA GLU A 18 -11.22 -9.04 2.61
C GLU A 18 -10.11 -8.00 2.45
N MET A 19 -8.91 -8.36 2.90
CA MET A 19 -7.77 -7.46 2.80
C MET A 19 -6.79 -7.95 1.73
N VAL A 20 -6.17 -7.00 1.04
CA VAL A 20 -5.21 -7.33 -0.01
C VAL A 20 -3.78 -7.01 0.44
N GLY A 21 -3.01 -8.05 0.76
CA GLY A 21 -1.64 -7.85 1.19
C GLY A 21 -0.76 -7.28 0.11
N CYS A 22 0.02 -6.27 0.44
CA CYS A 22 0.91 -5.62 -0.52
C CYS A 22 1.95 -6.61 -1.03
N ASP A 23 1.97 -6.81 -2.34
CA ASP A 23 2.92 -7.74 -2.97
C ASP A 23 4.30 -7.58 -2.35
N ASN A 24 4.59 -6.39 -1.84
CA ASN A 24 5.88 -6.12 -1.22
C ASN A 24 5.84 -6.41 0.28
N GLN A 25 6.54 -7.46 0.69
CA GLN A 25 6.59 -7.84 2.09
C GLN A 25 7.20 -6.73 2.95
N ASP A 26 8.10 -5.95 2.34
CA ASP A 26 8.76 -4.86 3.03
C ASP A 26 7.74 -3.82 3.49
N CYS A 27 6.56 -3.84 2.89
CA CYS A 27 5.50 -2.90 3.22
C CYS A 27 5.22 -2.92 4.72
N PRO A 28 5.11 -1.72 5.32
CA PRO A 28 4.84 -1.57 6.75
C PRO A 28 3.43 -2.00 7.12
N ILE A 29 2.55 -2.07 6.12
CA ILE A 29 1.17 -2.47 6.34
C ILE A 29 0.89 -3.84 5.74
N GLU A 30 1.33 -4.05 4.51
CA GLU A 30 1.13 -5.32 3.83
C GLU A 30 -0.32 -5.81 4.01
N TRP A 31 -1.23 -4.87 4.20
CA TRP A 31 -2.64 -5.21 4.38
C TRP A 31 -3.51 -3.97 4.20
N PHE A 32 -4.30 -3.96 3.12
CA PHE A 32 -5.19 -2.84 2.83
C PHE A 32 -6.58 -3.34 2.45
N HIS A 33 -7.60 -2.57 2.82
CA HIS A 33 -8.97 -2.93 2.51
C HIS A 33 -9.25 -2.79 1.01
N TYR A 34 -10.18 -3.59 0.51
CA TYR A 34 -10.54 -3.54 -0.91
C TYR A 34 -11.26 -2.24 -1.26
N GLY A 35 -12.02 -1.72 -0.30
CA GLY A 35 -12.76 -0.49 -0.52
C GLY A 35 -11.87 0.74 -0.37
N CYS A 36 -10.82 0.61 0.44
CA CYS A 36 -9.90 1.72 0.68
C CYS A 36 -8.98 1.92 -0.51
N VAL A 37 -8.61 0.82 -1.17
CA VAL A 37 -7.73 0.87 -2.33
C VAL A 37 -8.53 0.85 -3.62
N GLY A 38 -9.72 0.26 -3.58
CA GLY A 38 -10.56 0.19 -4.76
C GLY A 38 -10.41 -1.12 -5.50
N LEU A 39 -10.97 -2.18 -4.94
CA LEU A 39 -10.90 -3.51 -5.57
C LEU A 39 -12.20 -4.27 -5.38
N THR A 40 -12.61 -5.00 -6.42
CA THR A 40 -13.83 -5.78 -6.37
C THR A 40 -13.54 -7.26 -6.17
N GLU A 41 -12.30 -7.64 -6.42
CA GLU A 41 -11.89 -9.04 -6.27
C GLU A 41 -10.37 -9.17 -6.35
N ALA A 42 -9.85 -10.30 -5.88
CA ALA A 42 -8.41 -10.55 -5.89
C ALA A 42 -7.81 -10.21 -7.25
N PRO A 43 -6.78 -9.36 -7.24
CA PRO A 43 -6.09 -8.94 -8.47
C PRO A 43 -5.30 -10.07 -9.12
N LYS A 44 -5.86 -10.66 -10.16
CA LYS A 44 -5.20 -11.75 -10.87
C LYS A 44 -3.70 -11.49 -11.01
N GLY A 45 -3.37 -10.31 -11.52
CA GLY A 45 -1.97 -9.95 -11.70
C GLY A 45 -1.31 -9.52 -10.41
N LYS A 46 -0.38 -8.58 -10.50
CA LYS A 46 0.32 -8.08 -9.33
C LYS A 46 -0.30 -6.78 -8.83
N TRP A 47 -0.48 -6.68 -7.52
CA TRP A 47 -1.07 -5.49 -6.92
C TRP A 47 -0.12 -4.87 -5.90
N TYR A 48 -0.03 -3.54 -5.92
CA TYR A 48 0.84 -2.83 -4.99
C TYR A 48 0.12 -1.64 -4.37
N CYS A 49 0.08 -1.63 -3.03
CA CYS A 49 -0.58 -0.55 -2.30
C CYS A 49 -0.18 0.81 -2.86
N PRO A 50 -1.05 1.81 -2.65
CA PRO A 50 -0.81 3.18 -3.11
C PRO A 50 0.32 3.87 -2.35
N GLN A 51 0.74 3.24 -1.26
CA GLN A 51 1.82 3.78 -0.43
C GLN A 51 3.18 3.46 -1.02
N CYS A 52 3.27 2.32 -1.71
CA CYS A 52 4.52 1.90 -2.33
C CYS A 52 4.66 2.48 -3.73
N THR A 53 3.69 2.17 -4.59
CA THR A 53 3.70 2.67 -5.96
C THR A 53 4.08 4.15 -6.01
N ALA A 54 3.69 4.89 -4.99
CA ALA A 54 3.99 6.31 -4.92
C ALA A 54 5.47 6.55 -4.64
N ALA A 55 6.05 5.70 -3.79
CA ALA A 55 7.46 5.81 -3.44
C ALA A 55 8.35 5.29 -4.56
N MET A 56 7.98 4.13 -5.12
CA MET A 56 8.74 3.52 -6.19
C MET A 56 8.76 4.43 -7.43
N LYS A 57 7.65 5.12 -7.67
CA LYS A 57 7.54 6.02 -8.80
C LYS A 57 8.51 7.19 -8.68
N ARG A 58 8.55 7.78 -7.49
CA ARG A 58 9.44 8.92 -7.23
C ARG A 58 10.87 8.57 -7.63
N ARG A 59 11.26 7.32 -7.42
CA ARG A 59 12.61 6.88 -7.76
C ARG A 59 12.66 6.32 -9.17
N GLY A 60 11.74 6.77 -10.02
CA GLY A 60 11.69 6.30 -11.40
C GLY A 60 12.62 7.09 -12.29
N SER A 61 12.06 8.08 -12.98
CA SER A 61 12.85 8.90 -13.89
C SER A 61 13.65 9.96 -13.13
N ARG A 62 12.93 10.84 -12.44
CA ARG A 62 13.57 11.91 -11.67
C ARG A 62 14.10 11.37 -10.34
N HIS A 63 15.03 12.10 -9.75
CA HIS A 63 15.62 11.69 -8.47
C HIS A 63 14.68 12.01 -7.32
N LYS A 64 15.09 11.65 -6.10
CA LYS A 64 14.28 11.90 -4.91
C LYS A 64 14.94 12.96 -4.04
N SER A 65 14.18 13.46 -3.07
CA SER A 65 14.68 14.50 -2.16
C SER A 65 15.67 13.90 -1.18
N GLY A 66 16.84 14.54 -1.06
CA GLY A 66 17.86 14.07 -0.15
C GLY A 66 19.10 13.59 -0.88
N PRO A 67 20.28 13.92 -0.31
CA PRO A 67 21.57 13.53 -0.89
C PRO A 67 21.83 12.03 -0.80
N SER A 68 22.23 11.43 -1.92
CA SER A 68 22.51 9.99 -1.96
C SER A 68 23.69 9.65 -1.06
N SER A 69 23.38 9.22 0.17
CA SER A 69 24.42 8.85 1.12
C SER A 69 24.25 7.41 1.58
N GLY A 70 24.87 6.49 0.85
CA GLY A 70 24.77 5.08 1.20
C GLY A 70 25.87 4.24 0.55
N GLY A 1 -16.22 5.31 19.43
CA GLY A 1 -15.64 4.86 20.68
C GLY A 1 -14.15 4.56 20.54
N SER A 2 -13.81 3.27 20.51
CA SER A 2 -12.42 2.86 20.38
C SER A 2 -12.16 2.22 19.03
N SER A 3 -11.94 3.06 18.02
CA SER A 3 -11.68 2.59 16.66
C SER A 3 -10.19 2.59 16.36
N GLY A 4 -9.65 1.42 16.03
CA GLY A 4 -8.23 1.32 15.73
C GLY A 4 -7.45 0.65 16.84
N SER A 5 -7.36 -0.67 16.79
CA SER A 5 -6.63 -1.43 17.80
C SER A 5 -5.17 -1.60 17.42
N SER A 6 -4.95 -2.13 16.22
CA SER A 6 -3.59 -2.35 15.73
C SER A 6 -3.27 -1.41 14.58
N GLY A 7 -4.30 -0.73 14.09
CA GLY A 7 -4.11 0.20 12.98
C GLY A 7 -3.18 -0.35 11.91
N TYR A 8 -3.77 -0.93 10.88
CA TYR A 8 -2.99 -1.51 9.78
C TYR A 8 -3.22 -0.74 8.49
N CYS A 9 -4.38 -0.94 7.88
CA CYS A 9 -4.74 -0.26 6.64
C CYS A 9 -4.42 1.23 6.72
N ILE A 10 -4.36 1.88 5.57
CA ILE A 10 -4.07 3.31 5.52
C ILE A 10 -5.02 4.10 6.41
N CYS A 11 -6.22 3.57 6.60
CA CYS A 11 -7.22 4.23 7.43
C CYS A 11 -6.93 3.98 8.91
N ASN A 12 -5.76 3.43 9.21
CA ASN A 12 -5.36 3.15 10.58
C ASN A 12 -6.42 2.33 11.29
N GLN A 13 -6.86 1.24 10.65
CA GLN A 13 -7.88 0.38 11.23
C GLN A 13 -7.41 -1.08 11.26
N VAL A 14 -7.99 -1.87 12.15
CA VAL A 14 -7.63 -3.28 12.28
C VAL A 14 -7.78 -4.00 10.95
N SER A 15 -7.18 -5.18 10.85
CA SER A 15 -7.23 -5.97 9.62
C SER A 15 -8.48 -6.84 9.60
N TYR A 16 -9.53 -6.34 8.95
CA TYR A 16 -10.79 -7.07 8.85
C TYR A 16 -11.24 -7.20 7.40
N GLY A 17 -12.28 -7.98 7.18
CA GLY A 17 -12.80 -8.18 5.83
C GLY A 17 -11.70 -8.55 4.85
N GLU A 18 -12.09 -8.73 3.58
CA GLU A 18 -11.13 -9.09 2.54
C GLU A 18 -10.02 -8.05 2.43
N MET A 19 -8.80 -8.47 2.71
CA MET A 19 -7.65 -7.57 2.63
C MET A 19 -6.63 -8.07 1.62
N VAL A 20 -6.03 -7.14 0.88
CA VAL A 20 -5.02 -7.48 -0.12
C VAL A 20 -3.62 -7.14 0.35
N GLY A 21 -2.86 -8.17 0.73
CA GLY A 21 -1.51 -7.95 1.19
C GLY A 21 -0.60 -7.40 0.11
N CYS A 22 0.06 -6.28 0.39
CA CYS A 22 0.96 -5.65 -0.57
C CYS A 22 2.03 -6.63 -1.03
N ASP A 23 2.13 -6.79 -2.35
CA ASP A 23 3.11 -7.71 -2.93
C ASP A 23 4.48 -7.50 -2.31
N ASN A 24 4.76 -6.26 -1.90
CA ASN A 24 6.04 -5.93 -1.30
C ASN A 24 6.03 -6.24 0.20
N GLN A 25 6.66 -7.35 0.57
CA GLN A 25 6.73 -7.76 1.97
C GLN A 25 7.31 -6.65 2.84
N ASP A 26 8.22 -5.86 2.25
CA ASP A 26 8.85 -4.76 2.97
C ASP A 26 7.81 -3.74 3.44
N CYS A 27 6.68 -3.71 2.75
CA CYS A 27 5.61 -2.78 3.08
C CYS A 27 5.33 -2.79 4.59
N PRO A 28 5.21 -1.59 5.18
CA PRO A 28 4.94 -1.44 6.61
C PRO A 28 3.53 -1.89 6.99
N ILE A 29 2.65 -1.94 6.01
CA ILE A 29 1.27 -2.35 6.24
C ILE A 29 1.01 -3.74 5.67
N GLU A 30 1.36 -3.93 4.40
CA GLU A 30 1.16 -5.22 3.75
C GLU A 30 -0.27 -5.73 3.95
N TRP A 31 -1.19 -4.79 4.16
CA TRP A 31 -2.59 -5.15 4.37
C TRP A 31 -3.48 -3.93 4.20
N PHE A 32 -4.21 -3.89 3.08
CA PHE A 32 -5.11 -2.78 2.79
C PHE A 32 -6.50 -3.29 2.43
N HIS A 33 -7.52 -2.52 2.82
CA HIS A 33 -8.91 -2.90 2.54
C HIS A 33 -9.22 -2.74 1.05
N TYR A 34 -10.15 -3.55 0.56
CA TYR A 34 -10.53 -3.50 -0.85
C TYR A 34 -11.28 -2.21 -1.16
N GLY A 35 -12.05 -1.73 -0.18
CA GLY A 35 -12.81 -0.51 -0.36
C GLY A 35 -11.95 0.74 -0.22
N CYS A 36 -10.86 0.62 0.53
CA CYS A 36 -9.96 1.74 0.75
C CYS A 36 -9.06 1.96 -0.46
N VAL A 37 -8.66 0.87 -1.09
CA VAL A 37 -7.80 0.94 -2.27
C VAL A 37 -8.61 0.92 -3.56
N GLY A 38 -9.82 0.37 -3.48
CA GLY A 38 -10.68 0.30 -4.64
C GLY A 38 -10.49 -0.98 -5.43
N LEU A 39 -10.99 -2.09 -4.88
CA LEU A 39 -10.86 -3.38 -5.55
C LEU A 39 -12.14 -4.20 -5.40
N THR A 40 -12.87 -4.36 -6.50
CA THR A 40 -14.11 -5.12 -6.49
C THR A 40 -13.85 -6.59 -6.23
N GLU A 41 -12.77 -7.11 -6.82
CA GLU A 41 -12.41 -8.51 -6.65
C GLU A 41 -10.90 -8.67 -6.51
N ALA A 42 -10.46 -9.92 -6.41
CA ALA A 42 -9.04 -10.21 -6.26
C ALA A 42 -8.28 -9.93 -7.56
N PRO A 43 -7.15 -9.21 -7.45
CA PRO A 43 -6.32 -8.87 -8.60
C PRO A 43 -5.60 -10.08 -9.19
N LYS A 44 -5.99 -10.45 -10.41
CA LYS A 44 -5.38 -11.60 -11.08
C LYS A 44 -3.85 -11.47 -11.10
N GLY A 45 -3.37 -10.31 -11.53
CA GLY A 45 -1.94 -10.08 -11.58
C GLY A 45 -1.37 -9.59 -10.27
N LYS A 46 -0.25 -8.88 -10.33
CA LYS A 46 0.39 -8.36 -9.13
C LYS A 46 -0.23 -7.01 -8.72
N TRP A 47 -0.39 -6.82 -7.42
CA TRP A 47 -0.97 -5.58 -6.90
C TRP A 47 -0.02 -4.91 -5.91
N TYR A 48 0.07 -3.59 -5.98
CA TYR A 48 0.94 -2.84 -5.09
C TYR A 48 0.20 -1.67 -4.46
N CYS A 49 0.12 -1.67 -3.14
CA CYS A 49 -0.57 -0.60 -2.41
C CYS A 49 -0.19 0.76 -2.95
N PRO A 50 -1.08 1.75 -2.75
CA PRO A 50 -0.86 3.13 -3.21
C PRO A 50 0.25 3.83 -2.44
N GLN A 51 0.70 3.21 -1.35
CA GLN A 51 1.76 3.77 -0.53
C GLN A 51 3.13 3.47 -1.12
N CYS A 52 3.24 2.34 -1.80
CA CYS A 52 4.49 1.93 -2.42
C CYS A 52 4.64 2.54 -3.81
N THR A 53 3.66 2.26 -4.68
CA THR A 53 3.67 2.79 -6.03
C THR A 53 4.07 4.25 -6.06
N ALA A 54 3.59 5.01 -5.08
CA ALA A 54 3.89 6.43 -4.99
C ALA A 54 5.39 6.65 -4.76
N ALA A 55 5.99 5.80 -3.93
CA ALA A 55 7.40 5.92 -3.62
C ALA A 55 8.26 5.40 -4.78
N MET A 56 7.85 4.26 -5.34
CA MET A 56 8.58 3.66 -6.45
C MET A 56 8.59 4.59 -7.66
N LYS A 57 7.48 5.31 -7.86
CA LYS A 57 7.37 6.23 -8.98
C LYS A 57 8.39 7.36 -8.85
N ARG A 58 8.52 7.90 -7.65
CA ARG A 58 9.46 8.99 -7.40
C ARG A 58 10.89 8.54 -7.64
N ARG A 59 11.22 7.34 -7.19
CA ARG A 59 12.56 6.79 -7.36
C ARG A 59 12.68 6.05 -8.69
N GLY A 60 11.84 6.44 -9.66
CA GLY A 60 11.87 5.80 -10.96
C GLY A 60 13.06 6.24 -11.79
N SER A 61 14.25 6.24 -11.19
CA SER A 61 15.46 6.64 -11.88
C SER A 61 15.82 5.64 -12.98
N ARG A 62 15.46 5.97 -14.21
CA ARG A 62 15.74 5.11 -15.35
C ARG A 62 16.37 5.90 -16.49
N HIS A 63 16.01 7.17 -16.59
CA HIS A 63 16.55 8.03 -17.64
C HIS A 63 18.02 8.34 -17.39
N LYS A 64 18.37 8.65 -16.15
CA LYS A 64 19.74 8.96 -15.79
C LYS A 64 20.46 7.71 -15.28
N SER A 65 19.80 6.98 -14.38
CA SER A 65 20.38 5.77 -13.81
C SER A 65 19.97 4.54 -14.63
N GLY A 66 20.90 3.59 -14.75
CA GLY A 66 20.62 2.38 -15.50
C GLY A 66 21.15 1.14 -14.82
N PRO A 67 20.45 0.69 -13.77
CA PRO A 67 20.83 -0.50 -13.01
C PRO A 67 20.66 -1.78 -13.80
N SER A 68 20.04 -1.67 -14.97
CA SER A 68 19.81 -2.82 -15.83
C SER A 68 21.06 -3.69 -15.92
N SER A 69 21.03 -4.82 -15.21
CA SER A 69 22.17 -5.74 -15.21
C SER A 69 22.48 -6.22 -16.63
N GLY A 70 23.66 -6.81 -16.80
CA GLY A 70 24.06 -7.30 -18.11
C GLY A 70 24.00 -8.82 -18.19
N GLY A 1 1.69 12.15 18.83
CA GLY A 1 2.24 11.07 19.63
C GLY A 1 1.56 9.74 19.35
N SER A 2 0.89 9.21 20.36
CA SER A 2 0.20 7.93 20.22
C SER A 2 -1.19 8.12 19.62
N SER A 3 -1.37 7.61 18.41
CA SER A 3 -2.66 7.72 17.72
C SER A 3 -3.22 6.35 17.39
N GLY A 4 -4.29 5.97 18.07
CA GLY A 4 -4.91 4.68 17.82
C GLY A 4 -4.07 3.53 18.35
N SER A 5 -4.72 2.60 19.05
CA SER A 5 -4.03 1.45 19.61
C SER A 5 -3.60 0.49 18.51
N SER A 6 -4.52 0.17 17.61
CA SER A 6 -4.25 -0.74 16.52
C SER A 6 -4.67 -0.13 15.18
N GLY A 7 -3.89 -0.39 14.14
CA GLY A 7 -4.19 0.13 12.83
C GLY A 7 -3.20 -0.31 11.77
N TYR A 8 -3.69 -1.04 10.78
CA TYR A 8 -2.83 -1.54 9.70
C TYR A 8 -3.07 -0.76 8.41
N CYS A 9 -4.23 -0.98 7.80
CA CYS A 9 -4.57 -0.29 6.56
C CYS A 9 -4.23 1.20 6.64
N ILE A 10 -4.16 1.85 5.48
CA ILE A 10 -3.84 3.27 5.42
C ILE A 10 -4.77 4.08 6.32
N CYS A 11 -5.96 3.56 6.55
CA CYS A 11 -6.95 4.23 7.40
C CYS A 11 -6.67 3.97 8.87
N ASN A 12 -5.51 3.39 9.16
CA ASN A 12 -5.12 3.09 10.53
C ASN A 12 -6.23 2.34 11.26
N GLN A 13 -6.72 1.27 10.64
CA GLN A 13 -7.79 0.47 11.22
C GLN A 13 -7.39 -1.00 11.32
N VAL A 14 -8.07 -1.74 12.19
CA VAL A 14 -7.78 -3.16 12.37
C VAL A 14 -7.87 -3.91 11.05
N SER A 15 -7.19 -5.05 10.98
CA SER A 15 -7.20 -5.87 9.78
C SER A 15 -8.43 -6.77 9.73
N TYR A 16 -9.48 -6.29 9.08
CA TYR A 16 -10.71 -7.04 8.97
C TYR A 16 -11.21 -7.08 7.52
N GLY A 17 -12.28 -7.84 7.28
CA GLY A 17 -12.83 -7.93 5.95
C GLY A 17 -11.81 -8.40 4.93
N GLU A 18 -12.17 -8.33 3.65
CA GLU A 18 -11.27 -8.76 2.58
C GLU A 18 -10.11 -7.80 2.43
N MET A 19 -8.92 -8.24 2.84
CA MET A 19 -7.72 -7.42 2.75
C MET A 19 -6.75 -7.99 1.72
N VAL A 20 -6.10 -7.09 0.98
CA VAL A 20 -5.15 -7.51 -0.04
C VAL A 20 -3.72 -7.23 0.39
N GLY A 21 -2.99 -8.30 0.72
CA GLY A 21 -1.61 -8.15 1.16
C GLY A 21 -0.73 -7.56 0.08
N CYS A 22 0.01 -6.51 0.44
CA CYS A 22 0.90 -5.84 -0.50
C CYS A 22 2.01 -6.79 -0.97
N ASP A 23 2.14 -6.94 -2.28
CA ASP A 23 3.16 -7.81 -2.84
C ASP A 23 4.53 -7.53 -2.22
N ASN A 24 4.79 -6.25 -1.94
CA ASN A 24 6.05 -5.84 -1.35
C ASN A 24 6.10 -6.19 0.14
N GLN A 25 6.82 -7.26 0.46
CA GLN A 25 6.93 -7.71 1.85
C GLN A 25 7.61 -6.64 2.70
N ASP A 26 8.30 -5.70 2.04
CA ASP A 26 8.98 -4.62 2.74
C ASP A 26 7.99 -3.57 3.22
N CYS A 27 6.72 -3.75 2.86
CA CYS A 27 5.67 -2.81 3.25
C CYS A 27 5.45 -2.85 4.76
N PRO A 28 5.34 -1.67 5.38
CA PRO A 28 5.12 -1.54 6.82
C PRO A 28 3.72 -1.99 7.23
N ILE A 29 2.81 -2.04 6.26
CA ILE A 29 1.44 -2.45 6.52
C ILE A 29 1.18 -3.87 6.00
N GLU A 30 1.50 -4.10 4.73
CA GLU A 30 1.30 -5.41 4.13
C GLU A 30 -0.16 -5.83 4.18
N TRP A 31 -1.04 -4.84 4.26
CA TRP A 31 -2.48 -5.11 4.33
C TRP A 31 -3.28 -3.84 4.03
N PHE A 32 -4.22 -3.96 3.08
CA PHE A 32 -5.04 -2.82 2.71
C PHE A 32 -6.45 -3.28 2.34
N HIS A 33 -7.45 -2.51 2.75
CA HIS A 33 -8.84 -2.83 2.48
C HIS A 33 -9.14 -2.67 0.99
N TYR A 34 -10.12 -3.43 0.50
CA TYR A 34 -10.51 -3.36 -0.91
C TYR A 34 -11.17 -2.03 -1.23
N GLY A 35 -11.94 -1.51 -0.28
CA GLY A 35 -12.61 -0.24 -0.49
C GLY A 35 -11.68 0.94 -0.35
N CYS A 36 -10.63 0.77 0.45
CA CYS A 36 -9.66 1.83 0.67
C CYS A 36 -8.73 1.99 -0.52
N VAL A 37 -8.38 0.86 -1.15
CA VAL A 37 -7.51 0.88 -2.31
C VAL A 37 -8.30 0.89 -3.60
N GLY A 38 -9.57 0.48 -3.51
CA GLY A 38 -10.42 0.45 -4.69
C GLY A 38 -10.23 -0.81 -5.52
N LEU A 39 -10.64 -1.94 -4.96
CA LEU A 39 -10.53 -3.22 -5.65
C LEU A 39 -11.84 -3.97 -5.65
N THR A 40 -12.68 -3.69 -6.64
CA THR A 40 -13.98 -4.34 -6.76
C THR A 40 -13.86 -5.85 -6.66
N GLU A 41 -12.71 -6.38 -7.11
CA GLU A 41 -12.47 -7.81 -7.08
C GLU A 41 -10.98 -8.10 -6.93
N ALA A 42 -10.65 -9.33 -6.54
CA ALA A 42 -9.27 -9.73 -6.36
C ALA A 42 -8.46 -9.47 -7.62
N PRO A 43 -7.27 -8.87 -7.45
CA PRO A 43 -6.37 -8.56 -8.57
C PRO A 43 -5.76 -9.80 -9.19
N LYS A 44 -6.20 -10.14 -10.40
CA LYS A 44 -5.70 -11.31 -11.10
C LYS A 44 -4.17 -11.35 -11.06
N GLY A 45 -3.54 -10.26 -11.49
CA GLY A 45 -2.09 -10.20 -11.48
C GLY A 45 -1.53 -9.73 -10.16
N LYS A 46 -0.38 -9.07 -10.20
CA LYS A 46 0.26 -8.57 -8.98
C LYS A 46 -0.23 -7.16 -8.65
N TRP A 47 -0.64 -6.96 -7.40
CA TRP A 47 -1.14 -5.67 -6.96
C TRP A 47 -0.16 -5.03 -5.97
N TYR A 48 -0.02 -3.71 -6.06
CA TYR A 48 0.89 -2.97 -5.19
C TYR A 48 0.17 -1.81 -4.52
N CYS A 49 0.12 -1.84 -3.19
CA CYS A 49 -0.54 -0.78 -2.43
C CYS A 49 -0.15 0.60 -2.96
N PRO A 50 -1.02 1.59 -2.70
CA PRO A 50 -0.79 2.97 -3.15
C PRO A 50 0.36 3.64 -2.40
N GLN A 51 0.82 2.99 -1.33
CA GLN A 51 1.90 3.52 -0.52
C GLN A 51 3.26 3.21 -1.15
N CYS A 52 3.32 2.10 -1.87
CA CYS A 52 4.55 1.68 -2.54
C CYS A 52 4.65 2.29 -3.93
N THR A 53 3.65 2.02 -4.77
CA THR A 53 3.63 2.53 -6.12
C THR A 53 4.01 4.01 -6.16
N ALA A 54 3.69 4.72 -5.09
CA ALA A 54 4.00 6.14 -4.99
C ALA A 54 5.49 6.37 -4.74
N ALA A 55 6.07 5.54 -3.87
CA ALA A 55 7.49 5.66 -3.54
C ALA A 55 8.35 5.15 -4.70
N MET A 56 7.98 4.01 -5.26
CA MET A 56 8.73 3.42 -6.37
C MET A 56 8.67 4.32 -7.59
N LYS A 57 7.50 4.91 -7.85
CA LYS A 57 7.32 5.79 -8.99
C LYS A 57 8.20 7.03 -8.86
N ARG A 58 8.10 7.72 -7.73
CA ARG A 58 8.88 8.91 -7.48
C ARG A 58 10.37 8.64 -7.66
N ARG A 59 10.83 7.51 -7.12
CA ARG A 59 12.23 7.12 -7.22
C ARG A 59 12.62 6.88 -8.67
N GLY A 60 11.66 6.43 -9.47
CA GLY A 60 11.94 6.17 -10.88
C GLY A 60 12.68 7.31 -11.55
N SER A 61 11.93 8.25 -12.12
CA SER A 61 12.53 9.40 -12.80
C SER A 61 11.96 10.70 -12.26
N ARG A 62 12.85 11.63 -11.90
CA ARG A 62 12.44 12.92 -11.37
C ARG A 62 12.01 13.85 -12.50
N HIS A 63 12.81 13.93 -13.55
CA HIS A 63 12.51 14.78 -14.69
C HIS A 63 11.75 14.00 -15.76
N LYS A 64 10.44 14.21 -15.81
CA LYS A 64 9.59 13.52 -16.78
C LYS A 64 9.49 14.34 -18.07
N SER A 65 10.03 13.78 -19.15
CA SER A 65 9.99 14.46 -20.45
C SER A 65 8.68 14.19 -21.18
N GLY A 66 8.07 15.24 -21.70
CA GLY A 66 6.81 15.10 -22.41
C GLY A 66 6.90 14.08 -23.53
N PRO A 67 5.90 13.19 -23.61
CA PRO A 67 5.83 12.15 -24.63
C PRO A 67 5.56 12.71 -26.02
N SER A 68 6.00 11.98 -27.04
CA SER A 68 5.80 12.40 -28.42
C SER A 68 4.33 12.69 -28.70
N SER A 69 3.48 11.68 -28.49
CA SER A 69 2.05 11.81 -28.72
C SER A 69 1.50 13.05 -28.02
N GLY A 70 0.68 13.81 -28.73
CA GLY A 70 0.09 15.00 -28.15
C GLY A 70 -0.76 15.78 -29.14
N GLY A 1 0.11 -4.47 25.83
CA GLY A 1 -1.06 -4.08 26.58
C GLY A 1 -2.31 -4.80 26.12
N SER A 2 -3.39 -4.68 26.90
CA SER A 2 -4.65 -5.34 26.56
C SER A 2 -5.45 -4.49 25.58
N SER A 3 -5.70 -3.24 25.94
CA SER A 3 -6.47 -2.33 25.09
C SER A 3 -5.54 -1.35 24.38
N GLY A 4 -6.10 -0.61 23.43
CA GLY A 4 -5.31 0.36 22.69
C GLY A 4 -5.92 0.70 21.35
N SER A 5 -5.28 1.61 20.62
CA SER A 5 -5.76 2.02 19.31
C SER A 5 -4.97 1.33 18.20
N SER A 6 -5.51 0.22 17.69
CA SER A 6 -4.85 -0.53 16.63
C SER A 6 -5.32 -0.05 15.26
N GLY A 7 -4.52 -0.35 14.24
CA GLY A 7 -4.87 0.06 12.89
C GLY A 7 -3.81 -0.32 11.88
N TYR A 8 -4.22 -1.04 10.84
CA TYR A 8 -3.30 -1.48 9.80
C TYR A 8 -3.52 -0.70 8.51
N CYS A 9 -4.67 -0.94 7.87
CA CYS A 9 -5.01 -0.26 6.63
C CYS A 9 -4.72 1.24 6.73
N ILE A 10 -4.67 1.90 5.58
CA ILE A 10 -4.41 3.34 5.54
C ILE A 10 -5.39 4.10 6.42
N CYS A 11 -6.55 3.50 6.66
CA CYS A 11 -7.57 4.12 7.49
C CYS A 11 -7.33 3.83 8.97
N ASN A 12 -6.14 3.31 9.27
CA ASN A 12 -5.78 2.99 10.65
C ASN A 12 -6.89 2.20 11.33
N GLN A 13 -7.34 1.14 10.67
CA GLN A 13 -8.41 0.30 11.22
C GLN A 13 -7.96 -1.15 11.31
N VAL A 14 -8.67 -1.93 12.13
CA VAL A 14 -8.34 -3.34 12.30
C VAL A 14 -8.35 -4.08 10.97
N SER A 15 -7.60 -5.18 10.91
CA SER A 15 -7.51 -5.97 9.68
C SER A 15 -8.72 -6.88 9.53
N TYR A 16 -9.78 -6.36 8.93
CA TYR A 16 -11.00 -7.13 8.72
C TYR A 16 -11.42 -7.12 7.26
N GLY A 17 -12.46 -7.88 6.93
CA GLY A 17 -12.94 -7.94 5.57
C GLY A 17 -11.86 -8.37 4.59
N GLU A 18 -12.23 -8.51 3.32
CA GLU A 18 -11.27 -8.91 2.30
C GLU A 18 -10.12 -7.93 2.20
N MET A 19 -8.96 -8.34 2.70
CA MET A 19 -7.77 -7.49 2.67
C MET A 19 -6.77 -7.99 1.64
N VAL A 20 -6.08 -7.06 0.98
CA VAL A 20 -5.09 -7.41 -0.02
C VAL A 20 -3.68 -7.09 0.45
N GLY A 21 -2.93 -8.13 0.81
CA GLY A 21 -1.57 -7.94 1.27
C GLY A 21 -0.68 -7.31 0.22
N CYS A 22 -0.01 -6.23 0.60
CA CYS A 22 0.89 -5.52 -0.33
C CYS A 22 2.02 -6.44 -0.78
N ASP A 23 2.17 -6.58 -2.09
CA ASP A 23 3.22 -7.41 -2.66
C ASP A 23 4.56 -7.12 -2.00
N ASN A 24 4.81 -5.85 -1.71
CA ASN A 24 6.06 -5.44 -1.09
C ASN A 24 6.05 -5.78 0.41
N GLN A 25 6.75 -6.85 0.77
CA GLN A 25 6.82 -7.28 2.17
C GLN A 25 7.43 -6.19 3.04
N ASP A 26 8.20 -5.29 2.41
CA ASP A 26 8.83 -4.20 3.13
C ASP A 26 7.80 -3.19 3.61
N CYS A 27 6.56 -3.36 3.17
CA CYS A 27 5.48 -2.47 3.56
C CYS A 27 5.22 -2.54 5.06
N PRO A 28 5.07 -1.37 5.69
CA PRO A 28 4.81 -1.28 7.13
C PRO A 28 3.41 -1.77 7.51
N ILE A 29 2.52 -1.79 6.52
CA ILE A 29 1.15 -2.24 6.75
C ILE A 29 0.95 -3.66 6.24
N GLU A 30 1.29 -3.88 4.98
CA GLU A 30 1.15 -5.20 4.37
C GLU A 30 -0.31 -5.66 4.41
N TRP A 31 -1.22 -4.70 4.47
CA TRP A 31 -2.65 -5.01 4.53
C TRP A 31 -3.49 -3.78 4.20
N PHE A 32 -4.37 -3.90 3.22
CA PHE A 32 -5.23 -2.79 2.82
C PHE A 32 -6.59 -3.30 2.36
N HIS A 33 -7.64 -2.60 2.77
CA HIS A 33 -9.00 -2.98 2.42
C HIS A 33 -9.24 -2.80 0.92
N TYR A 34 -10.09 -3.64 0.35
CA TYR A 34 -10.40 -3.58 -1.07
C TYR A 34 -11.14 -2.29 -1.41
N GLY A 35 -11.96 -1.81 -0.47
CA GLY A 35 -12.71 -0.59 -0.69
C GLY A 35 -11.86 0.66 -0.49
N CYS A 36 -10.85 0.55 0.35
CA CYS A 36 -9.96 1.67 0.64
C CYS A 36 -8.99 1.91 -0.53
N VAL A 37 -8.56 0.82 -1.16
CA VAL A 37 -7.64 0.91 -2.29
C VAL A 37 -8.39 0.94 -3.61
N GLY A 38 -9.60 0.38 -3.61
CA GLY A 38 -10.41 0.36 -4.82
C GLY A 38 -10.20 -0.91 -5.63
N LEU A 39 -10.72 -2.03 -5.14
CA LEU A 39 -10.58 -3.31 -5.82
C LEU A 39 -11.87 -4.12 -5.71
N THR A 40 -12.41 -4.52 -6.85
CA THR A 40 -13.63 -5.30 -6.89
C THR A 40 -13.34 -6.78 -6.64
N GLU A 41 -12.25 -7.28 -7.21
CA GLU A 41 -11.86 -8.67 -7.04
C GLU A 41 -10.34 -8.81 -6.96
N ALA A 42 -9.89 -9.93 -6.43
CA ALA A 42 -8.46 -10.19 -6.29
C ALA A 42 -7.71 -9.86 -7.58
N PRO A 43 -6.67 -9.03 -7.46
CA PRO A 43 -5.86 -8.62 -8.62
C PRO A 43 -5.02 -9.77 -9.16
N LYS A 44 -5.49 -10.38 -10.24
CA LYS A 44 -4.78 -11.49 -10.86
C LYS A 44 -3.29 -11.19 -10.97
N GLY A 45 -2.95 -10.01 -11.47
CA GLY A 45 -1.56 -9.62 -11.61
C GLY A 45 -0.94 -9.23 -10.28
N LYS A 46 -0.04 -8.24 -10.32
CA LYS A 46 0.63 -7.77 -9.12
C LYS A 46 0.04 -6.44 -8.65
N TRP A 47 -0.36 -6.40 -7.38
CA TRP A 47 -0.94 -5.19 -6.81
C TRP A 47 0.00 -4.56 -5.79
N TYR A 48 0.15 -3.24 -5.86
CA TYR A 48 1.03 -2.52 -4.95
C TYR A 48 0.30 -1.36 -4.30
N CYS A 49 0.17 -1.40 -2.98
CA CYS A 49 -0.52 -0.35 -2.24
C CYS A 49 -0.08 1.03 -2.74
N PRO A 50 -0.95 2.03 -2.52
CA PRO A 50 -0.69 3.42 -2.95
C PRO A 50 0.43 4.07 -2.13
N GLN A 51 0.83 3.41 -1.06
CA GLN A 51 1.89 3.92 -0.20
C GLN A 51 3.27 3.59 -0.78
N CYS A 52 3.35 2.48 -1.50
CA CYS A 52 4.59 2.05 -2.11
C CYS A 52 4.77 2.65 -3.49
N THR A 53 3.79 2.43 -4.36
CA THR A 53 3.83 2.96 -5.72
C THR A 53 4.25 4.42 -5.73
N ALA A 54 3.80 5.17 -4.72
CA ALA A 54 4.13 6.59 -4.61
C ALA A 54 5.62 6.78 -4.35
N ALA A 55 6.19 5.91 -3.54
CA ALA A 55 7.61 5.99 -3.21
C ALA A 55 8.47 5.47 -4.36
N MET A 56 8.04 4.36 -4.95
CA MET A 56 8.77 3.76 -6.06
C MET A 56 8.76 4.68 -7.29
N LYS A 57 7.61 5.31 -7.53
CA LYS A 57 7.48 6.21 -8.66
C LYS A 57 8.53 7.31 -8.62
N ARG A 58 8.73 7.89 -7.44
CA ARG A 58 9.71 8.95 -7.27
C ARG A 58 11.04 8.57 -7.92
N ARG A 59 11.50 7.35 -7.67
CA ARG A 59 12.75 6.86 -8.22
C ARG A 59 12.63 6.63 -9.72
N GLY A 60 11.43 6.24 -10.16
CA GLY A 60 11.21 5.99 -11.57
C GLY A 60 10.46 4.69 -11.81
N SER A 61 9.38 4.76 -12.57
CA SER A 61 8.58 3.58 -12.88
C SER A 61 8.31 3.48 -14.38
N ARG A 62 9.09 2.63 -15.05
CA ARG A 62 8.94 2.45 -16.49
C ARG A 62 7.58 1.84 -16.82
N HIS A 63 6.71 2.63 -17.44
CA HIS A 63 5.38 2.18 -17.80
C HIS A 63 4.77 3.09 -18.87
N LYS A 64 4.39 2.49 -20.00
CA LYS A 64 3.80 3.24 -21.10
C LYS A 64 2.59 4.04 -20.62
N SER A 65 2.57 5.33 -20.95
CA SER A 65 1.48 6.20 -20.55
C SER A 65 1.46 7.47 -21.39
N GLY A 66 0.28 7.86 -21.85
CA GLY A 66 0.16 9.07 -22.66
C GLY A 66 0.15 10.33 -21.82
N PRO A 67 1.07 11.25 -22.13
CA PRO A 67 1.19 12.53 -21.41
C PRO A 67 0.01 13.46 -21.69
N SER A 68 -0.02 14.58 -20.97
CA SER A 68 -1.09 15.56 -21.14
C SER A 68 -1.30 15.89 -22.62
N SER A 69 -2.55 15.83 -23.06
CA SER A 69 -2.88 16.13 -24.46
C SER A 69 -2.26 17.45 -24.89
N GLY A 70 -1.78 17.49 -26.13
CA GLY A 70 -1.16 18.70 -26.65
C GLY A 70 -2.00 19.35 -27.73
N GLY A 1 -11.64 8.28 25.27
CA GLY A 1 -11.02 6.98 25.08
C GLY A 1 -11.36 6.37 23.74
N SER A 2 -10.49 6.60 22.75
CA SER A 2 -10.72 6.07 21.40
C SER A 2 -10.83 4.55 21.43
N SER A 3 -11.33 3.98 20.34
CA SER A 3 -11.49 2.54 20.24
C SER A 3 -10.74 1.99 19.03
N GLY A 4 -9.53 2.49 18.83
CA GLY A 4 -8.72 2.04 17.70
C GLY A 4 -7.26 1.85 18.08
N SER A 5 -7.02 0.97 19.06
CA SER A 5 -5.66 0.71 19.51
C SER A 5 -4.78 0.23 18.36
N SER A 6 -5.25 -0.79 17.65
CA SER A 6 -4.50 -1.33 16.52
C SER A 6 -4.75 -0.52 15.26
N GLY A 7 -3.97 -0.78 14.22
CA GLY A 7 -4.11 -0.08 12.97
C GLY A 7 -3.16 -0.57 11.90
N TYR A 8 -3.73 -1.06 10.80
CA TYR A 8 -2.92 -1.57 9.70
C TYR A 8 -3.17 -0.77 8.42
N CYS A 9 -4.32 -1.01 7.80
CA CYS A 9 -4.68 -0.31 6.56
C CYS A 9 -4.31 1.17 6.65
N ILE A 10 -4.26 1.82 5.49
CA ILE A 10 -3.94 3.24 5.44
C ILE A 10 -4.85 4.06 6.34
N CYS A 11 -6.05 3.54 6.58
CA CYS A 11 -7.02 4.23 7.42
C CYS A 11 -6.73 3.97 8.90
N ASN A 12 -5.57 3.39 9.17
CA ASN A 12 -5.17 3.09 10.54
C ASN A 12 -6.28 2.34 11.28
N GLN A 13 -6.78 1.27 10.67
CA GLN A 13 -7.85 0.48 11.27
C GLN A 13 -7.44 -1.00 11.34
N VAL A 14 -8.13 -1.75 12.19
CA VAL A 14 -7.85 -3.17 12.35
C VAL A 14 -7.96 -3.91 11.01
N SER A 15 -7.40 -5.11 10.96
CA SER A 15 -7.43 -5.91 9.74
C SER A 15 -8.69 -6.77 9.69
N TYR A 16 -9.74 -6.23 9.11
CA TYR A 16 -11.01 -6.94 9.00
C TYR A 16 -11.45 -7.06 7.54
N GLY A 17 -12.55 -7.77 7.31
CA GLY A 17 -13.05 -7.94 5.96
C GLY A 17 -11.98 -8.41 5.00
N GLU A 18 -12.34 -8.52 3.72
CA GLU A 18 -11.39 -8.95 2.69
C GLU A 18 -10.25 -7.95 2.55
N MET A 19 -9.05 -8.40 2.88
CA MET A 19 -7.86 -7.54 2.79
C MET A 19 -6.88 -8.10 1.76
N VAL A 20 -6.14 -7.20 1.12
CA VAL A 20 -5.15 -7.59 0.11
C VAL A 20 -3.74 -7.21 0.55
N GLY A 21 -2.94 -8.22 0.90
CA GLY A 21 -1.58 -7.97 1.34
C GLY A 21 -0.71 -7.44 0.21
N CYS A 22 -0.14 -6.25 0.41
CA CYS A 22 0.72 -5.64 -0.60
C CYS A 22 1.73 -6.65 -1.13
N ASP A 23 1.93 -6.64 -2.45
CA ASP A 23 2.86 -7.55 -3.09
C ASP A 23 4.27 -7.36 -2.53
N ASN A 24 4.56 -6.14 -2.10
CA ASN A 24 5.88 -5.82 -1.55
C ASN A 24 5.97 -6.24 -0.08
N GLN A 25 6.86 -7.19 0.20
CA GLN A 25 7.05 -7.67 1.57
C GLN A 25 7.72 -6.63 2.43
N ASP A 26 8.23 -5.57 1.80
CA ASP A 26 8.90 -4.49 2.51
C ASP A 26 7.90 -3.43 2.96
N CYS A 27 6.63 -3.67 2.67
CA CYS A 27 5.57 -2.74 3.03
C CYS A 27 5.39 -2.68 4.54
N PRO A 28 5.27 -1.46 5.08
CA PRO A 28 5.08 -1.24 6.52
C PRO A 28 3.72 -1.70 7.01
N ILE A 29 2.82 -1.97 6.07
CA ILE A 29 1.47 -2.42 6.40
C ILE A 29 1.23 -3.84 5.90
N GLU A 30 1.43 -4.04 4.61
CA GLU A 30 1.23 -5.35 4.00
C GLU A 30 -0.23 -5.79 4.11
N TRP A 31 -1.12 -4.81 4.22
CA TRP A 31 -2.55 -5.09 4.33
C TRP A 31 -3.37 -3.84 4.05
N PHE A 32 -4.30 -3.94 3.10
CA PHE A 32 -5.15 -2.82 2.74
C PHE A 32 -6.56 -3.30 2.41
N HIS A 33 -7.56 -2.53 2.84
CA HIS A 33 -8.95 -2.87 2.60
C HIS A 33 -9.29 -2.72 1.12
N TYR A 34 -10.25 -3.51 0.65
CA TYR A 34 -10.66 -3.46 -0.75
C TYR A 34 -11.38 -2.15 -1.06
N GLY A 35 -12.14 -1.65 -0.09
CA GLY A 35 -12.86 -0.40 -0.28
C GLY A 35 -11.96 0.81 -0.17
N CYS A 36 -10.87 0.66 0.58
CA CYS A 36 -9.93 1.76 0.77
C CYS A 36 -9.04 1.94 -0.46
N VAL A 37 -8.64 0.83 -1.07
CA VAL A 37 -7.80 0.86 -2.24
C VAL A 37 -8.63 0.79 -3.52
N GLY A 38 -9.86 0.30 -3.39
CA GLY A 38 -10.75 0.19 -4.53
C GLY A 38 -10.52 -1.09 -5.32
N LEU A 39 -10.93 -2.21 -4.76
CA LEU A 39 -10.75 -3.51 -5.41
C LEU A 39 -12.04 -4.32 -5.35
N THR A 40 -12.96 -4.03 -6.26
CA THR A 40 -14.23 -4.74 -6.31
C THR A 40 -14.04 -6.24 -6.11
N GLU A 41 -12.88 -6.74 -6.52
CA GLU A 41 -12.57 -8.16 -6.38
C GLU A 41 -11.06 -8.38 -6.36
N ALA A 42 -10.66 -9.65 -6.23
CA ALA A 42 -9.24 -10.00 -6.18
C ALA A 42 -8.53 -9.58 -7.46
N PRO A 43 -7.35 -8.95 -7.32
CA PRO A 43 -6.54 -8.49 -8.45
C PRO A 43 -5.95 -9.64 -9.25
N LYS A 44 -6.58 -9.97 -10.37
CA LYS A 44 -6.10 -11.06 -11.22
C LYS A 44 -4.58 -11.14 -11.21
N GLY A 45 -3.94 -10.07 -11.66
CA GLY A 45 -2.49 -10.03 -11.69
C GLY A 45 -1.89 -9.60 -10.36
N LYS A 46 -0.80 -8.84 -10.43
CA LYS A 46 -0.13 -8.35 -9.23
C LYS A 46 -0.71 -7.00 -8.80
N TRP A 47 -0.86 -6.82 -7.49
CA TRP A 47 -1.40 -5.58 -6.95
C TRP A 47 -0.40 -4.94 -5.98
N TYR A 48 -0.20 -3.64 -6.12
CA TYR A 48 0.72 -2.91 -5.27
C TYR A 48 0.04 -1.71 -4.63
N CYS A 49 -0.03 -1.72 -3.30
CA CYS A 49 -0.67 -0.63 -2.55
C CYS A 49 -0.28 0.73 -3.14
N PRO A 50 -1.13 1.73 -2.90
CA PRO A 50 -0.89 3.10 -3.39
C PRO A 50 0.27 3.78 -2.67
N GLN A 51 0.74 3.16 -1.60
CA GLN A 51 1.84 3.71 -0.83
C GLN A 51 3.19 3.34 -1.46
N CYS A 52 3.22 2.21 -2.15
CA CYS A 52 4.43 1.75 -2.80
C CYS A 52 4.54 2.30 -4.21
N THR A 53 3.53 2.05 -5.03
CA THR A 53 3.51 2.53 -6.41
C THR A 53 3.90 4.00 -6.49
N ALA A 54 3.60 4.74 -5.41
CA ALA A 54 3.93 6.16 -5.36
C ALA A 54 5.40 6.37 -5.03
N ALA A 55 5.93 5.55 -4.13
CA ALA A 55 7.33 5.65 -3.72
C ALA A 55 8.25 5.16 -4.83
N MET A 56 7.95 3.99 -5.38
CA MET A 56 8.75 3.41 -6.45
C MET A 56 8.86 4.36 -7.63
N LYS A 57 7.75 5.04 -7.93
CA LYS A 57 7.72 5.98 -9.04
C LYS A 57 8.66 7.16 -8.79
N ARG A 58 8.54 7.76 -7.62
CA ARG A 58 9.38 8.89 -7.24
C ARG A 58 10.85 8.59 -7.52
N ARG A 59 11.30 7.43 -7.09
CA ARG A 59 12.69 7.02 -7.28
C ARG A 59 13.05 7.00 -8.77
N GLY A 60 12.05 6.67 -9.60
CA GLY A 60 12.28 6.62 -11.03
C GLY A 60 12.95 7.87 -11.56
N SER A 61 14.27 7.83 -11.68
CA SER A 61 15.04 8.98 -12.17
C SER A 61 14.90 10.16 -11.23
N ARG A 62 14.70 9.87 -9.95
CA ARG A 62 14.56 10.92 -8.94
C ARG A 62 15.61 12.01 -9.13
N HIS A 63 15.35 13.18 -8.56
CA HIS A 63 16.27 14.30 -8.66
C HIS A 63 16.28 15.12 -7.37
N LYS A 64 17.35 15.87 -7.16
CA LYS A 64 17.49 16.70 -5.96
C LYS A 64 17.03 18.12 -6.24
N SER A 65 16.22 18.67 -5.35
CA SER A 65 15.71 20.03 -5.49
C SER A 65 15.84 20.80 -4.19
N GLY A 66 15.95 22.12 -4.30
CA GLY A 66 16.09 22.95 -3.12
C GLY A 66 15.29 22.43 -1.94
N PRO A 67 15.86 22.56 -0.74
CA PRO A 67 15.22 22.10 0.50
C PRO A 67 14.01 22.95 0.87
N SER A 68 13.24 22.47 1.84
CA SER A 68 12.04 23.18 2.29
C SER A 68 12.23 23.73 3.71
N SER A 69 11.67 24.91 3.96
CA SER A 69 11.78 25.53 5.27
C SER A 69 10.87 24.85 6.29
N GLY A 70 11.47 24.21 7.28
CA GLY A 70 10.70 23.52 8.30
C GLY A 70 9.74 24.45 9.02
N GLY A 1 -4.48 3.03 30.75
CA GLY A 1 -3.11 2.62 31.03
C GLY A 1 -2.27 2.52 29.78
N SER A 2 -2.17 1.32 29.23
CA SER A 2 -1.38 1.09 28.02
C SER A 2 -1.98 1.82 26.83
N SER A 3 -1.14 2.35 25.96
CA SER A 3 -1.58 3.08 24.78
C SER A 3 -1.15 2.37 23.50
N GLY A 4 -2.08 2.21 22.57
CA GLY A 4 -1.77 1.54 21.32
C GLY A 4 -3.00 0.90 20.68
N SER A 5 -3.54 1.57 19.67
CA SER A 5 -4.73 1.07 18.98
C SER A 5 -4.33 0.23 17.77
N SER A 6 -5.14 -0.77 17.47
CA SER A 6 -4.87 -1.66 16.33
C SER A 6 -5.31 -1.00 15.02
N GLY A 7 -4.45 -1.09 14.01
CA GLY A 7 -4.76 -0.50 12.72
C GLY A 7 -3.70 -0.83 11.68
N TYR A 8 -4.11 -1.60 10.67
CA TYR A 8 -3.19 -1.99 9.60
C TYR A 8 -3.40 -1.12 8.36
N CYS A 9 -4.55 -1.29 7.72
CA CYS A 9 -4.88 -0.52 6.52
C CYS A 9 -4.52 0.96 6.71
N ILE A 10 -4.43 1.68 5.60
CA ILE A 10 -4.11 3.10 5.64
C ILE A 10 -5.04 3.85 6.57
N CYS A 11 -6.26 3.34 6.72
CA CYS A 11 -7.25 3.97 7.59
C CYS A 11 -7.01 3.59 9.05
N ASN A 12 -5.85 2.99 9.31
CA ASN A 12 -5.50 2.58 10.68
C ASN A 12 -6.66 1.84 11.34
N GLN A 13 -7.15 0.80 10.68
CA GLN A 13 -8.26 0.01 11.20
C GLN A 13 -7.91 -1.48 11.21
N VAL A 14 -8.55 -2.22 12.10
CA VAL A 14 -8.31 -3.65 12.21
C VAL A 14 -8.55 -4.36 10.88
N SER A 15 -7.91 -5.50 10.70
CA SER A 15 -8.05 -6.27 9.47
C SER A 15 -9.34 -7.07 9.47
N TYR A 16 -10.23 -6.75 8.53
CA TYR A 16 -11.51 -7.44 8.42
C TYR A 16 -11.84 -7.74 6.96
N GLY A 17 -12.97 -8.42 6.75
CA GLY A 17 -13.39 -8.75 5.40
C GLY A 17 -12.25 -9.27 4.55
N GLU A 18 -12.16 -8.80 3.32
CA GLU A 18 -11.10 -9.22 2.41
C GLU A 18 -10.02 -8.16 2.29
N MET A 19 -8.81 -8.51 2.73
CA MET A 19 -7.68 -7.59 2.68
C MET A 19 -6.65 -8.04 1.66
N VAL A 20 -6.02 -7.09 0.99
CA VAL A 20 -5.01 -7.39 -0.02
C VAL A 20 -3.62 -7.02 0.48
N GLY A 21 -2.81 -8.04 0.77
CA GLY A 21 -1.46 -7.81 1.25
C GLY A 21 -0.54 -7.28 0.16
N CYS A 22 0.25 -6.26 0.50
CA CYS A 22 1.17 -5.67 -0.45
C CYS A 22 2.26 -6.66 -0.85
N ASP A 23 2.43 -6.87 -2.15
CA ASP A 23 3.43 -7.79 -2.66
C ASP A 23 4.80 -7.54 -2.01
N ASN A 24 5.07 -6.27 -1.72
CA ASN A 24 6.33 -5.89 -1.10
C ASN A 24 6.32 -6.22 0.39
N GLN A 25 6.97 -7.32 0.75
CA GLN A 25 7.03 -7.75 2.14
C GLN A 25 7.62 -6.65 3.02
N ASP A 26 8.40 -5.77 2.41
CA ASP A 26 9.02 -4.67 3.15
C ASP A 26 7.97 -3.66 3.61
N CYS A 27 6.83 -3.65 2.92
CA CYS A 27 5.75 -2.74 3.27
C CYS A 27 5.45 -2.78 4.76
N PRO A 28 5.31 -1.59 5.37
CA PRO A 28 5.02 -1.46 6.80
C PRO A 28 3.62 -1.91 7.15
N ILE A 29 2.75 -1.97 6.15
CA ILE A 29 1.36 -2.39 6.36
C ILE A 29 1.11 -3.75 5.73
N GLU A 30 1.48 -3.89 4.46
CA GLU A 30 1.29 -5.15 3.74
C GLU A 30 -0.13 -5.68 3.94
N TRP A 31 -1.07 -4.77 4.13
CA TRP A 31 -2.47 -5.15 4.34
C TRP A 31 -3.38 -3.93 4.19
N PHE A 32 -4.17 -3.93 3.12
CA PHE A 32 -5.10 -2.83 2.85
C PHE A 32 -6.49 -3.36 2.52
N HIS A 33 -7.49 -2.50 2.67
CA HIS A 33 -8.86 -2.88 2.38
C HIS A 33 -9.18 -2.72 0.90
N TYR A 34 -10.11 -3.52 0.39
CA TYR A 34 -10.50 -3.47 -1.01
C TYR A 34 -11.23 -2.16 -1.32
N GLY A 35 -11.96 -1.65 -0.34
CA GLY A 35 -12.70 -0.41 -0.53
C GLY A 35 -11.82 0.81 -0.36
N CYS A 36 -10.80 0.70 0.47
CA CYS A 36 -9.88 1.81 0.73
C CYS A 36 -8.95 2.01 -0.46
N VAL A 37 -8.58 0.91 -1.13
CA VAL A 37 -7.69 0.96 -2.28
C VAL A 37 -8.48 0.97 -3.58
N GLY A 38 -9.69 0.41 -3.54
CA GLY A 38 -10.51 0.36 -4.73
C GLY A 38 -10.32 -0.91 -5.53
N LEU A 39 -10.87 -2.01 -5.03
CA LEU A 39 -10.76 -3.30 -5.70
C LEU A 39 -12.07 -4.08 -5.61
N THR A 40 -12.73 -4.24 -6.76
CA THR A 40 -14.00 -4.96 -6.81
C THR A 40 -13.79 -6.45 -6.58
N GLU A 41 -12.64 -6.96 -7.03
CA GLU A 41 -12.32 -8.37 -6.88
C GLU A 41 -10.80 -8.58 -6.81
N ALA A 42 -10.40 -9.72 -6.26
CA ALA A 42 -8.98 -10.05 -6.15
C ALA A 42 -8.24 -9.74 -7.44
N PRO A 43 -7.15 -8.95 -7.32
CA PRO A 43 -6.32 -8.57 -8.47
C PRO A 43 -5.54 -9.75 -9.04
N LYS A 44 -6.03 -10.31 -10.14
CA LYS A 44 -5.37 -11.44 -10.78
C LYS A 44 -3.86 -11.23 -10.84
N GLY A 45 -3.45 -10.13 -11.45
CA GLY A 45 -2.03 -9.82 -11.57
C GLY A 45 -1.43 -9.38 -10.26
N LYS A 46 -0.32 -8.65 -10.33
CA LYS A 46 0.36 -8.15 -9.14
C LYS A 46 -0.24 -6.84 -8.67
N TRP A 47 -0.43 -6.70 -7.36
CA TRP A 47 -0.99 -5.49 -6.79
C TRP A 47 -0.03 -4.86 -5.78
N TYR A 48 0.08 -3.54 -5.83
CA TYR A 48 0.96 -2.82 -4.92
C TYR A 48 0.24 -1.65 -4.26
N CYS A 49 0.16 -1.67 -2.94
CA CYS A 49 -0.51 -0.61 -2.18
C CYS A 49 -0.14 0.75 -2.73
N PRO A 50 -1.03 1.75 -2.51
CA PRO A 50 -0.81 3.12 -2.97
C PRO A 50 0.32 3.82 -2.22
N GLN A 51 0.78 3.20 -1.14
CA GLN A 51 1.86 3.76 -0.34
C GLN A 51 3.21 3.45 -0.95
N CYS A 52 3.29 2.33 -1.66
CA CYS A 52 4.54 1.92 -2.30
C CYS A 52 4.64 2.49 -3.71
N THR A 53 3.63 2.21 -4.52
CA THR A 53 3.60 2.70 -5.90
C THR A 53 3.97 4.17 -5.97
N ALA A 54 3.65 4.92 -4.92
CA ALA A 54 3.94 6.34 -4.85
C ALA A 54 5.44 6.58 -4.64
N ALA A 55 6.04 5.77 -3.78
CA ALA A 55 7.46 5.89 -3.48
C ALA A 55 8.31 5.36 -4.63
N MET A 56 7.90 4.22 -5.17
CA MET A 56 8.63 3.60 -6.28
C MET A 56 8.61 4.51 -7.51
N LYS A 57 7.47 5.13 -7.76
CA LYS A 57 7.32 6.03 -8.90
C LYS A 57 8.36 7.14 -8.86
N ARG A 58 8.45 7.82 -7.72
CA ARG A 58 9.40 8.90 -7.55
C ARG A 58 10.83 8.43 -7.82
N ARG A 59 11.18 7.28 -7.25
CA ARG A 59 12.52 6.71 -7.44
C ARG A 59 12.80 6.45 -8.91
N GLY A 60 11.75 6.11 -9.66
CA GLY A 60 11.92 5.84 -11.07
C GLY A 60 11.98 7.10 -11.91
N SER A 61 12.63 8.12 -11.37
CA SER A 61 12.75 9.40 -12.08
C SER A 61 14.22 9.74 -12.33
N ARG A 62 14.46 10.61 -13.31
CA ARG A 62 15.81 11.03 -13.65
C ARG A 62 16.54 11.58 -12.43
N HIS A 63 17.87 11.55 -12.47
CA HIS A 63 18.67 12.05 -11.37
C HIS A 63 19.67 13.10 -11.87
N LYS A 64 19.67 14.26 -11.23
CA LYS A 64 20.57 15.34 -11.59
C LYS A 64 20.14 15.99 -12.91
N SER A 65 18.83 16.15 -13.09
CA SER A 65 18.30 16.75 -14.30
C SER A 65 18.73 18.20 -14.43
N GLY A 66 19.87 18.41 -15.08
CA GLY A 66 20.38 19.76 -15.26
C GLY A 66 21.60 19.80 -16.18
N PRO A 67 22.49 20.76 -15.94
CA PRO A 67 23.71 20.93 -16.75
C PRO A 67 24.72 19.81 -16.51
N SER A 68 24.63 18.76 -17.32
CA SER A 68 25.53 17.62 -17.20
C SER A 68 26.34 17.44 -18.47
N SER A 69 27.53 18.03 -18.49
CA SER A 69 28.41 17.93 -19.65
C SER A 69 29.27 16.67 -19.59
N GLY A 70 29.91 16.46 -18.44
CA GLY A 70 30.75 15.29 -18.27
C GLY A 70 30.05 14.01 -18.66
N GLY A 1 -2.23 -3.19 32.06
CA GLY A 1 -3.33 -3.06 31.13
C GLY A 1 -2.85 -2.84 29.70
N SER A 2 -3.72 -3.16 28.74
CA SER A 2 -3.39 -3.01 27.33
C SER A 2 -4.36 -2.05 26.64
N SER A 3 -4.00 -0.77 26.60
CA SER A 3 -4.84 0.24 25.97
C SER A 3 -4.21 0.75 24.68
N GLY A 4 -5.04 1.25 23.78
CA GLY A 4 -4.54 1.77 22.52
C GLY A 4 -5.13 1.04 21.33
N SER A 5 -5.92 1.76 20.53
CA SER A 5 -6.54 1.17 19.35
C SER A 5 -5.50 0.77 18.31
N SER A 6 -5.88 -0.11 17.39
CA SER A 6 -4.98 -0.57 16.35
C SER A 6 -5.21 0.18 15.05
N GLY A 7 -4.35 -0.07 14.06
CA GLY A 7 -4.48 0.58 12.77
C GLY A 7 -3.47 0.09 11.76
N TYR A 8 -3.94 -0.71 10.81
CA TYR A 8 -3.08 -1.27 9.77
C TYR A 8 -3.27 -0.52 8.45
N CYS A 9 -4.41 -0.76 7.81
CA CYS A 9 -4.72 -0.12 6.54
C CYS A 9 -4.34 1.36 6.57
N ILE A 10 -4.23 1.95 5.38
CA ILE A 10 -3.88 3.37 5.27
C ILE A 10 -4.81 4.24 6.11
N CYS A 11 -6.01 3.72 6.38
CA CYS A 11 -6.99 4.45 7.16
C CYS A 11 -6.77 4.23 8.66
N ASN A 12 -5.62 3.64 9.00
CA ASN A 12 -5.29 3.38 10.39
C ASN A 12 -6.46 2.69 11.11
N GLN A 13 -6.96 1.62 10.51
CA GLN A 13 -8.08 0.87 11.08
C GLN A 13 -7.72 -0.60 11.24
N VAL A 14 -8.46 -1.30 12.11
CA VAL A 14 -8.22 -2.71 12.35
C VAL A 14 -8.31 -3.51 11.05
N SER A 15 -7.65 -4.66 11.02
CA SER A 15 -7.64 -5.51 9.84
C SER A 15 -8.91 -6.36 9.77
N TYR A 16 -9.92 -5.84 9.08
CA TYR A 16 -11.19 -6.55 8.94
C TYR A 16 -11.59 -6.64 7.47
N GLY A 17 -12.69 -7.36 7.22
CA GLY A 17 -13.16 -7.52 5.86
C GLY A 17 -12.08 -8.02 4.92
N GLU A 18 -12.42 -8.12 3.63
CA GLU A 18 -11.47 -8.57 2.63
C GLU A 18 -10.28 -7.62 2.53
N MET A 19 -9.10 -8.12 2.91
CA MET A 19 -7.88 -7.32 2.86
C MET A 19 -6.88 -7.90 1.87
N VAL A 20 -6.19 -7.02 1.16
CA VAL A 20 -5.20 -7.45 0.17
C VAL A 20 -3.78 -7.15 0.65
N GLY A 21 -3.07 -8.20 1.05
CA GLY A 21 -1.71 -8.03 1.53
C GLY A 21 -0.77 -7.53 0.44
N CYS A 22 -0.15 -6.38 0.68
CA CYS A 22 0.79 -5.80 -0.28
C CYS A 22 1.86 -6.80 -0.68
N ASP A 23 1.92 -7.11 -1.97
CA ASP A 23 2.90 -8.06 -2.48
C ASP A 23 4.26 -7.82 -1.85
N ASN A 24 4.59 -6.56 -1.61
CA ASN A 24 5.87 -6.19 -1.01
C ASN A 24 5.83 -6.41 0.51
N GLN A 25 6.45 -7.50 0.96
CA GLN A 25 6.50 -7.82 2.37
C GLN A 25 7.14 -6.68 3.17
N ASP A 26 8.02 -5.94 2.52
CA ASP A 26 8.70 -4.83 3.16
C ASP A 26 7.71 -3.75 3.59
N CYS A 27 6.51 -3.81 3.03
CA CYS A 27 5.46 -2.85 3.36
C CYS A 27 5.24 -2.79 4.87
N PRO A 28 5.15 -1.55 5.40
CA PRO A 28 4.93 -1.33 6.83
C PRO A 28 3.53 -1.73 7.27
N ILE A 29 2.64 -1.96 6.31
CA ILE A 29 1.27 -2.35 6.60
C ILE A 29 0.99 -3.76 6.12
N GLU A 30 1.33 -4.04 4.86
CA GLU A 30 1.12 -5.36 4.29
C GLU A 30 -0.35 -5.76 4.38
N TRP A 31 -1.22 -4.77 4.44
CA TRP A 31 -2.66 -5.02 4.54
C TRP A 31 -3.45 -3.76 4.20
N PHE A 32 -4.36 -3.87 3.23
CA PHE A 32 -5.17 -2.73 2.82
C PHE A 32 -6.57 -3.20 2.41
N HIS A 33 -7.57 -2.42 2.77
CA HIS A 33 -8.96 -2.75 2.45
C HIS A 33 -9.21 -2.62 0.95
N TYR A 34 -10.12 -3.43 0.43
CA TYR A 34 -10.44 -3.41 -0.99
C TYR A 34 -11.12 -2.10 -1.38
N GLY A 35 -11.88 -1.53 -0.45
CA GLY A 35 -12.56 -0.29 -0.71
C GLY A 35 -11.65 0.92 -0.56
N CYS A 36 -10.62 0.78 0.26
CA CYS A 36 -9.67 1.86 0.50
C CYS A 36 -8.71 2.01 -0.68
N VAL A 37 -8.34 0.88 -1.28
CA VAL A 37 -7.44 0.88 -2.42
C VAL A 37 -8.21 0.82 -3.74
N GLY A 38 -9.41 0.24 -3.69
CA GLY A 38 -10.22 0.13 -4.88
C GLY A 38 -10.02 -1.19 -5.60
N LEU A 39 -10.59 -2.26 -5.04
CA LEU A 39 -10.46 -3.59 -5.64
C LEU A 39 -11.78 -4.34 -5.56
N THR A 40 -12.39 -4.57 -6.72
CA THR A 40 -13.66 -5.29 -6.77
C THR A 40 -13.47 -6.78 -6.51
N GLU A 41 -12.36 -7.33 -6.99
CA GLU A 41 -12.06 -8.74 -6.80
C GLU A 41 -10.56 -8.98 -6.77
N ALA A 42 -10.15 -10.10 -6.18
CA ALA A 42 -8.74 -10.45 -6.08
C ALA A 42 -8.01 -10.16 -7.39
N PRO A 43 -6.91 -9.42 -7.31
CA PRO A 43 -6.10 -9.06 -8.49
C PRO A 43 -5.37 -10.27 -9.06
N LYS A 44 -5.69 -10.62 -10.30
CA LYS A 44 -5.06 -11.75 -10.96
C LYS A 44 -3.55 -11.59 -11.00
N GLY A 45 -3.09 -10.45 -11.51
CA GLY A 45 -1.66 -10.19 -11.59
C GLY A 45 -1.08 -9.79 -10.25
N LYS A 46 -0.09 -8.90 -10.28
CA LYS A 46 0.56 -8.44 -9.06
C LYS A 46 0.00 -7.09 -8.62
N TRP A 47 -0.42 -6.99 -7.37
CA TRP A 47 -0.98 -5.77 -6.83
C TRP A 47 -0.01 -5.12 -5.85
N TYR A 48 0.06 -3.79 -5.87
CA TYR A 48 0.95 -3.06 -4.98
C TYR A 48 0.23 -1.86 -4.37
N CYS A 49 0.08 -1.87 -3.05
CA CYS A 49 -0.60 -0.79 -2.34
C CYS A 49 -0.18 0.56 -2.92
N PRO A 50 -1.05 1.58 -2.73
CA PRO A 50 -0.81 2.93 -3.22
C PRO A 50 0.31 3.63 -2.45
N GLN A 51 0.78 3.00 -1.38
CA GLN A 51 1.84 3.56 -0.56
C GLN A 51 3.21 3.19 -1.13
N CYS A 52 3.29 2.02 -1.76
CA CYS A 52 4.53 1.55 -2.35
C CYS A 52 4.70 2.08 -3.77
N THR A 53 3.80 1.70 -4.65
CA THR A 53 3.84 2.14 -6.04
C THR A 53 4.20 3.62 -6.14
N ALA A 54 3.72 4.40 -5.18
CA ALA A 54 3.99 5.83 -5.16
C ALA A 54 5.44 6.11 -4.74
N ALA A 55 5.91 5.38 -3.74
CA ALA A 55 7.27 5.55 -3.25
C ALA A 55 8.29 5.06 -4.28
N MET A 56 8.07 3.86 -4.79
CA MET A 56 8.97 3.27 -5.79
C MET A 56 9.03 4.15 -7.03
N LYS A 57 7.89 4.69 -7.43
CA LYS A 57 7.81 5.55 -8.61
C LYS A 57 8.64 6.82 -8.41
N ARG A 58 8.52 7.42 -7.23
CA ARG A 58 9.26 8.64 -6.92
C ARG A 58 10.70 8.55 -7.42
N ARG A 59 11.19 7.32 -7.59
CA ARG A 59 12.54 7.09 -8.06
C ARG A 59 12.59 7.04 -9.58
N GLY A 60 11.61 7.68 -10.23
CA GLY A 60 11.56 7.68 -11.67
C GLY A 60 10.17 7.95 -12.20
N SER A 61 9.52 8.98 -11.66
CA SER A 61 8.17 9.34 -12.08
C SER A 61 8.11 10.78 -12.54
N ARG A 62 8.50 11.02 -13.79
CA ARG A 62 8.48 12.37 -14.35
C ARG A 62 8.84 12.35 -15.84
N HIS A 63 8.23 13.25 -16.59
CA HIS A 63 8.46 13.33 -18.03
C HIS A 63 9.68 14.20 -18.33
N LYS A 64 10.87 13.61 -18.21
CA LYS A 64 12.11 14.33 -18.47
C LYS A 64 11.93 15.35 -19.60
N SER A 65 12.51 16.53 -19.43
CA SER A 65 12.40 17.58 -20.44
C SER A 65 13.54 18.59 -20.29
N GLY A 66 13.62 19.52 -21.23
CA GLY A 66 14.66 20.54 -21.18
C GLY A 66 14.16 21.90 -21.60
N PRO A 67 14.16 22.15 -22.92
CA PRO A 67 13.70 23.43 -23.48
C PRO A 67 12.20 23.63 -23.33
N SER A 68 11.74 24.86 -23.55
CA SER A 68 10.32 25.17 -23.44
C SER A 68 9.81 25.81 -24.73
N SER A 69 8.98 25.07 -25.45
CA SER A 69 8.41 25.55 -26.71
C SER A 69 8.02 27.02 -26.60
N GLY A 70 8.33 27.79 -27.64
CA GLY A 70 8.01 29.20 -27.63
C GLY A 70 9.01 30.02 -28.42
#